data_7NNC
#
_entry.id   7NNC
#
_cell.length_a   65.461
_cell.length_b   184.944
_cell.length_c   71.578
_cell.angle_alpha   90.000
_cell.angle_beta   106.060
_cell.angle_gamma   90.000
#
_symmetry.space_group_name_H-M   'P 1 21 1'
#
loop_
_entity.id
_entity.type
_entity.pdbx_description
1 polymer 'Acetylornithine aminotransferase'
2 non-polymer 'NITRATE ION'
3 non-polymer '6-methoxyquinoline-3-carboxylic acid'
4 water water
#
_entity_poly.entity_id   1
_entity_poly.type   'polypeptide(L)'
_entity_poly.pdbx_seq_one_letter_code
;GSMTGASTTTATMRQRWQAVMMNNYGTPPIALASGDGAVVTDVDGRTYIDLLGGIAVNVLGHRHPAVIEAVTRQMSTLGH
TSNLYATEPGIALAEELVALLGADQRTRVFFCNSGAEANEAAFKLSRLTGRTKLVAAHDAFHGRTMGSLALTGQPAKQTP
FAPLPGDVTHVGYGDVDALAAAVDDHTAAVFLEPIMGESGVVVPPAGYLAAARDITARRGALLVLDEVQTGMGRTGAFFA
HQHDGITPDVVTLA(LLP)GLGGGLPIGACLAVGPAAELLTPGLHGSTFGGNPVCAAAALAVLRVLASDGLVRRAEVLGK
SLRHGIEALGHPLIDHVRGRGLLLGIALTAPHAKDAEATARDAGYLVNAAAPDVIRLAPPLIIAEAQLDGFVAALPAILD
RAVGAP
;
_entity_poly.pdbx_strand_id   A,B,C,D
#
# COMPACT_ATOMS: atom_id res chain seq x y z
N THR A 9 -8.15 -49.03 -21.24
CA THR A 9 -9.46 -48.81 -21.90
C THR A 9 -9.95 -47.38 -21.70
N THR A 10 -10.76 -46.93 -22.65
CA THR A 10 -11.28 -45.54 -22.61
C THR A 10 -12.16 -45.36 -21.37
N ALA A 11 -13.01 -46.34 -21.08
CA ALA A 11 -13.89 -46.21 -19.90
C ALA A 11 -13.07 -46.12 -18.60
N THR A 12 -12.00 -46.89 -18.48
CA THR A 12 -11.24 -46.85 -17.21
C THR A 12 -10.60 -45.47 -17.04
N MET A 13 -10.00 -44.96 -18.11
CA MET A 13 -9.36 -43.63 -18.10
C MET A 13 -10.42 -42.56 -17.81
N ARG A 14 -11.56 -42.64 -18.46
CA ARG A 14 -12.64 -41.65 -18.17
C ARG A 14 -13.09 -41.78 -16.72
N GLN A 15 -13.23 -43.00 -16.22
CA GLN A 15 -13.67 -43.17 -14.82
C GLN A 15 -12.60 -42.56 -13.89
N ARG A 16 -11.33 -42.81 -14.16
CA ARG A 16 -10.28 -42.22 -13.33
C ARG A 16 -10.34 -40.70 -13.39
N TRP A 17 -10.56 -40.14 -14.58
CA TRP A 17 -10.72 -38.70 -14.71
C TRP A 17 -11.87 -38.19 -13.82
N GLN A 18 -13.01 -38.88 -13.87
CA GLN A 18 -14.17 -38.40 -13.13
C GLN A 18 -14.01 -38.56 -11.62
N ALA A 19 -13.09 -39.40 -11.17
CA ALA A 19 -12.90 -39.58 -9.73
C ALA A 19 -11.99 -38.52 -9.12
N VAL A 20 -11.18 -37.83 -9.92
CA VAL A 20 -10.15 -36.97 -9.35
C VAL A 20 -10.10 -35.57 -9.97
N MET A 21 -10.57 -35.36 -11.20
CA MET A 21 -10.40 -34.03 -11.78
C MET A 21 -11.58 -33.15 -11.41
N MET A 22 -11.32 -31.84 -11.23
CA MET A 22 -12.45 -30.93 -11.21
C MET A 22 -13.21 -31.01 -12.52
N ASN A 23 -14.50 -30.69 -12.47
CA ASN A 23 -15.38 -30.89 -13.61
C ASN A 23 -15.51 -29.61 -14.46
N ASN A 24 -14.46 -28.79 -14.49
CA ASN A 24 -14.56 -27.53 -15.22
C ASN A 24 -14.47 -27.72 -16.74
N TYR A 25 -14.07 -28.90 -17.20
CA TYR A 25 -14.02 -29.24 -18.63
C TYR A 25 -15.11 -30.23 -19.02
N GLY A 26 -15.88 -30.71 -18.08
CA GLY A 26 -16.65 -31.92 -18.36
C GLY A 26 -15.68 -33.09 -18.43
N THR A 27 -16.19 -34.21 -18.96
CA THR A 27 -15.34 -35.40 -19.06
C THR A 27 -14.94 -35.60 -20.51
N PRO A 28 -13.65 -35.65 -20.85
CA PRO A 28 -13.24 -35.86 -22.25
C PRO A 28 -13.83 -37.14 -22.82
N PRO A 29 -14.26 -37.12 -24.08
CA PRO A 29 -14.83 -38.33 -24.69
C PRO A 29 -13.80 -39.36 -25.11
N ILE A 30 -12.55 -38.98 -25.32
CA ILE A 30 -11.52 -39.94 -25.69
C ILE A 30 -10.27 -39.69 -24.86
N ALA A 31 -9.48 -40.75 -24.72
CA ALA A 31 -8.24 -40.72 -23.96
C ALA A 31 -7.11 -41.01 -24.92
N LEU A 32 -6.16 -40.07 -25.04
CA LEU A 32 -5.05 -40.23 -25.97
C LEU A 32 -3.85 -40.82 -25.27
N ALA A 33 -3.16 -41.70 -25.99
CA ALA A 33 -2.00 -42.44 -25.48
C ALA A 33 -0.70 -42.02 -26.14
N SER A 34 -0.70 -41.73 -27.44
CA SER A 34 0.53 -41.33 -28.10
C SER A 34 0.19 -40.42 -29.27
N GLY A 35 1.21 -39.77 -29.79
CA GLY A 35 1.06 -38.93 -30.97
C GLY A 35 2.37 -38.84 -31.71
N ASP A 36 2.28 -38.66 -33.03
CA ASP A 36 3.47 -38.51 -33.85
C ASP A 36 3.06 -37.70 -35.07
N GLY A 37 3.67 -36.53 -35.22
CA GLY A 37 3.27 -35.65 -36.30
C GLY A 37 1.84 -35.20 -36.08
N ALA A 38 1.01 -35.37 -37.11
CA ALA A 38 -0.38 -34.99 -37.03
C ALA A 38 -1.31 -36.17 -36.76
N VAL A 39 -0.78 -37.29 -36.28
CA VAL A 39 -1.58 -38.48 -35.98
C VAL A 39 -1.50 -38.74 -34.48
N VAL A 40 -2.64 -38.88 -33.83
CA VAL A 40 -2.65 -39.26 -32.43
C VAL A 40 -3.37 -40.61 -32.33
N THR A 41 -3.02 -41.36 -31.29
CA THR A 41 -3.57 -42.70 -31.06
C THR A 41 -4.24 -42.72 -29.69
N ASP A 42 -5.47 -43.22 -29.61
CA ASP A 42 -6.12 -43.30 -28.30
C ASP A 42 -5.72 -44.58 -27.58
N VAL A 43 -6.22 -44.75 -26.35
CA VAL A 43 -5.79 -45.86 -25.51
C VAL A 43 -6.28 -47.20 -26.05
N ASP A 44 -7.26 -47.19 -26.95
CA ASP A 44 -7.74 -48.41 -27.57
C ASP A 44 -7.02 -48.72 -28.88
N GLY A 45 -6.07 -47.88 -29.29
CA GLY A 45 -5.34 -48.10 -30.51
C GLY A 45 -5.88 -47.41 -31.75
N ARG A 46 -7.01 -46.71 -31.64
CA ARG A 46 -7.55 -46.01 -32.80
C ARG A 46 -6.66 -44.82 -33.11
N THR A 47 -6.41 -44.58 -34.39
CA THR A 47 -5.69 -43.38 -34.79
C THR A 47 -6.62 -42.32 -35.37
N TYR A 48 -6.22 -41.06 -35.19
CA TYR A 48 -6.98 -39.91 -35.68
C TYR A 48 -6.03 -38.93 -36.33
N ILE A 49 -6.47 -38.30 -37.41
CA ILE A 49 -5.73 -37.17 -37.95
C ILE A 49 -6.14 -35.93 -37.18
N ASP A 50 -5.13 -35.23 -36.67
CA ASP A 50 -5.35 -34.10 -35.77
C ASP A 50 -5.43 -32.81 -36.58
N LEU A 51 -6.67 -32.33 -36.78
CA LEU A 51 -6.90 -31.09 -37.51
C LEU A 51 -7.09 -29.91 -36.56
N LEU A 52 -6.85 -30.11 -35.27
CA LEU A 52 -7.09 -29.10 -34.26
C LEU A 52 -5.82 -28.74 -33.49
N GLY A 53 -4.82 -29.62 -33.48
CA GLY A 53 -3.54 -29.31 -32.87
C GLY A 53 -3.58 -29.02 -31.38
N GLY A 54 -4.51 -29.62 -30.65
CA GLY A 54 -4.64 -29.28 -29.24
C GLY A 54 -5.08 -27.85 -29.03
N ILE A 55 -5.89 -27.33 -29.96
CA ILE A 55 -6.38 -25.95 -30.03
C ILE A 55 -5.23 -25.02 -30.43
N ALA A 56 -4.67 -25.28 -31.61
CA ALA A 56 -3.68 -24.44 -32.28
C ALA A 56 -2.32 -24.42 -31.57
N VAL A 57 -2.07 -25.37 -30.68
CA VAL A 57 -0.81 -25.36 -29.93
C VAL A 57 0.29 -26.13 -30.66
N ASN A 58 -0.05 -27.29 -31.22
CA ASN A 58 0.98 -28.18 -31.74
C ASN A 58 1.30 -27.79 -33.18
N VAL A 59 1.93 -26.63 -33.30
CA VAL A 59 2.26 -26.08 -34.62
C VAL A 59 3.18 -27.02 -35.39
N LEU A 60 4.02 -27.78 -34.69
CA LEU A 60 4.91 -28.74 -35.34
C LEU A 60 4.47 -30.19 -35.09
N GLY A 61 3.23 -30.39 -34.64
CA GLY A 61 2.75 -31.73 -34.34
C GLY A 61 3.44 -32.31 -33.12
N HIS A 62 3.29 -33.63 -32.96
CA HIS A 62 3.92 -34.35 -31.84
C HIS A 62 5.26 -34.93 -32.24
N ARG A 63 6.15 -35.06 -31.26
CA ARG A 63 7.46 -35.72 -31.43
C ARG A 63 8.30 -35.07 -32.53
N HIS A 64 8.22 -33.76 -32.67
CA HIS A 64 9.05 -33.12 -33.68
C HIS A 64 10.52 -33.18 -33.25
N PRO A 65 11.41 -33.73 -34.08
CA PRO A 65 12.80 -33.96 -33.62
C PRO A 65 13.51 -32.70 -33.18
N ALA A 66 13.20 -31.55 -33.78
CA ALA A 66 13.92 -30.33 -33.44
C ALA A 66 13.53 -29.85 -32.06
N VAL A 67 12.25 -29.99 -31.70
CA VAL A 67 11.82 -29.58 -30.36
C VAL A 67 12.36 -30.55 -29.32
N ILE A 68 12.29 -31.86 -29.61
CA ILE A 68 12.84 -32.85 -28.70
C ILE A 68 14.33 -32.61 -28.47
N GLU A 69 15.08 -32.32 -29.54
CA GLU A 69 16.52 -32.14 -29.39
C GLU A 69 16.83 -30.88 -28.58
N ALA A 70 16.08 -29.79 -28.81
CA ALA A 70 16.34 -28.57 -28.06
C ALA A 70 16.03 -28.74 -26.58
N VAL A 71 14.91 -29.39 -26.26
CA VAL A 71 14.54 -29.61 -24.87
C VAL A 71 15.53 -30.55 -24.20
N THR A 72 15.88 -31.64 -24.87
CA THR A 72 16.81 -32.61 -24.28
C THR A 72 18.17 -31.96 -24.02
N ARG A 73 18.69 -31.24 -25.02
CA ARG A 73 19.95 -30.53 -24.83
C ARG A 73 19.88 -29.56 -23.67
N GLN A 74 18.81 -28.75 -23.58
CA GLN A 74 18.79 -27.72 -22.56
C GLN A 74 18.63 -28.32 -21.17
N MET A 75 17.81 -29.38 -21.03
CA MET A 75 17.68 -30.02 -19.73
C MET A 75 19.00 -30.59 -19.24
N SER A 76 19.86 -31.01 -20.16
CA SER A 76 21.19 -31.51 -19.79
C SER A 76 22.24 -30.43 -19.70
N THR A 77 21.83 -29.15 -19.77
CA THR A 77 22.75 -28.02 -19.62
C THR A 77 22.38 -27.16 -18.41
N LEU A 78 21.16 -26.61 -18.39
CA LEU A 78 20.73 -25.69 -17.33
C LEU A 78 19.22 -25.62 -17.38
N GLY A 79 18.57 -25.92 -16.27
CA GLY A 79 17.13 -25.79 -16.17
C GLY A 79 16.70 -24.43 -15.66
N HIS A 80 15.52 -24.40 -15.05
CA HIS A 80 15.00 -23.19 -14.42
C HIS A 80 16.05 -22.48 -13.57
N THR A 81 16.12 -21.14 -13.69
CA THR A 81 16.94 -20.37 -12.75
C THR A 81 16.17 -19.27 -12.04
N SER A 82 15.04 -18.81 -12.60
CA SER A 82 14.34 -17.58 -12.28
C SER A 82 15.06 -16.39 -12.91
N ASN A 83 14.35 -15.27 -13.00
CA ASN A 83 14.90 -14.06 -13.59
C ASN A 83 15.73 -13.24 -12.62
N LEU A 84 16.11 -13.85 -11.50
CA LEU A 84 17.23 -13.32 -10.74
C LEU A 84 18.55 -13.47 -11.50
N TYR A 85 18.56 -14.28 -12.56
CA TYR A 85 19.76 -14.61 -13.34
C TYR A 85 19.44 -14.49 -14.81
N ALA A 86 20.39 -13.96 -15.58
CA ALA A 86 20.23 -13.91 -17.03
C ALA A 86 20.65 -15.26 -17.63
N THR A 87 19.88 -15.74 -18.61
CA THR A 87 20.19 -16.99 -19.28
C THR A 87 19.97 -16.86 -20.79
N GLU A 88 20.75 -17.62 -21.55
CA GLU A 88 20.79 -17.43 -23.00
C GLU A 88 19.48 -17.70 -23.73
N PRO A 89 18.77 -18.81 -23.50
CA PRO A 89 17.62 -19.10 -24.37
C PRO A 89 16.56 -18.02 -24.36
N GLY A 90 16.22 -17.49 -23.18
CA GLY A 90 15.20 -16.45 -23.12
C GLY A 90 15.63 -15.17 -23.81
N ILE A 91 16.88 -14.77 -23.63
CA ILE A 91 17.38 -13.58 -24.30
C ILE A 91 17.34 -13.77 -25.81
N ALA A 92 17.83 -14.92 -26.29
CA ALA A 92 17.81 -15.21 -27.72
C ALA A 92 16.39 -15.26 -28.26
N LEU A 93 15.46 -15.86 -27.50
CA LEU A 93 14.08 -15.94 -27.97
C LEU A 93 13.47 -14.54 -28.08
N ALA A 94 13.74 -13.70 -27.09
CA ALA A 94 13.25 -12.33 -27.14
C ALA A 94 13.82 -11.58 -28.35
N GLU A 95 15.11 -11.77 -28.62
CA GLU A 95 15.72 -11.13 -29.79
C GLU A 95 15.05 -11.62 -31.07
N GLU A 96 14.78 -12.92 -31.17
CA GLU A 96 14.16 -13.43 -32.39
C GLU A 96 12.73 -12.92 -32.55
N LEU A 97 11.96 -12.89 -31.47
CA LEU A 97 10.58 -12.41 -31.56
C LEU A 97 10.53 -10.92 -31.95
N VAL A 98 11.44 -10.12 -31.39
CA VAL A 98 11.49 -8.71 -31.77
C VAL A 98 11.84 -8.56 -33.24
N ALA A 99 12.78 -9.37 -33.74
CA ALA A 99 13.11 -9.33 -35.16
C ALA A 99 11.91 -9.70 -36.02
N LEU A 100 11.14 -10.71 -35.60
CA LEU A 100 9.97 -11.13 -36.39
C LEU A 100 8.86 -10.07 -36.38
N LEU A 101 8.72 -9.33 -35.28
CA LEU A 101 7.71 -8.27 -35.26
C LEU A 101 8.12 -7.13 -36.18
N GLY A 102 9.41 -6.80 -36.20
CA GLY A 102 9.91 -5.84 -37.17
C GLY A 102 9.41 -4.42 -36.99
N ALA A 103 9.16 -4.00 -35.76
CA ALA A 103 8.71 -2.63 -35.51
C ALA A 103 9.89 -1.66 -35.65
N ASP A 104 9.57 -0.41 -36.00
CA ASP A 104 10.63 0.58 -36.18
C ASP A 104 10.94 1.35 -34.91
N GLN A 105 10.37 0.95 -33.79
CA GLN A 105 10.76 1.48 -32.49
C GLN A 105 11.28 0.33 -31.61
N ARG A 106 12.02 0.72 -30.57
CA ARG A 106 12.43 -0.20 -29.50
C ARG A 106 11.27 -1.09 -29.07
N THR A 107 11.49 -2.40 -29.10
CA THR A 107 10.52 -3.39 -28.65
C THR A 107 11.13 -4.19 -27.52
N ARG A 108 10.35 -4.42 -26.45
CA ARG A 108 10.84 -5.17 -25.30
C ARG A 108 9.88 -6.31 -24.99
N VAL A 109 10.39 -7.33 -24.30
CA VAL A 109 9.68 -8.60 -24.16
C VAL A 109 9.53 -8.95 -22.68
N PHE A 110 8.38 -9.50 -22.31
CA PHE A 110 8.16 -10.11 -21.00
C PHE A 110 7.66 -11.53 -21.24
N PHE A 111 8.30 -12.53 -20.61
CA PHE A 111 7.84 -13.91 -20.77
C PHE A 111 6.96 -14.35 -19.61
N CYS A 112 6.03 -15.24 -19.93
CA CYS A 112 5.17 -15.84 -18.92
C CYS A 112 4.81 -17.25 -19.41
N ASN A 113 3.71 -17.81 -18.88
CA ASN A 113 3.45 -19.24 -19.11
C ASN A 113 2.23 -19.53 -19.95
N SER A 114 1.40 -18.54 -20.25
CA SER A 114 0.10 -18.83 -20.84
C SER A 114 -0.41 -17.60 -21.56
N GLY A 115 -1.46 -17.79 -22.35
CA GLY A 115 -2.08 -16.65 -23.00
C GLY A 115 -2.79 -15.74 -22.01
N ALA A 116 -3.48 -16.33 -21.02
CA ALA A 116 -4.08 -15.50 -19.98
C ALA A 116 -3.02 -14.65 -19.29
N GLU A 117 -1.86 -15.24 -18.96
CA GLU A 117 -0.83 -14.46 -18.28
C GLU A 117 -0.26 -13.37 -19.18
N ALA A 118 -0.14 -13.65 -20.49
CA ALA A 118 0.36 -12.64 -21.40
C ALA A 118 -0.60 -11.46 -21.46
N ASN A 119 -1.90 -11.73 -21.48
CA ASN A 119 -2.86 -10.64 -21.50
C ASN A 119 -2.98 -9.97 -20.13
N GLU A 120 -2.71 -10.69 -19.03
CA GLU A 120 -2.63 -10.04 -17.73
C GLU A 120 -1.47 -9.05 -17.70
N ALA A 121 -0.33 -9.43 -18.28
CA ALA A 121 0.76 -8.47 -18.37
C ALA A 121 0.35 -7.24 -19.18
N ALA A 122 -0.35 -7.44 -20.30
CA ALA A 122 -0.80 -6.31 -21.10
C ALA A 122 -1.82 -5.48 -20.35
N PHE A 123 -2.72 -6.14 -19.60
CA PHE A 123 -3.66 -5.45 -18.72
C PHE A 123 -2.90 -4.54 -17.75
N LYS A 124 -1.86 -5.07 -17.16
CA LYS A 124 -1.10 -4.27 -16.17
C LYS A 124 -0.38 -3.09 -16.88
N LEU A 125 0.19 -3.34 -18.04
CA LEU A 125 0.82 -2.23 -18.80
C LEU A 125 -0.23 -1.13 -18.99
N SER A 126 -1.45 -1.51 -19.37
CA SER A 126 -2.54 -0.54 -19.61
C SER A 126 -2.74 0.35 -18.39
N ARG A 127 -2.62 -0.24 -17.21
CA ARG A 127 -2.82 0.56 -16.00
C ARG A 127 -1.75 1.64 -15.89
N LEU A 128 -0.55 1.37 -16.36
CA LEU A 128 0.56 2.29 -16.18
C LEU A 128 0.49 3.47 -17.15
N THR A 129 -0.52 3.50 -18.04
CA THR A 129 -0.79 4.69 -18.85
C THR A 129 -1.50 5.77 -18.06
N GLY A 130 -1.91 5.47 -16.83
CA GLY A 130 -2.70 6.40 -16.04
C GLY A 130 -4.19 6.35 -16.31
N ARG A 131 -4.64 5.47 -17.20
CA ARG A 131 -6.03 5.32 -17.59
C ARG A 131 -6.52 3.96 -17.14
N THR A 132 -7.82 3.85 -16.85
CA THR A 132 -8.37 2.59 -16.36
C THR A 132 -9.49 2.02 -17.22
N LYS A 133 -9.86 2.70 -18.30
CA LYS A 133 -10.96 2.25 -19.17
C LYS A 133 -10.36 1.35 -20.27
N LEU A 134 -11.02 0.23 -20.53
CA LEU A 134 -10.57 -0.74 -21.52
C LEU A 134 -11.70 -1.06 -22.48
N VAL A 135 -11.35 -1.41 -23.72
CA VAL A 135 -12.36 -1.79 -24.72
C VAL A 135 -11.94 -3.11 -25.35
N ALA A 136 -12.91 -4.02 -25.52
CA ALA A 136 -12.68 -5.31 -26.17
C ALA A 136 -13.95 -5.65 -26.95
N ALA A 137 -13.94 -6.78 -27.64
CA ALA A 137 -15.07 -7.12 -28.51
C ALA A 137 -15.99 -8.15 -27.87
N HIS A 138 -17.29 -8.02 -28.13
CA HIS A 138 -18.22 -9.10 -27.81
C HIS A 138 -17.74 -10.39 -28.45
N ASP A 139 -17.79 -11.48 -27.68
CA ASP A 139 -17.41 -12.83 -28.06
C ASP A 139 -15.91 -13.04 -28.15
N ALA A 140 -15.09 -12.02 -27.87
CA ALA A 140 -13.65 -12.20 -27.87
C ALA A 140 -13.23 -13.15 -26.75
N PHE A 141 -12.12 -13.84 -26.96
CA PHE A 141 -11.56 -14.67 -25.91
C PHE A 141 -10.12 -14.25 -25.64
N HIS A 142 -9.83 -13.89 -24.39
CA HIS A 142 -8.51 -13.43 -24.02
C HIS A 142 -7.95 -14.18 -22.83
N GLY A 143 -8.65 -15.17 -22.32
CA GLY A 143 -8.16 -15.94 -21.19
C GLY A 143 -9.14 -15.96 -20.04
N ARG A 144 -8.83 -16.78 -19.03
CA ARG A 144 -9.80 -17.07 -17.93
C ARG A 144 -9.36 -16.63 -16.53
N THR A 145 -8.16 -16.04 -16.38
CA THR A 145 -7.82 -15.46 -15.09
C THR A 145 -8.63 -14.16 -14.91
N MET A 146 -8.61 -13.57 -13.70
CA MET A 146 -9.61 -12.53 -13.43
C MET A 146 -9.42 -11.31 -14.33
N GLY A 147 -8.19 -10.88 -14.58
CA GLY A 147 -7.99 -9.76 -15.48
C GLY A 147 -8.33 -10.09 -16.92
N SER A 148 -7.79 -11.21 -17.42
CA SER A 148 -8.06 -11.57 -18.81
CA SER A 148 -8.05 -11.57 -18.81
C SER A 148 -9.51 -11.94 -19.02
N LEU A 149 -10.18 -12.47 -17.99
CA LEU A 149 -11.61 -12.77 -18.11
C LEU A 149 -12.44 -11.50 -18.21
N ALA A 150 -11.98 -10.40 -17.59
CA ALA A 150 -12.69 -9.13 -17.78
C ALA A 150 -12.65 -8.69 -19.23
N LEU A 151 -11.57 -9.04 -19.95
CA LEU A 151 -11.44 -8.64 -21.35
C LEU A 151 -12.22 -9.57 -22.27
N THR A 152 -12.20 -10.86 -21.96
CA THR A 152 -13.02 -11.84 -22.69
C THR A 152 -14.46 -11.36 -22.76
N GLY A 153 -15.04 -11.44 -23.95
CA GLY A 153 -16.39 -10.89 -24.19
C GLY A 153 -17.48 -11.93 -24.09
N GLN A 154 -17.52 -12.67 -22.99
CA GLN A 154 -18.46 -13.80 -22.86
C GLN A 154 -19.20 -13.68 -21.54
N PRO A 155 -20.33 -12.96 -21.50
CA PRO A 155 -21.06 -12.73 -20.27
C PRO A 155 -21.40 -13.98 -19.45
N ALA A 156 -21.77 -15.06 -20.13
CA ALA A 156 -22.13 -16.29 -19.40
C ALA A 156 -20.93 -16.88 -18.64
N LYS A 157 -19.71 -16.67 -19.13
CA LYS A 157 -18.49 -17.14 -18.45
C LYS A 157 -17.99 -16.09 -17.46
N GLN A 158 -18.49 -14.85 -17.54
CA GLN A 158 -18.00 -13.77 -16.65
C GLN A 158 -18.92 -13.55 -15.44
N THR A 159 -20.21 -13.58 -15.67
CA THR A 159 -21.22 -13.29 -14.63
C THR A 159 -20.98 -14.08 -13.34
N PRO A 160 -20.69 -15.39 -13.35
CA PRO A 160 -20.48 -16.12 -12.09
C PRO A 160 -19.34 -15.62 -11.19
N PHE A 161 -18.36 -14.92 -11.76
CA PHE A 161 -17.16 -14.46 -11.05
C PHE A 161 -17.19 -12.94 -10.83
N ALA A 162 -18.29 -12.28 -11.14
CA ALA A 162 -18.36 -10.82 -10.93
C ALA A 162 -18.31 -10.50 -9.43
N PRO A 163 -17.71 -9.37 -9.02
CA PRO A 163 -17.15 -8.39 -9.94
C PRO A 163 -15.76 -8.68 -10.51
N LEU A 164 -15.57 -8.32 -11.77
CA LEU A 164 -14.25 -8.49 -12.41
C LEU A 164 -13.54 -7.13 -12.41
N PRO A 165 -12.22 -7.12 -12.63
CA PRO A 165 -11.46 -5.89 -12.75
C PRO A 165 -12.09 -4.98 -13.83
N GLY A 166 -12.16 -3.69 -13.56
CA GLY A 166 -12.76 -2.75 -14.53
C GLY A 166 -11.73 -1.91 -15.26
N ASP A 167 -12.17 -0.96 -16.09
CA ASP A 167 -13.59 -0.73 -16.46
C ASP A 167 -13.66 -1.05 -17.95
N VAL A 168 -14.32 -2.17 -18.26
CA VAL A 168 -14.27 -2.67 -19.66
C VAL A 168 -15.59 -2.49 -20.37
N THR A 169 -15.50 -1.93 -21.56
CA THR A 169 -16.68 -1.82 -22.44
C THR A 169 -16.45 -2.80 -23.59
N HIS A 170 -17.47 -3.53 -23.96
CA HIS A 170 -17.41 -4.44 -25.09
C HIS A 170 -18.24 -3.90 -26.24
N VAL A 171 -17.73 -4.07 -27.46
CA VAL A 171 -18.37 -3.57 -28.68
C VAL A 171 -18.43 -4.70 -29.68
N GLY A 172 -19.32 -4.56 -30.67
CA GLY A 172 -19.38 -5.57 -31.71
C GLY A 172 -18.09 -5.66 -32.51
N TYR A 173 -17.60 -6.88 -32.70
CA TYR A 173 -16.35 -7.07 -33.43
C TYR A 173 -16.51 -6.64 -34.89
N GLY A 174 -15.51 -5.92 -35.40
CA GLY A 174 -15.53 -5.50 -36.78
C GLY A 174 -16.29 -4.23 -37.07
N ASP A 175 -16.92 -3.63 -36.06
CA ASP A 175 -17.80 -2.47 -36.26
C ASP A 175 -16.99 -1.20 -35.99
N VAL A 176 -16.62 -0.50 -37.07
CA VAL A 176 -15.70 0.64 -36.94
C VAL A 176 -16.32 1.74 -36.07
N ASP A 177 -17.56 2.12 -36.34
CA ASP A 177 -18.12 3.25 -35.60
C ASP A 177 -18.44 2.88 -34.16
N ALA A 178 -18.79 1.61 -33.88
CA ALA A 178 -18.98 1.22 -32.48
C ALA A 178 -17.68 1.34 -31.71
N LEU A 179 -16.57 0.92 -32.31
CA LEU A 179 -15.27 1.05 -31.65
C LEU A 179 -14.91 2.52 -31.44
N ALA A 180 -15.11 3.35 -32.47
CA ALA A 180 -14.79 4.77 -32.35
C ALA A 180 -15.61 5.42 -31.25
N ALA A 181 -16.88 5.03 -31.10
CA ALA A 181 -17.72 5.61 -30.06
C ALA A 181 -17.27 5.21 -28.68
N ALA A 182 -16.72 4.00 -28.53
CA ALA A 182 -16.35 3.49 -27.23
C ALA A 182 -14.98 3.98 -26.76
N VAL A 183 -14.12 4.37 -27.69
CA VAL A 183 -12.76 4.79 -27.34
C VAL A 183 -12.73 6.30 -27.20
N ASP A 184 -12.22 6.78 -26.07
CA ASP A 184 -12.06 8.20 -25.84
C ASP A 184 -10.73 8.44 -25.14
N ASP A 185 -10.55 9.68 -24.66
CA ASP A 185 -9.31 10.12 -24.05
C ASP A 185 -9.09 9.52 -22.67
N HIS A 186 -10.04 8.72 -22.19
CA HIS A 186 -9.90 7.97 -20.95
C HIS A 186 -9.59 6.51 -21.16
N THR A 187 -9.46 6.08 -22.41
CA THR A 187 -9.30 4.68 -22.73
C THR A 187 -7.82 4.30 -22.67
N ALA A 188 -7.48 3.39 -21.75
CA ALA A 188 -6.10 2.93 -21.66
C ALA A 188 -5.70 2.09 -22.87
N ALA A 189 -6.58 1.20 -23.30
CA ALA A 189 -6.18 0.24 -24.32
C ALA A 189 -7.41 -0.40 -24.93
N VAL A 190 -7.26 -0.78 -26.20
CA VAL A 190 -8.19 -1.65 -26.93
C VAL A 190 -7.50 -2.98 -27.14
N PHE A 191 -8.16 -4.08 -26.76
CA PHE A 191 -7.71 -5.44 -27.03
C PHE A 191 -8.52 -6.03 -28.16
N LEU A 192 -7.83 -6.60 -29.15
CA LEU A 192 -8.49 -7.28 -30.27
C LEU A 192 -7.70 -8.51 -30.70
N GLU A 193 -8.44 -9.57 -31.02
CA GLU A 193 -7.91 -10.71 -31.79
C GLU A 193 -7.93 -10.33 -33.26
N PRO A 194 -6.87 -10.60 -34.03
CA PRO A 194 -6.94 -10.28 -35.47
C PRO A 194 -7.96 -11.13 -36.22
N ILE A 195 -8.21 -12.34 -35.72
CA ILE A 195 -9.33 -13.21 -36.09
C ILE A 195 -9.82 -13.78 -34.77
N MET A 196 -11.12 -13.70 -34.48
CA MET A 196 -11.60 -14.23 -33.21
C MET A 196 -11.67 -15.74 -33.30
N GLY A 197 -10.84 -16.44 -32.54
CA GLY A 197 -10.75 -17.89 -32.78
C GLY A 197 -11.82 -18.69 -32.11
N GLU A 198 -11.85 -18.61 -30.79
CA GLU A 198 -12.75 -19.41 -29.94
C GLU A 198 -14.21 -19.18 -30.31
N SER A 199 -14.54 -17.98 -30.76
CA SER A 199 -15.90 -17.61 -31.14
C SER A 199 -16.35 -18.26 -32.43
N GLY A 200 -15.41 -18.72 -33.24
CA GLY A 200 -15.75 -19.36 -34.50
C GLY A 200 -14.96 -18.83 -35.70
N VAL A 201 -13.68 -18.52 -35.51
CA VAL A 201 -12.82 -18.03 -36.58
C VAL A 201 -13.50 -16.88 -37.28
N VAL A 202 -13.81 -15.84 -36.52
CA VAL A 202 -14.54 -14.70 -37.07
C VAL A 202 -13.53 -13.71 -37.63
N VAL A 203 -13.61 -13.47 -38.94
CA VAL A 203 -12.65 -12.59 -39.61
C VAL A 203 -13.27 -11.20 -39.67
N PRO A 204 -12.51 -10.14 -39.39
CA PRO A 204 -13.06 -8.79 -39.43
C PRO A 204 -13.11 -8.26 -40.85
N PRO A 205 -13.89 -7.21 -41.09
CA PRO A 205 -13.90 -6.57 -42.42
C PRO A 205 -12.55 -5.98 -42.77
N ALA A 206 -12.35 -5.75 -44.08
CA ALA A 206 -11.02 -5.45 -44.62
C ALA A 206 -10.24 -4.38 -43.83
N GLY A 207 -10.81 -3.21 -43.59
CA GLY A 207 -9.94 -2.21 -42.97
C GLY A 207 -9.95 -2.10 -41.45
N TYR A 208 -10.44 -3.12 -40.77
CA TYR A 208 -10.88 -2.92 -39.40
C TYR A 208 -9.70 -2.74 -38.45
N LEU A 209 -8.70 -3.62 -38.55
CA LEU A 209 -7.56 -3.46 -37.63
C LEU A 209 -6.81 -2.17 -37.91
N ALA A 210 -6.73 -1.74 -39.17
CA ALA A 210 -6.14 -0.44 -39.46
C ALA A 210 -6.96 0.70 -38.84
N ALA A 211 -8.29 0.59 -38.89
CA ALA A 211 -9.13 1.58 -38.23
C ALA A 211 -8.90 1.58 -36.73
N ALA A 212 -8.75 0.41 -36.13
CA ALA A 212 -8.48 0.34 -34.69
C ALA A 212 -7.18 1.03 -34.36
N ARG A 213 -6.16 0.83 -35.22
CA ARG A 213 -4.88 1.51 -35.01
C ARG A 213 -5.04 3.02 -35.06
N ASP A 214 -5.82 3.51 -36.02
CA ASP A 214 -5.99 4.95 -36.15
C ASP A 214 -6.82 5.52 -35.02
N ILE A 215 -7.92 4.85 -34.65
CA ILE A 215 -8.76 5.31 -33.55
C ILE A 215 -7.97 5.39 -32.25
N THR A 216 -7.24 4.31 -31.91
CA THR A 216 -6.46 4.32 -30.68
C THR A 216 -5.36 5.38 -30.71
N ALA A 217 -4.67 5.53 -31.85
CA ALA A 217 -3.60 6.52 -31.91
C ALA A 217 -4.12 7.92 -31.68
N ARG A 218 -5.27 8.26 -32.27
CA ARG A 218 -5.81 9.60 -32.15
C ARG A 218 -6.30 9.89 -30.74
N ARG A 219 -6.72 8.87 -29.99
CA ARG A 219 -7.22 9.08 -28.64
C ARG A 219 -6.17 8.79 -27.57
N GLY A 220 -4.95 8.43 -27.95
CA GLY A 220 -3.93 8.12 -26.97
C GLY A 220 -4.07 6.79 -26.26
N ALA A 221 -4.83 5.86 -26.84
CA ALA A 221 -4.99 4.52 -26.28
C ALA A 221 -3.99 3.55 -26.89
N LEU A 222 -3.56 2.56 -26.09
CA LEU A 222 -2.75 1.46 -26.63
C LEU A 222 -3.64 0.57 -27.49
N LEU A 223 -3.06 0.05 -28.58
CA LEU A 223 -3.69 -1.05 -29.31
C LEU A 223 -2.96 -2.32 -28.94
N VAL A 224 -3.69 -3.27 -28.34
CA VAL A 224 -3.14 -4.56 -27.94
C VAL A 224 -3.73 -5.61 -28.88
N LEU A 225 -2.87 -6.33 -29.60
CA LEU A 225 -3.33 -7.38 -30.49
C LEU A 225 -2.98 -8.72 -29.86
N ASP A 226 -4.01 -9.53 -29.64
CA ASP A 226 -3.87 -10.84 -29.02
C ASP A 226 -3.67 -11.83 -30.15
N GLU A 227 -2.41 -12.26 -30.31
CA GLU A 227 -2.00 -13.21 -31.34
C GLU A 227 -1.76 -14.60 -30.76
N VAL A 228 -2.36 -14.89 -29.61
CA VAL A 228 -2.15 -16.18 -28.96
C VAL A 228 -2.55 -17.32 -29.90
N GLN A 229 -3.65 -17.15 -30.63
CA GLN A 229 -4.11 -18.21 -31.50
C GLN A 229 -3.78 -17.94 -32.98
N THR A 230 -3.69 -16.67 -33.38
CA THR A 230 -3.45 -16.33 -34.77
C THR A 230 -1.98 -16.23 -35.13
N GLY A 231 -1.07 -16.28 -34.16
CA GLY A 231 0.34 -16.09 -34.43
C GLY A 231 1.07 -17.35 -34.87
N MET A 232 2.38 -17.33 -34.71
CA MET A 232 3.25 -18.47 -35.03
C MET A 232 3.16 -18.88 -36.50
N GLY A 233 2.87 -17.92 -37.39
CA GLY A 233 2.89 -18.20 -38.82
C GLY A 233 1.64 -18.86 -39.34
N ARG A 234 0.64 -19.09 -38.49
CA ARG A 234 -0.49 -19.92 -38.89
C ARG A 234 -1.26 -19.34 -40.08
N THR A 235 -1.33 -18.01 -40.20
CA THR A 235 -2.13 -17.38 -41.26
C THR A 235 -1.31 -17.01 -42.49
N GLY A 236 -0.05 -17.42 -42.58
CA GLY A 236 0.75 -17.07 -43.73
C GLY A 236 1.63 -15.85 -43.54
N ALA A 237 1.57 -15.22 -42.37
CA ALA A 237 2.53 -14.24 -41.89
C ALA A 237 2.82 -14.60 -40.44
N PHE A 238 4.00 -14.23 -39.93
CA PHE A 238 4.30 -14.70 -38.58
C PHE A 238 3.25 -14.20 -37.59
N PHE A 239 2.97 -12.89 -37.60
CA PHE A 239 1.83 -12.35 -36.87
C PHE A 239 0.72 -12.05 -37.87
N ALA A 240 -0.51 -12.45 -37.53
CA ALA A 240 -1.63 -12.22 -38.46
C ALA A 240 -1.82 -10.75 -38.76
N HIS A 241 -1.52 -9.86 -37.79
CA HIS A 241 -1.73 -8.44 -38.06
C HIS A 241 -0.76 -7.89 -39.10
N GLN A 242 0.31 -8.62 -39.42
CA GLN A 242 1.25 -8.16 -40.42
C GLN A 242 0.64 -8.17 -41.82
N HIS A 243 -0.45 -8.93 -42.03
CA HIS A 243 -1.17 -8.84 -43.29
C HIS A 243 -1.77 -7.47 -43.52
N ASP A 244 -1.98 -6.70 -42.44
CA ASP A 244 -2.70 -5.44 -42.47
C ASP A 244 -1.81 -4.22 -42.39
N GLY A 245 -0.49 -4.41 -42.28
CA GLY A 245 0.42 -3.30 -42.39
C GLY A 245 0.38 -2.34 -41.23
N ILE A 246 -0.02 -2.82 -40.05
CA ILE A 246 -0.07 -1.97 -38.86
C ILE A 246 0.94 -2.47 -37.84
N THR A 247 1.26 -1.59 -36.91
CA THR A 247 2.16 -1.91 -35.79
C THR A 247 1.39 -1.59 -34.53
N PRO A 248 0.98 -2.58 -33.75
CA PRO A 248 0.28 -2.31 -32.50
C PRO A 248 1.28 -1.85 -31.43
N ASP A 249 0.74 -1.43 -30.31
CA ASP A 249 1.61 -1.06 -29.20
C ASP A 249 2.05 -2.26 -28.39
N VAL A 250 1.18 -3.27 -28.29
CA VAL A 250 1.43 -4.47 -27.51
C VAL A 250 0.93 -5.67 -28.32
N VAL A 251 1.69 -6.77 -28.31
CA VAL A 251 1.25 -8.02 -28.91
C VAL A 251 1.43 -9.13 -27.90
N THR A 252 0.43 -9.99 -27.78
CA THR A 252 0.57 -11.14 -26.89
C THR A 252 0.55 -12.46 -27.67
N LEU A 253 1.33 -13.42 -27.17
CA LEU A 253 1.57 -14.70 -27.82
C LEU A 253 1.53 -15.78 -26.77
N ALA A 254 1.08 -16.98 -27.15
CA ALA A 254 1.22 -18.17 -26.33
C ALA A 254 0.84 -19.36 -27.22
N GLY A 256 0.90 -21.91 -29.51
CA GLY A 256 1.95 -22.54 -30.31
C GLY A 256 3.37 -22.05 -30.12
N LEU A 257 3.55 -21.02 -29.29
CA LEU A 257 4.87 -20.41 -29.16
C LEU A 257 5.95 -21.42 -28.76
N GLY A 258 5.61 -22.36 -27.89
CA GLY A 258 6.59 -23.35 -27.45
C GLY A 258 6.45 -24.70 -28.10
N GLY A 259 5.66 -24.80 -29.16
CA GLY A 259 5.47 -26.08 -29.81
C GLY A 259 4.81 -27.11 -28.93
N GLY A 260 4.14 -26.67 -27.87
CA GLY A 260 3.56 -27.57 -26.88
C GLY A 260 4.10 -27.33 -25.48
N LEU A 261 5.30 -26.80 -25.39
CA LEU A 261 5.83 -26.47 -24.06
C LEU A 261 5.15 -25.19 -23.54
N PRO A 262 4.79 -25.08 -22.24
CA PRO A 262 4.07 -23.87 -21.79
C PRO A 262 4.95 -22.64 -21.80
N ILE A 263 4.57 -21.66 -22.62
CA ILE A 263 5.27 -20.38 -22.67
C ILE A 263 4.35 -19.37 -23.34
N GLY A 264 4.39 -18.15 -22.82
CA GLY A 264 3.70 -17.03 -23.44
C GLY A 264 4.61 -15.82 -23.42
N ALA A 265 4.22 -14.79 -24.17
CA ALA A 265 5.06 -13.60 -24.23
C ALA A 265 4.19 -12.37 -24.42
N CYS A 266 4.63 -11.26 -23.84
CA CYS A 266 4.01 -9.96 -24.10
C CYS A 266 5.11 -9.06 -24.66
N LEU A 267 4.91 -8.59 -25.91
CA LEU A 267 5.83 -7.67 -26.57
C LEU A 267 5.22 -6.28 -26.55
N ALA A 268 6.03 -5.27 -26.24
CA ALA A 268 5.53 -3.89 -26.22
C ALA A 268 6.49 -3.00 -27.02
N VAL A 269 5.92 -2.05 -27.76
CA VAL A 269 6.64 -1.28 -28.76
C VAL A 269 6.67 0.17 -28.33
N GLY A 270 7.83 0.81 -28.50
CA GLY A 270 7.95 2.24 -28.25
C GLY A 270 7.77 2.57 -26.78
N PRO A 271 7.06 3.66 -26.49
CA PRO A 271 6.85 4.06 -25.09
C PRO A 271 6.25 2.96 -24.24
N ALA A 272 5.39 2.11 -24.81
CA ALA A 272 4.79 1.03 -24.04
C ALA A 272 5.84 0.06 -23.50
N ALA A 273 6.97 -0.04 -24.19
CA ALA A 273 8.01 -0.97 -23.77
C ALA A 273 8.71 -0.53 -22.49
N GLU A 274 8.55 0.74 -22.11
CA GLU A 274 9.26 1.33 -20.97
C GLU A 274 8.39 1.45 -19.74
N LEU A 275 7.10 1.10 -19.85
CA LEU A 275 6.16 1.30 -18.74
C LEU A 275 6.52 0.46 -17.52
N LEU A 276 6.84 -0.82 -17.73
CA LEU A 276 7.16 -1.70 -16.61
C LEU A 276 8.57 -1.41 -16.12
N THR A 277 8.68 -1.07 -14.84
CA THR A 277 9.94 -0.75 -14.20
C THR A 277 10.24 -1.79 -13.13
N PRO A 278 11.45 -1.84 -12.57
CA PRO A 278 11.81 -2.96 -11.69
C PRO A 278 10.87 -3.13 -10.51
N GLY A 279 10.45 -4.38 -10.29
CA GLY A 279 9.59 -4.75 -9.20
C GLY A 279 8.11 -4.69 -9.49
N LEU A 280 7.69 -4.21 -10.66
CA LEU A 280 6.26 -4.05 -10.86
C LEU A 280 5.57 -5.25 -11.51
N HIS A 281 6.31 -6.23 -12.01
CA HIS A 281 5.65 -7.42 -12.54
C HIS A 281 6.67 -8.55 -12.60
N GLY A 282 6.18 -9.78 -12.69
CA GLY A 282 7.06 -10.92 -12.82
C GLY A 282 6.27 -12.21 -12.87
N SER A 283 6.99 -13.29 -13.16
CA SER A 283 6.43 -14.64 -13.19
C SER A 283 7.59 -15.59 -12.92
N THR A 284 7.48 -16.44 -11.89
CA THR A 284 8.61 -17.27 -11.48
C THR A 284 9.21 -18.07 -12.65
N PHE A 285 8.37 -18.79 -13.40
CA PHE A 285 8.82 -19.63 -14.51
C PHE A 285 9.08 -18.86 -15.81
N GLY A 286 8.79 -17.56 -15.86
CA GLY A 286 8.83 -16.83 -17.13
C GLY A 286 10.21 -16.84 -17.75
N GLY A 287 10.31 -17.20 -19.04
CA GLY A 287 11.59 -17.14 -19.70
C GLY A 287 12.55 -18.26 -19.36
N ASN A 288 12.06 -19.33 -18.75
CA ASN A 288 12.97 -20.37 -18.30
C ASN A 288 13.64 -21.06 -19.49
N PRO A 289 14.88 -21.55 -19.28
CA PRO A 289 15.68 -22.02 -20.43
C PRO A 289 15.05 -23.16 -21.21
N VAL A 290 14.33 -24.08 -20.56
CA VAL A 290 13.84 -25.24 -21.29
C VAL A 290 12.70 -24.84 -22.23
N CYS A 291 11.71 -24.09 -21.72
CA CYS A 291 10.61 -23.69 -22.61
C CYS A 291 11.09 -22.72 -23.67
N ALA A 292 12.02 -21.83 -23.30
CA ALA A 292 12.56 -20.89 -24.30
C ALA A 292 13.32 -21.64 -25.38
N ALA A 293 14.09 -22.67 -25.00
CA ALA A 293 14.77 -23.49 -25.99
C ALA A 293 13.79 -24.14 -26.96
N ALA A 294 12.66 -24.63 -26.44
CA ALA A 294 11.64 -25.21 -27.30
C ALA A 294 11.11 -24.19 -28.29
N ALA A 295 10.79 -22.98 -27.79
CA ALA A 295 10.25 -21.95 -28.67
C ALA A 295 11.27 -21.55 -29.74
N LEU A 296 12.55 -21.47 -29.37
CA LEU A 296 13.59 -21.16 -30.34
C LEU A 296 13.63 -22.21 -31.45
N ALA A 297 13.46 -23.47 -31.09
CA ALA A 297 13.46 -24.54 -32.08
C ALA A 297 12.26 -24.41 -33.01
N VAL A 298 11.10 -24.06 -32.47
CA VAL A 298 9.92 -23.83 -33.32
C VAL A 298 10.22 -22.73 -34.35
N LEU A 299 10.78 -21.62 -33.90
CA LEU A 299 11.09 -20.52 -34.82
C LEU A 299 12.08 -20.98 -35.90
N ARG A 300 13.12 -21.73 -35.51
CA ARG A 300 14.08 -22.24 -36.47
C ARG A 300 13.42 -23.12 -37.52
N VAL A 301 12.48 -23.96 -37.11
CA VAL A 301 11.86 -24.90 -38.04
C VAL A 301 10.88 -24.16 -38.94
N LEU A 302 10.10 -23.23 -38.39
CA LEU A 302 9.23 -22.43 -39.24
C LEU A 302 10.04 -21.80 -40.38
N ALA A 303 11.22 -21.27 -40.07
CA ALA A 303 12.03 -20.57 -41.07
C ALA A 303 12.69 -21.54 -42.03
N SER A 304 13.32 -22.59 -41.52
CA SER A 304 14.10 -23.48 -42.38
C SER A 304 13.21 -24.31 -43.30
N ASP A 305 12.02 -24.69 -42.85
CA ASP A 305 11.12 -25.53 -43.64
C ASP A 305 10.04 -24.72 -44.35
N GLY A 306 10.14 -23.39 -44.31
CA GLY A 306 9.21 -22.54 -45.06
C GLY A 306 7.76 -22.77 -44.68
N LEU A 307 7.50 -22.99 -43.39
CA LEU A 307 6.17 -23.41 -42.98
C LEU A 307 5.17 -22.27 -42.96
N VAL A 308 5.62 -21.03 -42.93
CA VAL A 308 4.68 -19.88 -42.91
C VAL A 308 4.06 -19.76 -44.31
N ARG A 309 4.89 -19.81 -45.35
CA ARG A 309 4.36 -19.77 -46.74
C ARG A 309 3.54 -21.04 -46.97
N ARG A 310 3.99 -22.18 -46.46
CA ARG A 310 3.22 -23.43 -46.63
C ARG A 310 1.82 -23.30 -46.00
N ALA A 311 1.69 -22.65 -44.86
CA ALA A 311 0.35 -22.51 -44.24
C ALA A 311 -0.59 -21.72 -45.17
N GLU A 312 -0.08 -20.68 -45.79
CA GLU A 312 -0.86 -19.84 -46.72
C GLU A 312 -1.29 -20.71 -47.90
N VAL A 313 -0.36 -21.43 -48.50
CA VAL A 313 -0.67 -22.27 -49.68
C VAL A 313 -1.67 -23.38 -49.32
N LEU A 314 -1.37 -24.13 -48.29
CA LEU A 314 -2.27 -25.24 -47.90
C LEU A 314 -3.61 -24.70 -47.42
N GLY A 315 -3.61 -23.60 -46.68
CA GLY A 315 -4.89 -23.07 -46.25
C GLY A 315 -5.75 -22.66 -47.43
N LYS A 316 -5.13 -22.09 -48.45
CA LYS A 316 -5.89 -21.70 -49.64
C LYS A 316 -6.43 -22.91 -50.39
N SER A 317 -5.62 -23.96 -50.52
CA SER A 317 -6.11 -25.14 -51.24
C SER A 317 -7.15 -25.89 -50.41
N LEU A 318 -6.99 -25.89 -49.09
CA LEU A 318 -7.98 -26.51 -48.20
C LEU A 318 -9.31 -25.77 -48.27
N ARG A 319 -9.29 -24.45 -48.22
CA ARG A 319 -10.55 -23.68 -48.31
C ARG A 319 -11.24 -24.00 -49.66
N HIS A 320 -10.49 -23.92 -50.76
CA HIS A 320 -11.14 -24.20 -52.03
C HIS A 320 -11.67 -25.62 -52.10
N GLY A 321 -10.93 -26.60 -51.57
CA GLY A 321 -11.41 -27.96 -51.61
C GLY A 321 -12.71 -28.15 -50.87
N ILE A 322 -12.84 -27.52 -49.70
CA ILE A 322 -14.07 -27.63 -48.94
C ILE A 322 -15.22 -26.96 -49.68
N GLU A 323 -14.97 -25.78 -50.24
CA GLU A 323 -16.01 -25.05 -50.96
C GLU A 323 -16.42 -25.79 -52.22
N ALA A 324 -15.49 -26.52 -52.84
CA ALA A 324 -15.79 -27.24 -54.07
C ALA A 324 -16.70 -28.44 -53.84
N LEU A 325 -16.82 -28.90 -52.59
CA LEU A 325 -17.72 -30.01 -52.29
C LEU A 325 -19.17 -29.65 -52.65
N GLY A 326 -19.52 -28.37 -52.59
CA GLY A 326 -20.89 -27.96 -52.87
C GLY A 326 -21.88 -28.54 -51.88
N HIS A 327 -21.45 -28.77 -50.65
CA HIS A 327 -22.33 -29.43 -49.70
C HIS A 327 -23.38 -28.44 -49.20
N PRO A 328 -24.65 -28.81 -49.25
CA PRO A 328 -25.70 -27.90 -48.78
C PRO A 328 -25.62 -27.49 -47.31
N LEU A 329 -24.86 -28.21 -46.45
CA LEU A 329 -24.75 -27.77 -45.06
C LEU A 329 -23.67 -26.72 -44.86
N ILE A 330 -22.76 -26.57 -45.83
CA ILE A 330 -21.67 -25.61 -45.71
C ILE A 330 -22.10 -24.29 -46.32
N ASP A 331 -22.15 -23.24 -45.51
CA ASP A 331 -22.43 -21.90 -45.99
C ASP A 331 -21.20 -21.26 -46.61
N HIS A 332 -20.08 -21.26 -45.89
CA HIS A 332 -18.83 -20.73 -46.42
C HIS A 332 -17.71 -21.19 -45.51
N VAL A 333 -16.49 -20.97 -45.98
CA VAL A 333 -15.27 -21.22 -45.21
C VAL A 333 -14.60 -19.88 -44.99
N ARG A 334 -14.12 -19.66 -43.76
CA ARG A 334 -13.49 -18.39 -43.46
C ARG A 334 -12.21 -18.64 -42.70
N GLY A 335 -11.43 -17.58 -42.56
CA GLY A 335 -10.15 -17.70 -41.89
C GLY A 335 -9.01 -17.35 -42.82
N ARG A 336 -7.81 -17.78 -42.45
CA ARG A 336 -6.63 -17.47 -43.24
C ARG A 336 -5.57 -18.50 -42.90
N GLY A 337 -4.83 -18.93 -43.92
CA GLY A 337 -3.82 -19.95 -43.68
C GLY A 337 -4.45 -21.19 -43.08
N LEU A 338 -3.83 -21.72 -42.02
CA LEU A 338 -4.31 -22.92 -41.34
C LEU A 338 -5.04 -22.58 -40.04
N LEU A 339 -5.76 -21.48 -40.03
CA LEU A 339 -6.83 -21.24 -39.07
C LEU A 339 -8.09 -21.07 -39.88
N LEU A 340 -8.98 -22.06 -39.84
CA LEU A 340 -10.16 -22.05 -40.70
C LEU A 340 -11.40 -22.38 -39.92
N GLY A 341 -12.50 -21.72 -40.29
CA GLY A 341 -13.80 -22.07 -39.79
C GLY A 341 -14.70 -22.51 -40.93
N ILE A 342 -15.36 -23.65 -40.77
CA ILE A 342 -16.38 -24.09 -41.70
C ILE A 342 -17.71 -23.66 -41.12
N ALA A 343 -18.33 -22.63 -41.72
CA ALA A 343 -19.58 -22.10 -41.22
C ALA A 343 -20.74 -22.86 -41.88
N LEU A 344 -21.64 -23.37 -41.06
CA LEU A 344 -22.71 -24.25 -41.50
C LEU A 344 -24.01 -23.48 -41.67
N THR A 345 -24.92 -24.08 -42.44
CA THR A 345 -26.23 -23.47 -42.66
C THR A 345 -27.24 -23.80 -41.57
N ALA A 346 -26.89 -24.66 -40.63
CA ALA A 346 -27.74 -25.06 -39.53
C ALA A 346 -26.84 -25.51 -38.39
N PRO A 347 -27.33 -25.47 -37.14
CA PRO A 347 -26.41 -25.68 -36.00
C PRO A 347 -26.12 -27.16 -35.70
N HIS A 348 -25.30 -27.76 -36.57
CA HIS A 348 -24.92 -29.17 -36.43
C HIS A 348 -23.43 -29.37 -36.16
N ALA A 349 -22.71 -28.33 -35.73
CA ALA A 349 -21.27 -28.44 -35.61
C ALA A 349 -20.86 -29.42 -34.52
N LYS A 350 -21.60 -29.45 -33.40
CA LYS A 350 -21.28 -30.40 -32.34
C LYS A 350 -21.47 -31.84 -32.80
N ASP A 351 -22.54 -32.10 -33.54
CA ASP A 351 -22.75 -33.44 -34.08
C ASP A 351 -21.67 -33.79 -35.10
N ALA A 352 -21.24 -32.81 -35.88
CA ALA A 352 -20.20 -33.07 -36.88
C ALA A 352 -18.85 -33.31 -36.23
N GLU A 353 -18.62 -32.74 -35.05
CA GLU A 353 -17.38 -33.04 -34.35
C GLU A 353 -17.35 -34.51 -33.94
N ALA A 354 -18.50 -35.06 -33.53
CA ALA A 354 -18.56 -36.47 -33.14
C ALA A 354 -18.48 -37.39 -34.36
N THR A 355 -19.18 -37.06 -35.45
CA THR A 355 -19.10 -37.93 -36.62
C THR A 355 -17.74 -37.81 -37.31
N ALA A 356 -17.08 -36.65 -37.20
CA ALA A 356 -15.71 -36.55 -37.69
C ALA A 356 -14.79 -37.45 -36.89
N ARG A 357 -15.00 -37.49 -35.57
CA ARG A 357 -14.20 -38.38 -34.73
C ARG A 357 -14.47 -39.85 -35.10
N ASP A 358 -15.72 -40.18 -35.44
CA ASP A 358 -16.02 -41.52 -35.94
C ASP A 358 -15.23 -41.83 -37.20
N ALA A 359 -15.07 -40.84 -38.08
CA ALA A 359 -14.36 -41.01 -39.34
C ALA A 359 -12.85 -40.90 -39.18
N GLY A 360 -12.36 -40.63 -37.97
CA GLY A 360 -10.94 -40.57 -37.72
C GLY A 360 -10.32 -39.20 -37.83
N TYR A 361 -11.09 -38.13 -37.57
CA TYR A 361 -10.59 -36.76 -37.66
C TYR A 361 -10.96 -36.00 -36.39
N LEU A 362 -10.00 -35.23 -35.86
CA LEU A 362 -10.25 -34.39 -34.69
C LEU A 362 -10.48 -32.95 -35.15
N VAL A 363 -11.70 -32.45 -34.96
CA VAL A 363 -12.06 -31.06 -35.27
C VAL A 363 -12.73 -30.47 -34.03
N ASN A 364 -13.12 -29.19 -34.12
CA ASN A 364 -13.66 -28.46 -32.98
C ASN A 364 -14.97 -27.78 -33.36
N ALA A 365 -16.04 -28.03 -32.61
CA ALA A 365 -17.25 -27.22 -32.76
C ALA A 365 -17.05 -25.95 -31.94
N ALA A 366 -16.55 -24.90 -32.61
CA ALA A 366 -16.27 -23.65 -31.91
C ALA A 366 -17.55 -22.87 -31.59
N ALA A 367 -18.56 -23.01 -32.43
CA ALA A 367 -19.88 -22.43 -32.24
C ALA A 367 -20.88 -23.47 -32.72
N PRO A 368 -22.17 -23.33 -32.36
CA PRO A 368 -23.14 -24.36 -32.75
C PRO A 368 -23.16 -24.62 -34.26
N ASP A 369 -22.72 -23.62 -35.04
CA ASP A 369 -22.74 -23.70 -36.49
C ASP A 369 -21.37 -23.45 -37.12
N VAL A 370 -20.28 -23.65 -36.40
CA VAL A 370 -18.93 -23.45 -36.95
C VAL A 370 -18.00 -24.57 -36.51
N ILE A 371 -17.36 -25.22 -37.49
CA ILE A 371 -16.30 -26.19 -37.23
C ILE A 371 -14.97 -25.47 -37.40
N ARG A 372 -14.15 -25.46 -36.34
CA ARG A 372 -12.85 -24.81 -36.38
C ARG A 372 -11.76 -25.85 -36.63
N LEU A 373 -10.83 -25.52 -37.53
CA LEU A 373 -9.64 -26.31 -37.81
C LEU A 373 -8.41 -25.47 -37.52
N ALA A 374 -7.40 -26.08 -36.87
CA ALA A 374 -6.10 -25.44 -36.65
C ALA A 374 -5.03 -26.52 -36.70
N PRO A 375 -4.80 -27.10 -37.87
CA PRO A 375 -3.91 -28.28 -37.96
C PRO A 375 -2.46 -27.88 -37.74
N PRO A 376 -1.61 -28.84 -37.37
CA PRO A 376 -0.17 -28.60 -37.37
C PRO A 376 0.26 -28.06 -38.72
N LEU A 377 1.27 -27.19 -38.70
CA LEU A 377 1.79 -26.64 -39.95
C LEU A 377 2.56 -27.69 -40.75
N ILE A 378 2.78 -28.85 -40.14
CA ILE A 378 3.50 -29.96 -40.81
C ILE A 378 2.49 -30.97 -41.40
N ILE A 379 1.19 -30.69 -41.33
CA ILE A 379 0.17 -31.60 -41.82
C ILE A 379 0.48 -32.01 -43.25
N ALA A 380 0.27 -33.29 -43.57
CA ALA A 380 0.48 -33.76 -44.93
C ALA A 380 -0.65 -33.27 -45.83
N GLU A 381 -0.31 -32.91 -47.07
CA GLU A 381 -1.37 -32.53 -48.00
C GLU A 381 -2.38 -33.66 -48.15
N ALA A 382 -1.91 -34.91 -48.22
CA ALA A 382 -2.82 -36.04 -48.37
C ALA A 382 -3.70 -36.23 -47.12
N GLN A 383 -3.22 -35.80 -45.95
CA GLN A 383 -4.05 -35.88 -44.76
C GLN A 383 -5.21 -34.89 -44.86
N LEU A 384 -4.93 -33.70 -45.40
CA LEU A 384 -5.99 -32.73 -45.68
C LEU A 384 -6.91 -33.23 -46.79
N ASP A 385 -6.34 -33.77 -47.87
CA ASP A 385 -7.14 -34.32 -48.97
C ASP A 385 -8.16 -35.33 -48.46
N GLY A 386 -7.71 -36.24 -47.59
CA GLY A 386 -8.61 -37.25 -47.07
C GLY A 386 -9.71 -36.65 -46.22
N PHE A 387 -9.41 -35.60 -45.46
CA PHE A 387 -10.46 -34.97 -44.66
C PHE A 387 -11.52 -34.36 -45.57
N VAL A 388 -11.09 -33.66 -46.60
CA VAL A 388 -12.04 -33.01 -47.50
C VAL A 388 -12.94 -34.06 -48.16
N ALA A 389 -12.35 -35.19 -48.59
CA ALA A 389 -13.15 -36.22 -49.25
C ALA A 389 -14.12 -36.88 -48.27
N ALA A 390 -13.75 -36.93 -46.98
CA ALA A 390 -14.60 -37.53 -45.97
C ALA A 390 -15.65 -36.56 -45.45
N LEU A 391 -15.49 -35.25 -45.71
CA LEU A 391 -16.37 -34.27 -45.09
C LEU A 391 -17.84 -34.43 -45.48
N PRO A 392 -18.21 -34.69 -46.74
CA PRO A 392 -19.64 -34.83 -47.02
C PRO A 392 -20.32 -35.91 -46.19
N ALA A 393 -19.67 -37.07 -46.02
CA ALA A 393 -20.27 -38.12 -45.22
C ALA A 393 -20.29 -37.76 -43.75
N ILE A 394 -19.25 -37.08 -43.27
CA ILE A 394 -19.24 -36.56 -41.90
C ILE A 394 -20.45 -35.68 -41.67
N LEU A 395 -20.72 -34.77 -42.62
CA LEU A 395 -21.82 -33.82 -42.44
C LEU A 395 -23.17 -34.52 -42.62
N ASP A 396 -23.26 -35.44 -43.58
CA ASP A 396 -24.50 -36.19 -43.77
C ASP A 396 -24.86 -37.01 -42.53
N ARG A 397 -23.85 -37.64 -41.91
CA ARG A 397 -24.11 -38.38 -40.68
C ARG A 397 -24.48 -37.45 -39.54
N ALA A 398 -23.91 -36.24 -39.52
CA ALA A 398 -24.23 -35.28 -38.47
C ALA A 398 -25.70 -34.87 -38.51
N VAL A 399 -26.27 -34.76 -39.71
CA VAL A 399 -27.66 -34.35 -39.85
C VAL A 399 -28.55 -35.57 -40.04
N THR B 9 30.73 -13.45 -22.22
CA THR B 9 31.00 -12.79 -20.93
C THR B 9 29.71 -12.32 -20.27
N THR B 10 29.79 -12.08 -18.96
CA THR B 10 28.63 -11.59 -18.21
C THR B 10 28.20 -10.22 -18.75
N ALA B 11 29.17 -9.35 -19.01
CA ALA B 11 28.86 -8.00 -19.53
C ALA B 11 28.09 -8.10 -20.84
N THR B 12 28.48 -8.97 -21.74
CA THR B 12 27.81 -9.10 -23.06
C THR B 12 26.38 -9.62 -22.86
N MET B 13 26.23 -10.60 -21.98
CA MET B 13 24.89 -11.15 -21.72
C MET B 13 24.00 -10.09 -21.08
N ARG B 14 24.53 -9.30 -20.15
CA ARG B 14 23.75 -8.23 -19.52
C ARG B 14 23.38 -7.17 -20.57
N GLN B 15 24.30 -6.89 -21.49
CA GLN B 15 23.98 -5.88 -22.52
C GLN B 15 22.84 -6.43 -23.38
N ARG B 16 22.90 -7.71 -23.74
CA ARG B 16 21.84 -8.29 -24.58
C ARG B 16 20.51 -8.23 -23.81
N TRP B 17 20.56 -8.54 -22.53
CA TRP B 17 19.35 -8.46 -21.71
C TRP B 17 18.76 -7.05 -21.75
N GLN B 18 19.60 -6.04 -21.49
CA GLN B 18 19.12 -4.67 -21.42
C GLN B 18 18.61 -4.15 -22.75
N ALA B 19 19.00 -4.78 -23.87
CA ALA B 19 18.55 -4.32 -25.18
C ALA B 19 17.17 -4.84 -25.55
N VAL B 20 16.68 -5.90 -24.90
CA VAL B 20 15.48 -6.55 -25.43
C VAL B 20 14.45 -6.88 -24.35
N MET B 21 14.88 -7.08 -23.11
CA MET B 21 13.94 -7.50 -22.10
C MET B 21 13.22 -6.29 -21.50
N MET B 22 11.94 -6.46 -21.15
CA MET B 22 11.35 -5.42 -20.33
C MET B 22 12.07 -5.33 -18.99
N ASN B 23 12.00 -4.17 -18.36
CA ASN B 23 12.79 -3.88 -17.17
C ASN B 23 12.02 -4.17 -15.87
N ASN B 24 11.08 -5.12 -15.91
CA ASN B 24 10.30 -5.41 -14.70
C ASN B 24 11.08 -6.17 -13.64
N TYR B 25 12.23 -6.75 -13.98
CA TYR B 25 13.11 -7.42 -13.01
C TYR B 25 14.37 -6.64 -12.72
N GLY B 26 14.56 -5.48 -13.33
CA GLY B 26 15.91 -4.94 -13.35
C GLY B 26 16.79 -5.82 -14.23
N THR B 27 18.10 -5.58 -14.12
CA THR B 27 19.06 -6.37 -14.89
C THR B 27 19.74 -7.37 -13.97
N PRO B 28 19.66 -8.67 -14.26
CA PRO B 28 20.28 -9.66 -13.39
C PRO B 28 21.77 -9.42 -13.28
N PRO B 29 22.34 -9.56 -12.08
CA PRO B 29 23.78 -9.37 -11.91
C PRO B 29 24.63 -10.55 -12.37
N ILE B 30 24.02 -11.73 -12.51
CA ILE B 30 24.71 -12.97 -12.83
C ILE B 30 24.11 -13.51 -14.11
N ALA B 31 24.94 -14.02 -15.01
CA ALA B 31 24.46 -14.75 -16.17
C ALA B 31 24.89 -16.21 -16.03
N LEU B 32 23.92 -17.12 -15.90
CA LEU B 32 24.23 -18.53 -15.73
C LEU B 32 24.28 -19.27 -17.05
N ALA B 33 25.22 -20.20 -17.14
CA ALA B 33 25.48 -21.01 -18.32
C ALA B 33 25.10 -22.47 -18.12
N SER B 34 25.35 -23.05 -16.95
CA SER B 34 25.06 -24.46 -16.76
C SER B 34 24.78 -24.72 -15.30
N GLY B 35 24.18 -25.87 -15.03
CA GLY B 35 23.91 -26.28 -13.67
C GLY B 35 23.89 -27.79 -13.55
N ASP B 36 24.26 -28.28 -12.38
CA ASP B 36 24.26 -29.72 -12.13
C ASP B 36 24.06 -29.91 -10.64
N GLY B 37 22.96 -30.52 -10.26
CA GLY B 37 22.68 -30.66 -8.84
C GLY B 37 22.45 -29.29 -8.24
N ALA B 38 23.16 -28.99 -7.16
CA ALA B 38 23.04 -27.69 -6.50
C ALA B 38 24.20 -26.76 -6.82
N VAL B 39 24.93 -27.02 -7.90
CA VAL B 39 26.05 -26.18 -8.31
C VAL B 39 25.73 -25.60 -9.67
N VAL B 40 25.84 -24.28 -9.81
CA VAL B 40 25.61 -23.66 -11.11
C VAL B 40 26.89 -22.94 -11.50
N THR B 41 27.05 -22.71 -12.80
CA THR B 41 28.25 -22.10 -13.35
C THR B 41 27.84 -20.91 -14.20
N ASP B 42 28.50 -19.76 -14.00
CA ASP B 42 28.14 -18.62 -14.81
C ASP B 42 28.95 -18.60 -16.11
N VAL B 43 28.61 -17.65 -16.99
CA VAL B 43 29.23 -17.62 -18.31
C VAL B 43 30.72 -17.31 -18.26
N ASP B 44 31.24 -16.85 -17.13
CA ASP B 44 32.67 -16.61 -16.98
C ASP B 44 33.40 -17.79 -16.35
N GLY B 45 32.67 -18.84 -15.98
CA GLY B 45 33.27 -20.03 -15.41
C GLY B 45 33.23 -20.10 -13.90
N ARG B 46 32.67 -19.10 -13.23
CA ARG B 46 32.56 -19.12 -11.78
C ARG B 46 31.48 -20.11 -11.36
N THR B 47 31.76 -20.89 -10.32
CA THR B 47 30.75 -21.78 -9.77
C THR B 47 30.12 -21.22 -8.50
N TYR B 48 28.89 -21.64 -8.24
CA TYR B 48 28.17 -21.22 -7.05
C TYR B 48 27.39 -22.40 -6.49
N ILE B 49 27.35 -22.48 -5.18
CA ILE B 49 26.43 -23.39 -4.51
C ILE B 49 25.08 -22.71 -4.39
N ASP B 50 24.04 -23.38 -4.86
CA ASP B 50 22.73 -22.76 -5.03
C ASP B 50 21.93 -23.04 -3.77
N LEU B 51 21.81 -22.03 -2.89
CA LEU B 51 21.00 -22.19 -1.68
C LEU B 51 19.63 -21.58 -1.84
N LEU B 52 19.26 -21.20 -3.05
CA LEU B 52 17.99 -20.56 -3.31
C LEU B 52 17.11 -21.34 -4.27
N GLY B 53 17.66 -22.24 -5.07
CA GLY B 53 16.85 -23.11 -5.94
C GLY B 53 15.98 -22.40 -6.95
N GLY B 54 16.42 -21.28 -7.47
CA GLY B 54 15.58 -20.51 -8.41
C GLY B 54 14.32 -20.06 -7.72
N ILE B 55 14.43 -19.76 -6.43
CA ILE B 55 13.27 -19.36 -5.60
C ILE B 55 12.40 -20.57 -5.27
N ALA B 56 13.01 -21.58 -4.66
CA ALA B 56 12.27 -22.77 -4.17
C ALA B 56 11.72 -23.64 -5.31
N VAL B 57 12.20 -23.47 -6.51
CA VAL B 57 11.66 -24.25 -7.62
C VAL B 57 12.43 -25.54 -7.82
N ASN B 58 13.76 -25.48 -7.77
CA ASN B 58 14.56 -26.64 -8.18
C ASN B 58 14.73 -27.58 -6.99
N VAL B 59 13.61 -28.22 -6.65
CA VAL B 59 13.59 -29.17 -5.53
C VAL B 59 14.61 -30.28 -5.74
N LEU B 60 14.84 -30.69 -6.97
CA LEU B 60 15.79 -31.76 -7.27
C LEU B 60 17.06 -31.24 -7.94
N GLY B 61 17.31 -29.94 -7.85
CA GLY B 61 18.50 -29.39 -8.48
C GLY B 61 18.38 -29.41 -9.99
N HIS B 62 19.52 -29.22 -10.65
CA HIS B 62 19.62 -29.26 -12.10
C HIS B 62 20.04 -30.65 -12.58
N ARG B 63 19.57 -31.01 -13.79
CA ARG B 63 19.97 -32.24 -14.46
C ARG B 63 19.61 -33.49 -13.68
N HIS B 64 18.53 -33.47 -12.91
CA HIS B 64 18.19 -34.67 -12.17
C HIS B 64 17.78 -35.77 -13.14
N PRO B 65 18.40 -36.95 -13.08
CA PRO B 65 18.15 -37.96 -14.11
C PRO B 65 16.72 -38.43 -14.17
N ALA B 66 15.99 -38.42 -13.05
CA ALA B 66 14.62 -38.91 -13.09
C ALA B 66 13.72 -37.94 -13.83
N VAL B 67 13.98 -36.64 -13.69
CA VAL B 67 13.18 -35.65 -14.39
C VAL B 67 13.53 -35.63 -15.87
N ILE B 68 14.83 -35.68 -16.18
CA ILE B 68 15.25 -35.77 -17.58
C ILE B 68 14.64 -37.00 -18.25
N GLU B 69 14.67 -38.15 -17.57
CA GLU B 69 14.12 -39.37 -18.17
C GLU B 69 12.62 -39.23 -18.41
N ALA B 70 11.89 -38.70 -17.42
CA ALA B 70 10.45 -38.56 -17.56
C ALA B 70 10.09 -37.62 -18.71
N VAL B 71 10.77 -36.48 -18.80
CA VAL B 71 10.44 -35.52 -19.85
C VAL B 71 10.79 -36.07 -21.23
N THR B 72 11.98 -36.64 -21.36
CA THR B 72 12.38 -37.20 -22.66
C THR B 72 11.47 -38.34 -23.08
N ARG B 73 11.12 -39.24 -22.16
CA ARG B 73 10.21 -40.32 -22.50
C ARG B 73 8.84 -39.77 -22.93
N GLN B 74 8.29 -38.82 -22.17
CA GLN B 74 6.96 -38.34 -22.51
C GLN B 74 6.96 -37.56 -23.81
N MET B 75 7.98 -36.74 -24.06
CA MET B 75 8.02 -36.04 -25.35
C MET B 75 8.10 -37.01 -26.52
N SER B 76 8.72 -38.17 -26.33
CA SER B 76 8.79 -39.15 -27.40
C SER B 76 7.58 -40.07 -27.43
N THR B 77 6.56 -39.77 -26.64
CA THR B 77 5.32 -40.53 -26.59
C THR B 77 4.12 -39.68 -26.97
N LEU B 78 3.85 -38.61 -26.23
CA LEU B 78 2.68 -37.77 -26.50
C LEU B 78 2.93 -36.44 -25.83
N GLY B 79 2.87 -35.37 -26.59
CA GLY B 79 2.96 -34.03 -26.03
C GLY B 79 1.61 -33.46 -25.66
N HIS B 80 1.55 -32.13 -25.68
CA HIS B 80 0.31 -31.40 -25.40
C HIS B 80 -0.87 -31.94 -26.18
N THR B 81 -2.04 -32.09 -25.51
CA THR B 81 -3.27 -32.40 -26.23
C THR B 81 -4.41 -31.42 -25.98
N SER B 82 -4.40 -30.69 -24.87
CA SER B 82 -5.46 -29.87 -24.28
C SER B 82 -6.38 -30.81 -23.51
N ASN B 83 -7.23 -30.25 -22.67
CA ASN B 83 -8.16 -31.04 -21.88
C ASN B 83 -9.45 -31.36 -22.62
N LEU B 84 -9.45 -31.20 -23.96
CA LEU B 84 -10.46 -31.87 -24.77
C LEU B 84 -10.28 -33.38 -24.77
N TYR B 85 -9.14 -33.88 -24.27
CA TYR B 85 -8.81 -35.29 -24.28
C TYR B 85 -8.21 -35.66 -22.93
N ALA B 86 -8.53 -36.86 -22.46
CA ALA B 86 -7.92 -37.36 -21.23
C ALA B 86 -6.56 -37.96 -21.56
N THR B 87 -5.57 -37.70 -20.70
CA THR B 87 -4.24 -38.28 -20.86
C THR B 87 -3.73 -38.74 -19.50
N GLU B 88 -2.90 -39.80 -19.52
CA GLU B 88 -2.55 -40.48 -18.28
C GLU B 88 -1.71 -39.64 -17.30
N PRO B 89 -0.66 -38.93 -17.72
CA PRO B 89 0.19 -38.29 -16.70
C PRO B 89 -0.56 -37.33 -15.78
N GLY B 90 -1.42 -36.47 -16.32
CA GLY B 90 -2.16 -35.53 -15.46
C GLY B 90 -3.12 -36.25 -14.54
N ILE B 91 -3.78 -37.30 -15.04
CA ILE B 91 -4.69 -38.04 -14.17
C ILE B 91 -3.92 -38.71 -13.04
N ALA B 92 -2.79 -39.35 -13.36
CA ALA B 92 -1.97 -39.99 -12.33
C ALA B 92 -1.42 -38.96 -11.35
N LEU B 93 -0.98 -37.80 -11.85
CA LEU B 93 -0.47 -36.78 -10.96
C LEU B 93 -1.55 -36.29 -10.01
N ALA B 94 -2.77 -36.08 -10.53
CA ALA B 94 -3.88 -35.67 -9.68
C ALA B 94 -4.15 -36.73 -8.61
N GLU B 95 -4.16 -38.01 -9.00
CA GLU B 95 -4.32 -39.09 -8.03
C GLU B 95 -3.25 -39.04 -6.95
N GLU B 96 -1.98 -38.83 -7.34
CA GLU B 96 -0.90 -38.81 -6.36
C GLU B 96 -1.00 -37.61 -5.44
N LEU B 97 -1.35 -36.43 -5.97
CA LEU B 97 -1.46 -35.27 -5.12
C LEU B 97 -2.62 -35.41 -4.14
N VAL B 98 -3.74 -35.98 -4.59
CA VAL B 98 -4.86 -36.20 -3.68
C VAL B 98 -4.45 -37.16 -2.57
N ALA B 99 -3.71 -38.22 -2.91
CA ALA B 99 -3.23 -39.14 -1.88
C ALA B 99 -2.33 -38.44 -0.87
N LEU B 100 -1.46 -37.55 -1.34
CA LEU B 100 -0.55 -36.86 -0.43
C LEU B 100 -1.29 -35.87 0.49
N LEU B 101 -2.35 -35.24 0.00
CA LEU B 101 -3.11 -34.33 0.85
C LEU B 101 -3.80 -35.10 1.96
N GLY B 102 -4.35 -36.27 1.64
CA GLY B 102 -4.91 -37.14 2.65
C GLY B 102 -6.18 -36.65 3.30
N ALA B 103 -6.98 -35.87 2.58
CA ALA B 103 -8.24 -35.40 3.14
C ALA B 103 -9.23 -36.55 3.29
N ASP B 104 -10.13 -36.42 4.26
CA ASP B 104 -11.12 -37.47 4.42
C ASP B 104 -12.33 -37.30 3.51
N GLN B 105 -12.46 -36.17 2.82
CA GLN B 105 -13.52 -35.95 1.86
C GLN B 105 -12.96 -36.01 0.44
N ARG B 106 -13.86 -36.14 -0.53
CA ARG B 106 -13.44 -36.17 -1.93
C ARG B 106 -12.70 -34.89 -2.28
N THR B 107 -11.54 -35.05 -2.92
CA THR B 107 -10.69 -33.96 -3.34
C THR B 107 -10.56 -34.00 -4.86
N ARG B 108 -10.66 -32.83 -5.50
CA ARG B 108 -10.55 -32.74 -6.94
C ARG B 108 -9.47 -31.73 -7.31
N VAL B 109 -8.95 -31.86 -8.53
CA VAL B 109 -7.73 -31.18 -8.94
C VAL B 109 -7.98 -30.37 -10.21
N PHE B 110 -7.43 -29.15 -10.27
CA PHE B 110 -7.36 -28.37 -11.49
C PHE B 110 -5.90 -28.00 -11.74
N PHE B 111 -5.40 -28.25 -12.96
CA PHE B 111 -4.01 -27.94 -13.27
C PHE B 111 -3.90 -26.63 -14.05
N CYS B 112 -2.77 -25.97 -13.86
CA CYS B 112 -2.49 -24.73 -14.57
C CYS B 112 -0.97 -24.60 -14.66
N ASN B 113 -0.48 -23.37 -14.87
CA ASN B 113 0.92 -23.21 -15.22
C ASN B 113 1.76 -22.48 -14.19
N SER B 114 1.16 -21.92 -13.15
CA SER B 114 1.94 -21.03 -12.30
C SER B 114 1.24 -20.94 -10.96
N GLY B 115 1.94 -20.34 -10.00
CA GLY B 115 1.31 -20.09 -8.71
C GLY B 115 0.24 -19.02 -8.79
N ALA B 116 0.48 -17.97 -9.58
CA ALA B 116 -0.57 -16.97 -9.78
C ALA B 116 -1.82 -17.60 -10.36
N GLU B 117 -1.65 -18.48 -11.37
CA GLU B 117 -2.84 -19.06 -11.97
C GLU B 117 -3.53 -20.00 -10.98
N ALA B 118 -2.76 -20.69 -10.13
CA ALA B 118 -3.38 -21.57 -9.14
C ALA B 118 -4.25 -20.76 -8.19
N ASN B 119 -3.75 -19.60 -7.76
CA ASN B 119 -4.55 -18.75 -6.88
C ASN B 119 -5.68 -18.04 -7.61
N GLU B 120 -5.53 -17.81 -8.92
CA GLU B 120 -6.66 -17.31 -9.72
C GLU B 120 -7.78 -18.32 -9.74
N ALA B 121 -7.44 -19.61 -9.89
CA ALA B 121 -8.47 -20.64 -9.82
C ALA B 121 -9.15 -20.62 -8.46
N ALA B 122 -8.37 -20.50 -7.39
CA ALA B 122 -8.95 -20.45 -6.05
C ALA B 122 -9.81 -19.19 -5.86
N PHE B 123 -9.36 -18.05 -6.40
CA PHE B 123 -10.17 -16.83 -6.39
C PHE B 123 -11.52 -17.08 -7.06
N LYS B 124 -11.49 -17.74 -8.19
CA LYS B 124 -12.75 -18.00 -8.93
C LYS B 124 -13.62 -18.98 -8.13
N LEU B 125 -13.02 -20.00 -7.52
CA LEU B 125 -13.84 -20.88 -6.65
C LEU B 125 -14.52 -20.04 -5.58
N SER B 126 -13.79 -19.09 -5.01
CA SER B 126 -14.35 -18.26 -3.91
C SER B 126 -15.61 -17.55 -4.39
N ARG B 127 -15.61 -17.13 -5.65
CA ARG B 127 -16.76 -16.38 -6.16
C ARG B 127 -18.00 -17.28 -6.22
N LEU B 128 -17.80 -18.57 -6.47
CA LEU B 128 -18.91 -19.49 -6.66
C LEU B 128 -19.61 -19.83 -5.35
N THR B 129 -19.09 -19.35 -4.21
CA THR B 129 -19.76 -19.47 -2.93
C THR B 129 -20.89 -18.47 -2.79
N GLY B 130 -21.00 -17.52 -3.71
CA GLY B 130 -21.95 -16.44 -3.61
C GLY B 130 -21.52 -15.27 -2.74
N ARG B 131 -20.29 -15.28 -2.23
CA ARG B 131 -19.74 -14.22 -1.40
C ARG B 131 -18.59 -13.57 -2.18
N THR B 132 -18.32 -12.29 -1.88
CA THR B 132 -17.30 -11.55 -2.62
C THR B 132 -16.20 -10.94 -1.76
N LYS B 133 -16.35 -11.10 -0.44
CA LYS B 133 -15.32 -10.62 0.50
C LYS B 133 -14.23 -11.66 0.71
N LEU B 134 -12.99 -11.22 0.64
CA LEU B 134 -11.81 -12.07 0.80
C LEU B 134 -10.91 -11.46 1.87
N VAL B 135 -10.19 -12.33 2.58
CA VAL B 135 -9.26 -11.89 3.63
C VAL B 135 -7.90 -12.51 3.34
N ALA B 136 -6.84 -11.69 3.44
CA ALA B 136 -5.47 -12.16 3.28
C ALA B 136 -4.61 -11.38 4.27
N ALA B 137 -3.31 -11.66 4.29
CA ALA B 137 -2.42 -11.07 5.29
C ALA B 137 -1.56 -9.95 4.71
N HIS B 138 -1.27 -8.96 5.55
CA HIS B 138 -0.31 -7.92 5.12
C HIS B 138 1.02 -8.61 4.82
N ASP B 139 1.67 -8.23 3.71
CA ASP B 139 3.00 -8.77 3.31
C ASP B 139 2.90 -10.14 2.65
N ALA B 140 1.70 -10.67 2.54
CA ALA B 140 1.54 -11.94 1.83
C ALA B 140 1.87 -11.80 0.34
N PHE B 141 2.33 -12.91 -0.23
CA PHE B 141 2.52 -12.93 -1.68
C PHE B 141 1.77 -14.10 -2.27
N HIS B 142 0.89 -13.83 -3.23
CA HIS B 142 0.04 -14.84 -3.82
C HIS B 142 0.11 -14.82 -5.34
N GLY B 143 0.95 -13.95 -5.90
CA GLY B 143 1.05 -13.83 -7.34
C GLY B 143 0.77 -12.42 -7.84
N ARG B 144 1.05 -12.26 -9.15
CA ARG B 144 1.04 -10.93 -9.80
C ARG B 144 -0.02 -10.72 -10.89
N THR B 145 -0.80 -11.74 -11.25
CA THR B 145 -1.94 -11.48 -12.13
C THR B 145 -3.01 -10.69 -11.35
N MET B 146 -4.02 -10.11 -12.06
CA MET B 146 -4.90 -9.13 -11.38
C MET B 146 -5.64 -9.71 -10.18
N GLY B 147 -6.13 -10.95 -10.28
CA GLY B 147 -6.81 -11.52 -9.12
C GLY B 147 -5.86 -11.87 -7.99
N SER B 148 -4.77 -12.57 -8.31
CA SER B 148 -3.83 -12.94 -7.26
CA SER B 148 -3.82 -12.94 -7.25
C SER B 148 -3.13 -11.72 -6.67
N LEU B 149 -2.94 -10.67 -7.48
CA LEU B 149 -2.34 -9.45 -6.96
C LEU B 149 -3.25 -8.76 -5.94
N ALA B 150 -4.57 -8.90 -6.10
CA ALA B 150 -5.48 -8.34 -5.11
C ALA B 150 -5.29 -9.02 -3.75
N LEU B 151 -4.96 -10.30 -3.75
CA LEU B 151 -4.74 -11.06 -2.52
C LEU B 151 -3.36 -10.78 -1.93
N THR B 152 -2.39 -10.58 -2.81
CA THR B 152 -1.05 -10.18 -2.38
C THR B 152 -1.14 -8.94 -1.50
N GLY B 153 -0.39 -8.94 -0.41
CA GLY B 153 -0.54 -7.87 0.56
C GLY B 153 0.62 -6.89 0.52
N GLN B 154 0.89 -6.34 -0.66
CA GLN B 154 2.09 -5.54 -0.89
C GLN B 154 1.68 -4.27 -1.61
N PRO B 155 1.32 -3.20 -0.87
CA PRO B 155 0.74 -2.01 -1.52
C PRO B 155 1.56 -1.42 -2.66
N ALA B 156 2.89 -1.37 -2.53
CA ALA B 156 3.68 -0.72 -3.57
C ALA B 156 3.61 -1.46 -4.89
N LYS B 157 3.30 -2.75 -4.87
CA LYS B 157 3.18 -3.54 -6.07
C LYS B 157 1.73 -3.66 -6.53
N GLN B 158 0.82 -3.12 -5.75
CA GLN B 158 -0.61 -3.20 -6.08
C GLN B 158 -1.15 -1.85 -6.56
N THR B 159 -0.83 -0.79 -5.82
CA THR B 159 -1.47 0.52 -6.12
C THR B 159 -1.26 1.00 -7.56
N PRO B 160 -0.13 0.79 -8.26
CA PRO B 160 -0.04 1.23 -9.67
C PRO B 160 -1.07 0.60 -10.62
N PHE B 161 -1.59 -0.58 -10.26
CA PHE B 161 -2.56 -1.36 -11.06
C PHE B 161 -4.01 -1.22 -10.58
N ALA B 162 -4.27 -0.33 -9.61
CA ALA B 162 -5.64 -0.12 -9.10
C ALA B 162 -6.53 0.42 -10.21
N PRO B 163 -7.83 0.09 -10.21
CA PRO B 163 -8.43 -0.78 -9.22
C PRO B 163 -8.23 -2.29 -9.46
N LEU B 164 -8.01 -3.02 -8.37
CA LEU B 164 -7.89 -4.49 -8.42
C LEU B 164 -9.25 -5.13 -8.08
N PRO B 165 -9.46 -6.41 -8.46
CA PRO B 165 -10.68 -7.12 -8.15
C PRO B 165 -11.02 -7.09 -6.65
N GLY B 166 -12.30 -6.93 -6.31
CA GLY B 166 -12.67 -6.85 -4.88
C GLY B 166 -13.17 -8.14 -4.29
N ASP B 167 -13.54 -8.11 -3.01
CA ASP B 167 -13.27 -6.99 -2.08
C ASP B 167 -12.36 -7.56 -0.99
N VAL B 168 -11.10 -7.14 -0.96
CA VAL B 168 -10.13 -7.83 -0.08
C VAL B 168 -9.76 -7.00 1.13
N THR B 169 -9.79 -7.62 2.31
CA THR B 169 -9.29 -6.96 3.52
C THR B 169 -8.00 -7.67 3.91
N HIS B 170 -6.97 -6.91 4.25
CA HIS B 170 -5.71 -7.50 4.73
C HIS B 170 -5.62 -7.33 6.24
N VAL B 171 -5.09 -8.33 6.90
CA VAL B 171 -4.91 -8.28 8.37
C VAL B 171 -3.48 -8.70 8.70
N GLY B 172 -3.06 -8.38 9.90
CA GLY B 172 -1.72 -8.76 10.31
C GLY B 172 -1.56 -10.26 10.36
N TYR B 173 -0.51 -10.75 9.73
CA TYR B 173 -0.26 -12.19 9.72
C TYR B 173 -0.04 -12.71 11.13
N GLY B 174 -0.65 -13.84 11.45
CA GLY B 174 -0.42 -14.46 12.74
C GLY B 174 -1.27 -13.94 13.88
N ASP B 175 -2.13 -12.95 13.63
CA ASP B 175 -2.92 -12.30 14.67
C ASP B 175 -4.30 -12.94 14.66
N VAL B 176 -4.59 -13.76 15.68
CA VAL B 176 -5.84 -14.51 15.69
C VAL B 176 -7.03 -13.58 15.85
N ASP B 177 -6.93 -12.62 16.76
CA ASP B 177 -8.07 -11.75 17.01
C ASP B 177 -8.39 -10.91 15.77
N ALA B 178 -7.35 -10.45 15.06
CA ALA B 178 -7.58 -9.64 13.87
C ALA B 178 -8.27 -10.46 12.80
N LEU B 179 -7.89 -11.73 12.66
CA LEU B 179 -8.51 -12.60 11.67
C LEU B 179 -9.95 -12.90 12.03
N ALA B 180 -10.21 -13.22 13.31
CA ALA B 180 -11.58 -13.46 13.75
C ALA B 180 -12.46 -12.24 13.51
N ALA B 181 -11.90 -11.04 13.70
CA ALA B 181 -12.71 -9.83 13.53
C ALA B 181 -13.02 -9.56 12.06
N ALA B 182 -12.11 -9.96 11.17
CA ALA B 182 -12.25 -9.68 9.75
C ALA B 182 -13.14 -10.67 9.03
N VAL B 183 -13.28 -11.88 9.54
CA VAL B 183 -14.01 -12.94 8.85
C VAL B 183 -15.44 -12.94 9.37
N ASP B 184 -16.38 -12.82 8.47
CA ASP B 184 -17.81 -12.85 8.87
C ASP B 184 -18.60 -13.71 7.88
N ASP B 185 -19.92 -13.61 7.90
CA ASP B 185 -20.81 -14.41 7.02
C ASP B 185 -20.85 -13.90 5.57
N HIS B 186 -20.13 -12.84 5.24
CA HIS B 186 -19.98 -12.38 3.84
C HIS B 186 -18.58 -12.74 3.31
N THR B 187 -17.76 -13.44 4.10
CA THR B 187 -16.41 -13.73 3.67
C THR B 187 -16.37 -15.00 2.83
N ALA B 188 -15.97 -14.87 1.56
CA ALA B 188 -15.89 -16.03 0.68
C ALA B 188 -14.73 -16.94 1.06
N ALA B 189 -13.58 -16.36 1.38
CA ALA B 189 -12.38 -17.15 1.58
C ALA B 189 -11.35 -16.35 2.34
N VAL B 190 -10.52 -17.07 3.08
CA VAL B 190 -9.29 -16.58 3.67
C VAL B 190 -8.14 -17.26 2.95
N PHE B 191 -7.19 -16.47 2.43
CA PHE B 191 -5.96 -17.00 1.83
C PHE B 191 -4.83 -16.79 2.83
N LEU B 192 -4.06 -17.84 3.09
CA LEU B 192 -2.89 -17.72 3.95
C LEU B 192 -1.75 -18.58 3.40
N GLU B 193 -0.53 -18.05 3.46
CA GLU B 193 0.67 -18.88 3.35
C GLU B 193 0.95 -19.53 4.72
N PRO B 194 1.29 -20.82 4.77
CA PRO B 194 1.61 -21.41 6.08
C PRO B 194 2.88 -20.85 6.70
N ILE B 195 3.79 -20.36 5.87
CA ILE B 195 4.94 -19.55 6.23
C ILE B 195 5.03 -18.50 5.13
N MET B 196 5.06 -17.22 5.47
CA MET B 196 5.17 -16.22 4.41
C MET B 196 6.59 -16.21 3.85
N GLY B 197 6.74 -16.57 2.57
CA GLY B 197 8.06 -16.73 2.01
C GLY B 197 8.67 -15.42 1.56
N GLU B 198 8.02 -14.81 0.57
CA GLU B 198 8.47 -13.56 -0.02
C GLU B 198 8.73 -12.48 1.04
N SER B 199 7.89 -12.43 2.09
CA SER B 199 8.01 -11.45 3.17
C SER B 199 9.28 -11.61 3.99
N GLY B 200 9.87 -12.80 4.04
CA GLY B 200 11.05 -13.03 4.84
C GLY B 200 10.97 -14.27 5.72
N VAL B 201 10.31 -15.32 5.21
CA VAL B 201 10.14 -16.62 5.85
C VAL B 201 9.54 -16.35 7.24
N VAL B 202 8.36 -15.74 7.24
CA VAL B 202 7.67 -15.34 8.46
C VAL B 202 6.82 -16.51 8.92
N VAL B 203 7.15 -17.06 10.08
CA VAL B 203 6.46 -18.24 10.60
C VAL B 203 5.37 -17.75 11.54
N PRO B 204 4.15 -18.28 11.45
CA PRO B 204 3.08 -17.83 12.32
C PRO B 204 3.21 -18.42 13.71
N PRO B 205 2.54 -17.83 14.71
CA PRO B 205 2.60 -18.39 16.07
C PRO B 205 1.96 -19.78 16.10
N ALA B 206 2.38 -20.59 17.07
CA ALA B 206 1.74 -21.88 17.27
C ALA B 206 0.24 -21.70 17.39
N GLY B 207 -0.52 -22.57 16.73
CA GLY B 207 -1.96 -22.56 16.82
C GLY B 207 -2.67 -21.66 15.83
N TYR B 208 -1.95 -20.83 15.09
CA TYR B 208 -2.58 -19.84 14.21
C TYR B 208 -3.37 -20.50 13.10
N LEU B 209 -2.76 -21.44 12.38
CA LEU B 209 -3.44 -22.07 11.26
C LEU B 209 -4.64 -22.85 11.74
N ALA B 210 -4.54 -23.48 12.92
CA ALA B 210 -5.68 -24.17 13.50
C ALA B 210 -6.80 -23.18 13.82
N ALA B 211 -6.45 -22.00 14.35
CA ALA B 211 -7.44 -20.98 14.61
C ALA B 211 -8.07 -20.50 13.30
N ALA B 212 -7.26 -20.31 12.26
CA ALA B 212 -7.80 -19.89 10.97
C ALA B 212 -8.79 -20.92 10.43
N ARG B 213 -8.47 -22.20 10.60
CA ARG B 213 -9.38 -23.25 10.17
C ARG B 213 -10.70 -23.20 10.95
N ASP B 214 -10.62 -22.97 12.26
CA ASP B 214 -11.85 -22.90 13.05
C ASP B 214 -12.66 -21.65 12.73
N ILE B 215 -12.01 -20.50 12.61
CA ILE B 215 -12.70 -19.26 12.28
C ILE B 215 -13.44 -19.41 10.95
N THR B 216 -12.74 -19.90 9.92
CA THR B 216 -13.37 -20.01 8.60
C THR B 216 -14.50 -21.02 8.60
N ALA B 217 -14.30 -22.17 9.24
CA ALA B 217 -15.36 -23.18 9.26
C ALA B 217 -16.61 -22.64 9.95
N ARG B 218 -16.43 -21.92 11.06
CA ARG B 218 -17.60 -21.43 11.78
C ARG B 218 -18.37 -20.40 10.94
N ARG B 219 -17.66 -19.62 10.12
CA ARG B 219 -18.29 -18.51 9.41
C ARG B 219 -18.69 -18.86 7.98
N GLY B 220 -18.46 -20.11 7.54
CA GLY B 220 -18.82 -20.51 6.20
C GLY B 220 -17.85 -20.06 5.14
N ALA B 221 -16.65 -19.63 5.53
CA ALA B 221 -15.64 -19.17 4.59
C ALA B 221 -14.72 -20.32 4.21
N LEU B 222 -14.24 -20.29 2.96
CA LEU B 222 -13.20 -21.23 2.56
C LEU B 222 -11.87 -20.86 3.20
N LEU B 223 -11.12 -21.88 3.64
CA LEU B 223 -9.72 -21.67 4.00
C LEU B 223 -8.87 -22.14 2.83
N VAL B 224 -8.14 -21.21 2.21
CA VAL B 224 -7.25 -21.49 1.09
C VAL B 224 -5.84 -21.38 1.61
N LEU B 225 -5.07 -22.46 1.55
CA LEU B 225 -3.67 -22.42 1.95
C LEU B 225 -2.81 -22.42 0.69
N ASP B 226 -1.99 -21.39 0.57
CA ASP B 226 -1.08 -21.21 -0.55
C ASP B 226 0.23 -21.90 -0.19
N GLU B 227 0.45 -23.08 -0.78
CA GLU B 227 1.62 -23.91 -0.53
C GLU B 227 2.57 -23.87 -1.73
N VAL B 228 2.45 -22.84 -2.57
CA VAL B 228 3.32 -22.71 -3.74
C VAL B 228 4.79 -22.73 -3.34
N GLN B 229 5.13 -22.05 -2.25
CA GLN B 229 6.52 -22.02 -1.81
C GLN B 229 6.80 -22.97 -0.67
N THR B 230 5.82 -23.31 0.16
CA THR B 230 6.06 -24.13 1.34
C THR B 230 5.84 -25.61 1.10
N GLY B 231 5.31 -25.98 -0.07
CA GLY B 231 4.95 -27.35 -0.37
C GLY B 231 6.12 -28.16 -0.90
N MET B 232 5.77 -29.25 -1.58
CA MET B 232 6.74 -30.20 -2.13
C MET B 232 7.71 -30.73 -1.09
N GLY B 233 7.26 -30.89 0.15
CA GLY B 233 8.07 -31.52 1.18
C GLY B 233 9.14 -30.63 1.80
N ARG B 234 9.19 -29.36 1.41
CA ARG B 234 10.31 -28.49 1.81
C ARG B 234 10.42 -28.39 3.32
N THR B 235 9.30 -28.37 4.04
CA THR B 235 9.36 -28.14 5.49
C THR B 235 9.38 -29.44 6.30
N GLY B 236 9.45 -30.59 5.66
CA GLY B 236 9.49 -31.85 6.38
C GLY B 236 8.15 -32.57 6.47
N ALA B 237 7.10 -31.99 5.90
CA ALA B 237 5.86 -32.67 5.57
C ALA B 237 5.56 -32.28 4.13
N PHE B 238 4.77 -33.09 3.41
CA PHE B 238 4.60 -32.75 2.00
C PHE B 238 3.98 -31.37 1.86
N PHE B 239 2.88 -31.13 2.57
CA PHE B 239 2.31 -29.80 2.72
C PHE B 239 2.68 -29.27 4.10
N ALA B 240 3.12 -28.01 4.16
CA ALA B 240 3.52 -27.45 5.45
C ALA B 240 2.36 -27.44 6.43
N HIS B 241 1.12 -27.27 5.94
CA HIS B 241 0.02 -27.22 6.88
C HIS B 241 -0.23 -28.57 7.55
N GLN B 242 0.34 -29.65 7.04
CA GLN B 242 0.11 -30.93 7.69
C GLN B 242 0.81 -30.98 9.05
N HIS B 243 1.79 -30.12 9.30
CA HIS B 243 2.40 -30.06 10.62
C HIS B 243 1.40 -29.66 11.69
N ASP B 244 0.35 -28.94 11.31
CA ASP B 244 -0.63 -28.44 12.27
C ASP B 244 -1.92 -29.24 12.29
N GLY B 245 -1.99 -30.33 11.52
CA GLY B 245 -3.11 -31.24 11.62
C GLY B 245 -4.44 -30.66 11.19
N ILE B 246 -4.45 -29.76 10.22
CA ILE B 246 -5.66 -29.19 9.69
C ILE B 246 -5.83 -29.62 8.24
N THR B 247 -7.06 -29.51 7.75
CA THR B 247 -7.35 -29.78 6.35
C THR B 247 -8.04 -28.54 5.81
N PRO B 248 -7.41 -27.81 4.91
CA PRO B 248 -8.05 -26.63 4.33
C PRO B 248 -9.09 -27.06 3.31
N ASP B 249 -9.83 -26.08 2.81
CA ASP B 249 -10.79 -26.36 1.76
C ASP B 249 -10.14 -26.35 0.39
N VAL B 250 -9.11 -25.53 0.22
CA VAL B 250 -8.40 -25.37 -1.05
C VAL B 250 -6.91 -25.27 -0.74
N VAL B 251 -6.09 -25.91 -1.58
CA VAL B 251 -4.63 -25.82 -1.47
C VAL B 251 -4.10 -25.48 -2.84
N THR B 252 -3.17 -24.53 -2.92
CA THR B 252 -2.54 -24.23 -4.20
C THR B 252 -1.07 -24.61 -4.17
N LEU B 253 -0.57 -25.06 -5.32
CA LEU B 253 0.80 -25.54 -5.48
C LEU B 253 1.35 -25.00 -6.79
N ALA B 254 2.66 -24.78 -6.82
CA ALA B 254 3.38 -24.54 -8.07
C ALA B 254 4.87 -24.59 -7.73
N GLY B 256 8.12 -25.61 -7.10
CA GLY B 256 8.77 -26.92 -7.18
C GLY B 256 7.99 -28.12 -7.72
N LEU B 257 6.68 -27.92 -7.94
CA LEU B 257 5.80 -29.02 -8.33
C LEU B 257 6.33 -29.79 -9.54
N GLY B 258 6.89 -29.08 -10.52
CA GLY B 258 7.41 -29.70 -11.73
C GLY B 258 8.91 -29.85 -11.74
N GLY B 259 9.58 -29.67 -10.60
CA GLY B 259 11.04 -29.75 -10.56
C GLY B 259 11.73 -28.77 -11.47
N GLY B 260 11.02 -27.71 -11.90
CA GLY B 260 11.52 -26.75 -12.87
C GLY B 260 10.61 -26.59 -14.08
N LEU B 261 9.90 -27.64 -14.45
CA LEU B 261 8.97 -27.47 -15.57
C LEU B 261 7.74 -26.68 -15.09
N PRO B 262 7.16 -25.82 -15.92
CA PRO B 262 6.08 -24.94 -15.42
C PRO B 262 4.80 -25.74 -15.21
N ILE B 263 4.34 -25.80 -13.97
CA ILE B 263 3.07 -26.45 -13.65
C ILE B 263 2.59 -25.96 -12.30
N GLY B 264 1.28 -25.81 -12.18
CA GLY B 264 0.66 -25.46 -10.92
C GLY B 264 -0.62 -26.25 -10.74
N ALA B 265 -1.16 -26.22 -9.52
CA ALA B 265 -2.35 -27.01 -9.26
C ALA B 265 -3.19 -26.34 -8.19
N CYS B 266 -4.51 -26.49 -8.32
CA CYS B 266 -5.44 -26.08 -7.30
C CYS B 266 -6.20 -27.33 -6.87
N LEU B 267 -6.09 -27.69 -5.60
CA LEU B 267 -6.81 -28.83 -5.03
C LEU B 267 -7.94 -28.32 -4.16
N ALA B 268 -9.12 -28.92 -4.28
CA ALA B 268 -10.26 -28.48 -3.49
C ALA B 268 -10.90 -29.69 -2.83
N VAL B 269 -11.37 -29.50 -1.60
CA VAL B 269 -11.80 -30.59 -0.72
C VAL B 269 -13.29 -30.43 -0.40
N GLY B 270 -14.02 -31.55 -0.46
CA GLY B 270 -15.41 -31.54 -0.05
C GLY B 270 -16.28 -30.70 -0.96
N PRO B 271 -17.24 -29.96 -0.40
CA PRO B 271 -18.13 -29.16 -1.25
C PRO B 271 -17.39 -28.20 -2.18
N ALA B 272 -16.23 -27.68 -1.76
CA ALA B 272 -15.48 -26.79 -2.63
C ALA B 272 -15.06 -27.48 -3.92
N ALA B 273 -14.91 -28.81 -3.88
CA ALA B 273 -14.45 -29.54 -5.06
C ALA B 273 -15.49 -29.58 -6.17
N GLU B 274 -16.75 -29.27 -5.86
CA GLU B 274 -17.84 -29.38 -6.81
C GLU B 274 -18.29 -28.03 -7.35
N LEU B 275 -17.66 -26.94 -6.90
CA LEU B 275 -18.10 -25.61 -7.30
C LEU B 275 -17.87 -25.36 -8.80
N LEU B 276 -16.72 -25.78 -9.33
CA LEU B 276 -16.47 -25.59 -10.76
C LEU B 276 -17.23 -26.63 -11.58
N THR B 277 -18.08 -26.15 -12.47
CA THR B 277 -18.87 -27.00 -13.34
C THR B 277 -18.43 -26.77 -14.78
N PRO B 278 -18.88 -27.58 -15.76
CA PRO B 278 -18.27 -27.52 -17.09
C PRO B 278 -18.42 -26.16 -17.75
N GLY B 279 -17.31 -25.68 -18.32
CA GLY B 279 -17.29 -24.41 -19.03
C GLY B 279 -16.89 -23.22 -18.19
N LEU B 280 -16.74 -23.38 -16.88
CA LEU B 280 -16.54 -22.22 -16.02
C LEU B 280 -15.08 -21.87 -15.78
N HIS B 281 -14.13 -22.75 -16.13
CA HIS B 281 -12.72 -22.37 -16.00
C HIS B 281 -11.90 -23.30 -16.88
N GLY B 282 -10.67 -22.88 -17.17
CA GLY B 282 -9.78 -23.73 -17.96
C GLY B 282 -8.45 -23.03 -18.20
N SER B 283 -7.51 -23.80 -18.76
CA SER B 283 -6.18 -23.30 -19.12
C SER B 283 -5.66 -24.21 -20.22
N THR B 284 -5.28 -23.64 -21.37
CA THR B 284 -4.90 -24.47 -22.52
C THR B 284 -3.83 -25.50 -22.16
N PHE B 285 -2.73 -25.06 -21.53
CA PHE B 285 -1.61 -25.95 -21.23
C PHE B 285 -1.82 -26.79 -19.97
N GLY B 286 -2.89 -26.55 -19.22
CA GLY B 286 -3.04 -27.17 -17.91
C GLY B 286 -3.06 -28.68 -17.96
N GLY B 287 -2.23 -29.32 -17.13
CA GLY B 287 -2.22 -30.77 -17.07
C GLY B 287 -1.57 -31.45 -18.25
N ASN B 288 -0.76 -30.73 -19.02
CA ASN B 288 -0.21 -31.35 -20.21
C ASN B 288 0.74 -32.50 -19.84
N PRO B 289 0.85 -33.50 -20.71
CA PRO B 289 1.58 -34.71 -20.35
C PRO B 289 3.04 -34.49 -19.99
N VAL B 290 3.74 -33.56 -20.65
CA VAL B 290 5.18 -33.43 -20.40
C VAL B 290 5.44 -32.83 -19.02
N CYS B 291 4.75 -31.73 -18.69
CA CYS B 291 4.94 -31.16 -17.36
C CYS B 291 4.41 -32.08 -16.27
N ALA B 292 3.28 -32.75 -16.51
CA ALA B 292 2.76 -33.67 -15.51
C ALA B 292 3.71 -34.84 -15.31
N ALA B 293 4.34 -35.32 -16.39
CA ALA B 293 5.34 -36.39 -16.24
C ALA B 293 6.50 -35.94 -15.38
N ALA B 294 6.98 -34.70 -15.58
CA ALA B 294 8.04 -34.15 -14.74
C ALA B 294 7.62 -34.15 -13.28
N ALA B 295 6.40 -33.68 -13.00
CA ALA B 295 5.94 -33.60 -11.62
C ALA B 295 5.79 -34.98 -11.01
N LEU B 296 5.31 -35.95 -11.79
CA LEU B 296 5.23 -37.32 -11.29
C LEU B 296 6.61 -37.83 -10.91
N ALA B 297 7.63 -37.51 -11.70
CA ALA B 297 8.99 -37.92 -11.39
C ALA B 297 9.47 -37.30 -10.08
N VAL B 298 9.18 -36.01 -9.87
CA VAL B 298 9.54 -35.36 -8.63
C VAL B 298 8.94 -36.10 -7.44
N LEU B 299 7.63 -36.38 -7.50
CA LEU B 299 6.99 -37.09 -6.40
C LEU B 299 7.64 -38.45 -6.17
N ARG B 300 8.00 -39.16 -7.25
CA ARG B 300 8.64 -40.47 -7.09
C ARG B 300 9.97 -40.35 -6.37
N VAL B 301 10.78 -39.36 -6.76
CA VAL B 301 12.09 -39.19 -6.13
C VAL B 301 11.94 -38.75 -4.68
N LEU B 302 11.02 -37.81 -4.41
CA LEU B 302 10.78 -37.46 -3.01
C LEU B 302 10.51 -38.70 -2.18
N ALA B 303 9.65 -39.58 -2.69
CA ALA B 303 9.28 -40.77 -1.92
C ALA B 303 10.44 -41.76 -1.85
N SER B 304 11.07 -42.06 -3.00
CA SER B 304 12.07 -43.12 -3.02
C SER B 304 13.32 -42.72 -2.25
N ASP B 305 13.71 -41.45 -2.25
CA ASP B 305 14.91 -41.01 -1.56
C ASP B 305 14.62 -40.40 -0.20
N GLY B 306 13.36 -40.42 0.24
CA GLY B 306 13.01 -39.92 1.56
C GLY B 306 13.37 -38.46 1.77
N LEU B 307 13.19 -37.64 0.74
CA LEU B 307 13.69 -36.27 0.79
C LEU B 307 12.86 -35.37 1.69
N VAL B 308 11.61 -35.73 1.97
CA VAL B 308 10.80 -34.91 2.86
C VAL B 308 11.32 -35.00 4.28
N ARG B 309 11.51 -36.21 4.79
CA ARG B 309 12.10 -36.34 6.12
C ARG B 309 13.52 -35.82 6.14
N ARG B 310 14.24 -35.96 5.02
CA ARG B 310 15.60 -35.44 4.97
C ARG B 310 15.61 -33.92 5.07
N ALA B 311 14.61 -33.25 4.49
CA ALA B 311 14.59 -31.79 4.58
C ALA B 311 14.48 -31.33 6.03
N GLU B 312 13.68 -32.04 6.84
CA GLU B 312 13.59 -31.73 8.27
C GLU B 312 14.94 -31.87 8.95
N VAL B 313 15.63 -32.99 8.71
CA VAL B 313 16.91 -33.25 9.37
C VAL B 313 17.95 -32.22 8.97
N LEU B 314 18.04 -31.92 7.68
CA LEU B 314 19.03 -30.95 7.20
C LEU B 314 18.69 -29.56 7.69
N GLY B 315 17.40 -29.20 7.67
CA GLY B 315 16.99 -27.90 8.17
C GLY B 315 17.33 -27.69 9.63
N LYS B 316 17.16 -28.74 10.46
CA LYS B 316 17.55 -28.65 11.87
C LYS B 316 19.06 -28.50 12.01
N SER B 317 19.84 -29.33 11.31
CA SER B 317 21.30 -29.21 11.37
C SER B 317 21.73 -27.82 10.92
N LEU B 318 21.12 -27.31 9.85
CA LEU B 318 21.47 -26.00 9.32
C LEU B 318 21.14 -24.89 10.31
N ARG B 319 19.91 -24.90 10.81
CA ARG B 319 19.49 -23.93 11.82
C ARG B 319 20.39 -23.96 13.04
N HIS B 320 20.64 -25.16 13.59
CA HIS B 320 21.49 -25.27 14.77
C HIS B 320 22.89 -24.73 14.49
N GLY B 321 23.42 -25.04 13.30
CA GLY B 321 24.75 -24.57 12.95
C GLY B 321 24.83 -23.06 12.83
N ILE B 322 23.80 -22.42 12.25
CA ILE B 322 23.81 -20.96 12.15
C ILE B 322 23.70 -20.33 13.52
N GLU B 323 22.76 -20.80 14.34
CA GLU B 323 22.63 -20.29 15.70
C GLU B 323 23.93 -20.47 16.49
N ALA B 324 24.63 -21.58 16.27
CA ALA B 324 25.83 -21.86 17.04
C ALA B 324 26.97 -20.89 16.74
N LEU B 325 26.92 -20.21 15.59
CA LEU B 325 27.94 -19.22 15.25
C LEU B 325 27.98 -18.10 16.29
N GLY B 326 26.83 -17.77 16.87
CA GLY B 326 26.75 -16.63 17.78
C GLY B 326 27.23 -15.34 17.14
N HIS B 327 26.89 -15.13 15.88
CA HIS B 327 27.33 -13.93 15.19
C HIS B 327 26.46 -12.75 15.58
N PRO B 328 27.06 -11.59 15.87
CA PRO B 328 26.25 -10.46 16.40
C PRO B 328 25.30 -9.86 15.38
N LEU B 329 25.48 -10.10 14.09
CA LEU B 329 24.55 -9.59 13.11
C LEU B 329 23.32 -10.50 12.96
N ILE B 330 23.35 -11.71 13.51
CA ILE B 330 22.24 -12.64 13.37
C ILE B 330 21.35 -12.49 14.60
N ASP B 331 20.11 -12.08 14.39
CA ASP B 331 19.18 -12.00 15.50
C ASP B 331 18.56 -13.35 15.82
N HIS B 332 17.97 -14.01 14.83
CA HIS B 332 17.49 -15.37 15.01
C HIS B 332 17.38 -16.04 13.66
N VAL B 333 17.15 -17.34 13.70
CA VAL B 333 16.90 -18.16 12.53
C VAL B 333 15.46 -18.65 12.60
N ARG B 334 14.75 -18.59 11.48
CA ARG B 334 13.38 -19.06 11.50
C ARG B 334 13.06 -19.85 10.24
N GLY B 335 11.92 -20.52 10.29
CA GLY B 335 11.50 -21.34 9.17
C GLY B 335 11.32 -22.78 9.60
N ARG B 336 11.31 -23.69 8.63
CA ARG B 336 11.11 -25.09 8.92
C ARG B 336 11.69 -25.88 7.76
N GLY B 337 12.41 -26.95 8.08
CA GLY B 337 13.00 -27.75 7.02
C GLY B 337 13.95 -26.89 6.20
N LEU B 338 13.83 -26.97 4.86
CA LEU B 338 14.71 -26.26 3.96
C LEU B 338 14.05 -24.98 3.39
N LEU B 339 13.21 -24.31 4.19
CA LEU B 339 12.78 -22.94 3.93
C LEU B 339 13.22 -22.19 5.17
N LEU B 340 14.29 -21.43 5.03
CA LEU B 340 14.89 -20.83 6.24
C LEU B 340 15.12 -19.35 6.06
N GLY B 341 14.86 -18.63 7.13
CA GLY B 341 15.20 -17.23 7.06
C GLY B 341 16.23 -16.84 8.12
N ILE B 342 17.24 -16.04 7.74
CA ILE B 342 18.23 -15.55 8.69
C ILE B 342 17.86 -14.10 8.96
N ALA B 343 17.30 -13.83 10.14
CA ALA B 343 16.87 -12.49 10.51
C ALA B 343 18.03 -11.74 11.15
N LEU B 344 18.34 -10.57 10.62
CA LEU B 344 19.53 -9.85 11.01
C LEU B 344 19.20 -8.74 12.01
N THR B 345 20.21 -8.33 12.76
CA THR B 345 20.06 -7.25 13.75
C THR B 345 20.12 -5.87 13.12
N ALA B 346 20.41 -5.79 11.82
CA ALA B 346 20.51 -4.54 11.07
C ALA B 346 20.23 -4.84 9.62
N PRO B 347 19.74 -3.86 8.85
CA PRO B 347 19.28 -4.14 7.46
C PRO B 347 20.42 -4.25 6.45
N HIS B 348 21.18 -5.34 6.54
CA HIS B 348 22.29 -5.57 5.63
C HIS B 348 22.10 -6.83 4.78
N ALA B 349 20.86 -7.26 4.59
CA ALA B 349 20.66 -8.52 3.87
C ALA B 349 21.06 -8.40 2.41
N LYS B 350 20.81 -7.23 1.79
CA LYS B 350 21.19 -7.08 0.40
C LYS B 350 22.70 -7.08 0.23
N ASP B 351 23.43 -6.45 1.17
CA ASP B 351 24.89 -6.54 1.17
C ASP B 351 25.35 -7.97 1.37
N ALA B 352 24.72 -8.68 2.31
CA ALA B 352 25.11 -10.07 2.58
C ALA B 352 24.80 -10.96 1.39
N GLU B 353 23.74 -10.66 0.64
CA GLU B 353 23.49 -11.39 -0.59
C GLU B 353 24.67 -11.24 -1.55
N ALA B 354 25.24 -10.03 -1.64
CA ALA B 354 26.37 -9.78 -2.52
C ALA B 354 27.66 -10.43 -2.00
N THR B 355 27.92 -10.35 -0.70
CA THR B 355 29.15 -10.97 -0.21
C THR B 355 29.05 -12.49 -0.21
N ALA B 356 27.84 -13.04 -0.03
CA ALA B 356 27.65 -14.47 -0.21
C ALA B 356 27.97 -14.85 -1.65
N ARG B 357 27.51 -14.03 -2.61
CA ARG B 357 27.81 -14.27 -4.01
C ARG B 357 29.32 -14.24 -4.28
N ASP B 358 30.04 -13.28 -3.68
CA ASP B 358 31.50 -13.26 -3.78
C ASP B 358 32.11 -14.57 -3.30
N ALA B 359 31.51 -15.19 -2.29
CA ALA B 359 32.02 -16.42 -1.69
C ALA B 359 31.47 -17.68 -2.38
N GLY B 360 30.69 -17.52 -3.44
CA GLY B 360 30.20 -18.67 -4.18
C GLY B 360 28.92 -19.27 -3.66
N TYR B 361 28.05 -18.47 -3.02
CA TYR B 361 26.77 -18.95 -2.51
C TYR B 361 25.66 -18.05 -3.05
N LEU B 362 24.56 -18.67 -3.50
CA LEU B 362 23.39 -17.95 -3.98
C LEU B 362 22.34 -17.96 -2.87
N VAL B 363 22.06 -16.79 -2.31
CA VAL B 363 21.04 -16.60 -1.29
C VAL B 363 20.18 -15.41 -1.73
N ASN B 364 19.14 -15.11 -0.96
CA ASN B 364 18.17 -14.08 -1.36
C ASN B 364 17.95 -13.10 -0.22
N ALA B 365 18.10 -11.81 -0.49
CA ALA B 365 17.68 -10.77 0.47
C ALA B 365 16.18 -10.60 0.32
N ALA B 366 15.41 -11.33 1.11
CA ALA B 366 13.96 -11.30 0.97
C ALA B 366 13.36 -10.05 1.57
N ALA B 367 14.01 -9.50 2.57
CA ALA B 367 13.66 -8.22 3.17
C ALA B 367 14.98 -7.52 3.49
N PRO B 368 14.96 -6.22 3.80
CA PRO B 368 16.23 -5.52 4.09
C PRO B 368 17.06 -6.20 5.18
N ASP B 369 16.39 -6.96 6.05
CA ASP B 369 17.03 -7.59 7.20
C ASP B 369 16.81 -9.10 7.29
N VAL B 370 16.43 -9.76 6.19
CA VAL B 370 16.24 -11.22 6.20
C VAL B 370 16.92 -11.82 4.97
N ILE B 371 17.80 -12.79 5.20
CA ILE B 371 18.33 -13.63 4.14
C ILE B 371 17.50 -14.91 4.07
N ARG B 372 16.95 -15.19 2.88
CA ARG B 372 16.11 -16.37 2.68
C ARG B 372 16.92 -17.46 1.97
N LEU B 373 16.81 -18.69 2.46
CA LEU B 373 17.39 -19.87 1.83
C LEU B 373 16.27 -20.82 1.46
N ALA B 374 16.36 -21.42 0.27
CA ALA B 374 15.45 -22.48 -0.16
C ALA B 374 16.22 -23.43 -1.05
N PRO B 375 17.16 -24.18 -0.48
CA PRO B 375 18.05 -25.00 -1.30
C PRO B 375 17.33 -26.20 -1.90
N PRO B 376 17.88 -26.80 -2.96
CA PRO B 376 17.36 -28.07 -3.46
C PRO B 376 17.29 -29.08 -2.33
N LEU B 377 16.26 -29.93 -2.35
CA LEU B 377 16.16 -30.95 -1.32
C LEU B 377 17.26 -31.98 -1.44
N ILE B 378 17.98 -31.97 -2.56
CA ILE B 378 19.11 -32.91 -2.79
C ILE B 378 20.44 -32.25 -2.36
N ILE B 379 20.40 -31.06 -1.78
CA ILE B 379 21.62 -30.41 -1.31
C ILE B 379 22.34 -31.36 -0.36
N ALA B 380 23.67 -31.42 -0.45
CA ALA B 380 24.44 -32.23 0.49
C ALA B 380 24.58 -31.49 1.81
N GLU B 381 24.56 -32.24 2.93
CA GLU B 381 24.84 -31.58 4.19
C GLU B 381 26.20 -30.90 4.16
N ALA B 382 27.16 -31.48 3.44
CA ALA B 382 28.49 -30.90 3.37
C ALA B 382 28.46 -29.51 2.74
N GLN B 383 27.58 -29.31 1.76
CA GLN B 383 27.45 -28.00 1.14
C GLN B 383 26.81 -27.01 2.09
N LEU B 384 25.81 -27.46 2.86
CA LEU B 384 25.25 -26.63 3.92
C LEU B 384 26.29 -26.30 4.98
N ASP B 385 27.05 -27.32 5.42
CA ASP B 385 28.10 -27.10 6.42
C ASP B 385 29.09 -26.05 5.94
N GLY B 386 29.43 -26.09 4.66
CA GLY B 386 30.39 -25.13 4.14
C GLY B 386 29.85 -23.72 4.15
N PHE B 387 28.56 -23.56 3.85
CA PHE B 387 27.94 -22.25 3.94
C PHE B 387 27.96 -21.73 5.38
N VAL B 388 27.62 -22.59 6.36
CA VAL B 388 27.66 -22.15 7.74
C VAL B 388 29.08 -21.72 8.12
N ALA B 389 30.08 -22.46 7.67
CA ALA B 389 31.46 -22.11 8.03
C ALA B 389 31.89 -20.81 7.37
N ALA B 390 31.30 -20.49 6.23
CA ALA B 390 31.62 -19.27 5.50
C ALA B 390 30.81 -18.07 5.98
N LEU B 391 29.72 -18.30 6.71
CA LEU B 391 28.80 -17.22 7.01
C LEU B 391 29.41 -16.12 7.87
N PRO B 392 30.24 -16.40 8.89
CA PRO B 392 30.81 -15.28 9.66
C PRO B 392 31.56 -14.29 8.79
N ALA B 393 32.38 -14.78 7.86
CA ALA B 393 33.10 -13.86 6.97
C ALA B 393 32.14 -13.16 6.01
N ILE B 394 31.13 -13.87 5.51
CA ILE B 394 30.13 -13.24 4.64
C ILE B 394 29.46 -12.08 5.38
N LEU B 395 29.09 -12.29 6.63
CA LEU B 395 28.35 -11.26 7.36
C LEU B 395 29.26 -10.13 7.80
N ASP B 396 30.51 -10.45 8.18
CA ASP B 396 31.46 -9.41 8.53
C ASP B 396 31.69 -8.46 7.36
N ARG B 397 31.92 -9.05 6.17
CA ARG B 397 32.10 -8.28 4.94
C ARG B 397 30.85 -7.47 4.59
N ALA B 398 29.67 -8.00 4.92
CA ALA B 398 28.42 -7.30 4.60
C ALA B 398 28.30 -5.97 5.34
N VAL B 399 28.76 -5.92 6.59
CA VAL B 399 28.65 -4.67 7.35
C VAL B 399 29.95 -3.89 7.26
N THR C 9 -18.80 41.25 30.62
CA THR C 9 -18.91 40.56 31.91
C THR C 9 -18.72 39.05 31.76
N THR C 10 -18.45 38.41 32.89
CA THR C 10 -18.21 36.96 32.93
C THR C 10 -19.44 36.20 32.44
N ALA C 11 -20.62 36.59 32.92
CA ALA C 11 -21.85 35.90 32.51
C ALA C 11 -21.99 35.96 30.99
N THR C 12 -21.80 37.14 30.42
CA THR C 12 -21.97 37.29 28.96
C THR C 12 -20.97 36.41 28.21
N MET C 13 -19.72 36.40 28.64
CA MET C 13 -18.70 35.58 27.96
C MET C 13 -19.02 34.09 28.13
N ARG C 14 -19.44 33.67 29.32
CA ARG C 14 -19.81 32.26 29.55
C ARG C 14 -21.02 31.89 28.69
N GLN C 15 -21.99 32.80 28.58
CA GLN C 15 -23.15 32.54 27.76
C GLN C 15 -22.76 32.39 26.30
N ARG C 16 -21.84 33.24 25.83
CA ARG C 16 -21.37 33.09 24.45
C ARG C 16 -20.65 31.77 24.26
N TRP C 17 -19.79 31.39 25.21
CA TRP C 17 -19.13 30.09 25.15
C TRP C 17 -20.15 28.97 25.02
N GLN C 18 -21.18 28.98 25.88
CA GLN C 18 -22.18 27.91 25.87
C GLN C 18 -23.02 27.88 24.61
N ALA C 19 -23.09 28.98 23.87
CA ALA C 19 -23.88 28.98 22.64
C ALA C 19 -23.13 28.40 21.45
N VAL C 20 -21.81 28.25 21.53
CA VAL C 20 -21.06 27.92 20.31
C VAL C 20 -19.99 26.85 20.52
N MET C 21 -19.49 26.66 21.74
CA MET C 21 -18.37 25.76 21.88
C MET C 21 -18.93 24.35 22.14
N MET C 22 -18.24 23.32 21.62
CA MET C 22 -18.59 21.98 22.12
C MET C 22 -18.34 21.90 23.63
N ASN C 23 -19.02 20.96 24.27
CA ASN C 23 -19.05 20.94 25.73
C ASN C 23 -18.08 19.91 26.29
N ASN C 24 -16.97 19.64 25.56
CA ASN C 24 -15.98 18.66 26.00
C ASN C 24 -15.15 19.14 27.19
N TYR C 25 -15.15 20.44 27.50
CA TYR C 25 -14.44 20.99 28.65
C TYR C 25 -15.39 21.42 29.75
N GLY C 26 -16.69 21.25 29.55
CA GLY C 26 -17.59 21.99 30.43
C GLY C 26 -17.48 23.48 30.10
N THR C 27 -18.09 24.29 30.97
CA THR C 27 -18.05 25.73 30.78
C THR C 27 -17.05 26.33 31.75
N PRO C 28 -16.03 27.04 31.28
CA PRO C 28 -15.03 27.62 32.19
C PRO C 28 -15.70 28.53 33.21
N PRO C 29 -15.24 28.50 34.46
CA PRO C 29 -15.82 29.40 35.47
C PRO C 29 -15.32 30.84 35.37
N ILE C 30 -14.15 31.07 34.76
CA ILE C 30 -13.51 32.36 34.64
C ILE C 30 -13.38 32.69 33.16
N ALA C 31 -13.58 33.97 32.83
CA ALA C 31 -13.26 34.48 31.50
C ALA C 31 -12.09 35.44 31.63
N LEU C 32 -10.95 35.09 31.04
CA LEU C 32 -9.75 35.93 31.15
C LEU C 32 -9.67 36.91 30.00
N ALA C 33 -9.22 38.12 30.31
CA ALA C 33 -9.11 39.21 29.37
C ALA C 33 -7.67 39.59 29.04
N SER C 34 -6.77 39.54 30.02
CA SER C 34 -5.39 39.91 29.77
C SER C 34 -4.49 39.19 30.75
N GLY C 35 -3.20 39.20 30.44
CA GLY C 35 -2.22 38.61 31.33
C GLY C 35 -0.89 39.30 31.15
N ASP C 36 -0.08 39.28 32.21
CA ASP C 36 1.23 39.92 32.16
C ASP C 36 2.06 39.25 33.23
N GLY C 37 3.13 38.57 32.82
CA GLY C 37 3.93 37.82 33.78
C GLY C 37 3.12 36.68 34.35
N ALA C 38 3.07 36.58 35.68
CA ALA C 38 2.31 35.55 36.35
C ALA C 38 0.95 36.05 36.86
N VAL C 39 0.45 37.17 36.35
CA VAL C 39 -0.83 37.70 36.79
C VAL C 39 -1.76 37.74 35.59
N VAL C 40 -2.96 37.19 35.74
CA VAL C 40 -3.99 37.32 34.72
C VAL C 40 -5.17 38.10 35.29
N THR C 41 -5.90 38.78 34.41
CA THR C 41 -7.03 39.64 34.77
C THR C 41 -8.26 39.14 34.05
N ASP C 42 -9.38 38.94 34.78
CA ASP C 42 -10.57 38.49 34.09
C ASP C 42 -11.37 39.67 33.54
N VAL C 43 -12.47 39.37 32.85
CA VAL C 43 -13.25 40.40 32.17
C VAL C 43 -13.94 41.32 33.16
N ASP C 44 -14.07 40.93 34.43
CA ASP C 44 -14.63 41.79 35.46
C ASP C 44 -13.58 42.65 36.16
N GLY C 45 -12.30 42.49 35.80
CA GLY C 45 -11.23 43.25 36.42
C GLY C 45 -10.55 42.59 37.58
N ARG C 46 -10.97 41.39 37.98
CA ARG C 46 -10.29 40.68 39.06
C ARG C 46 -8.95 40.15 38.58
N THR C 47 -7.93 40.26 39.44
CA THR C 47 -6.63 39.67 39.13
C THR C 47 -6.38 38.40 39.92
N TYR C 48 -5.56 37.53 39.33
CA TYR C 48 -5.22 36.24 39.90
C TYR C 48 -3.75 35.98 39.68
N ILE C 49 -3.10 35.42 40.70
CA ILE C 49 -1.74 34.91 40.55
C ILE C 49 -1.84 33.53 39.91
N ASP C 50 -1.15 33.35 38.78
CA ASP C 50 -1.22 32.12 38.00
C ASP C 50 -0.20 31.11 38.51
N LEU C 51 -0.65 30.14 39.29
CA LEU C 51 0.24 29.11 39.81
C LEU C 51 0.18 27.85 38.97
N LEU C 52 -0.51 27.91 37.84
CA LEU C 52 -0.73 26.74 37.01
C LEU C 52 -0.19 26.91 35.59
N GLY C 53 0.02 28.15 35.14
CA GLY C 53 0.67 28.38 33.86
C GLY C 53 -0.08 27.90 32.64
N GLY C 54 -1.40 27.85 32.70
CA GLY C 54 -2.14 27.27 31.58
C GLY C 54 -1.86 25.79 31.44
N ILE C 55 -1.57 25.13 32.56
CA ILE C 55 -1.18 23.72 32.68
C ILE C 55 0.26 23.55 32.19
N ALA C 56 1.19 24.23 32.86
CA ALA C 56 2.64 24.09 32.65
C ALA C 56 3.10 24.59 31.28
N VAL C 57 2.30 25.39 30.58
CA VAL C 57 2.67 25.89 29.25
C VAL C 57 3.41 27.21 29.35
N ASN C 58 2.96 28.12 30.20
CA ASN C 58 3.51 29.48 30.17
C ASN C 58 4.75 29.54 31.06
N VAL C 59 5.80 28.90 30.55
CA VAL C 59 7.04 28.83 31.29
C VAL C 59 7.60 30.24 31.53
N LEU C 60 7.35 31.17 30.62
CA LEU C 60 7.85 32.53 30.78
C LEU C 60 6.73 33.52 31.12
N GLY C 61 5.57 33.02 31.55
CA GLY C 61 4.44 33.89 31.82
C GLY C 61 3.86 34.50 30.56
N HIS C 62 3.05 35.55 30.75
CA HIS C 62 2.44 36.28 29.66
C HIS C 62 3.26 37.49 29.29
N ARG C 63 3.22 37.84 28.00
CA ARG C 63 3.80 39.07 27.47
C ARG C 63 5.30 39.12 27.70
N HIS C 64 5.96 37.97 27.62
CA HIS C 64 7.40 38.00 27.84
C HIS C 64 8.04 38.68 26.63
N PRO C 65 8.84 39.73 26.83
CA PRO C 65 9.34 40.49 25.67
C PRO C 65 10.25 39.70 24.75
N ALA C 66 10.96 38.69 25.24
CA ALA C 66 11.82 37.93 24.34
C ALA C 66 10.99 37.12 23.35
N VAL C 67 9.88 36.55 23.81
CA VAL C 67 9.04 35.75 22.91
C VAL C 67 8.32 36.66 21.93
N ILE C 68 7.78 37.78 22.40
CA ILE C 68 7.12 38.73 21.52
C ILE C 68 8.07 39.20 20.43
N GLU C 69 9.31 39.55 20.83
CA GLU C 69 10.27 40.04 19.84
C GLU C 69 10.58 38.98 18.80
N ALA C 70 10.78 37.73 19.25
CA ALA C 70 11.12 36.66 18.31
C ALA C 70 9.99 36.40 17.33
N VAL C 71 8.76 36.35 17.83
CA VAL C 71 7.63 36.09 16.94
C VAL C 71 7.41 37.27 15.99
N THR C 72 7.46 38.50 16.51
CA THR C 72 7.25 39.67 15.65
C THR C 72 8.32 39.75 14.57
N ARG C 73 9.60 39.60 14.97
CA ARG C 73 10.70 39.55 14.01
C ARG C 73 10.46 38.49 12.93
N GLN C 74 10.10 37.27 13.34
CA GLN C 74 10.01 36.19 12.36
C GLN C 74 8.82 36.38 11.43
N MET C 75 7.67 36.83 11.95
CA MET C 75 6.53 37.08 11.07
C MET C 75 6.83 38.14 10.03
N SER C 76 7.68 39.10 10.36
CA SER C 76 8.08 40.12 9.40
C SER C 76 9.26 39.70 8.53
N THR C 77 9.65 38.42 8.58
CA THR C 77 10.74 37.91 7.76
C THR C 77 10.26 36.77 6.88
N LEU C 78 9.74 35.70 7.48
CA LEU C 78 9.31 34.53 6.72
C LEU C 78 8.37 33.73 7.61
N GLY C 79 7.16 33.48 7.12
CA GLY C 79 6.19 32.68 7.85
C GLY C 79 6.28 31.20 7.49
N HIS C 80 5.16 30.49 7.70
CA HIS C 80 5.05 29.09 7.31
C HIS C 80 5.56 28.84 5.90
N THR C 81 6.36 27.77 5.72
CA THR C 81 6.72 27.32 4.37
C THR C 81 6.36 25.87 4.07
N SER C 82 6.20 25.03 5.09
CA SER C 82 6.10 23.56 5.07
C SER C 82 7.51 23.01 4.94
N ASN C 83 7.65 21.72 5.19
CA ASN C 83 8.93 21.04 5.18
C ASN C 83 9.32 20.57 3.79
N LEU C 84 8.62 21.06 2.76
CA LEU C 84 9.16 21.01 1.41
C LEU C 84 10.39 21.88 1.25
N TYR C 85 10.63 22.80 2.19
CA TYR C 85 11.72 23.75 2.14
C TYR C 85 12.39 23.81 3.50
N ALA C 86 13.72 23.89 3.50
CA ALA C 86 14.46 24.06 4.75
C ALA C 86 14.38 25.51 5.20
N THR C 87 14.25 25.73 6.52
CA THR C 87 14.24 27.09 7.06
C THR C 87 15.05 27.12 8.35
N GLU C 88 15.65 28.28 8.63
CA GLU C 88 16.61 28.38 9.73
C GLU C 88 16.02 28.10 11.11
N PRO C 89 14.91 28.70 11.55
CA PRO C 89 14.54 28.54 12.97
C PRO C 89 14.34 27.10 13.38
N GLY C 90 13.66 26.29 12.56
CA GLY C 90 13.46 24.90 12.93
C GLY C 90 14.76 24.13 13.00
N ILE C 91 15.67 24.37 12.06
CA ILE C 91 16.96 23.67 12.11
C ILE C 91 17.71 24.08 13.36
N ALA C 92 17.75 25.38 13.65
CA ALA C 92 18.46 25.86 14.84
C ALA C 92 17.85 25.30 16.11
N LEU C 93 16.51 25.23 16.16
CA LEU C 93 15.86 24.71 17.36
C LEU C 93 16.19 23.23 17.53
N ALA C 94 16.17 22.48 16.44
CA ALA C 94 16.54 21.06 16.51
C ALA C 94 17.96 20.92 17.03
N GLU C 95 18.88 21.73 16.51
CA GLU C 95 20.27 21.69 16.98
C GLU C 95 20.36 22.00 18.48
N GLU C 96 19.60 22.99 18.95
CA GLU C 96 19.68 23.35 20.38
C GLU C 96 19.08 22.27 21.25
N LEU C 97 17.97 21.67 20.80
CA LEU C 97 17.36 20.62 21.60
C LEU C 97 18.27 19.41 21.69
N VAL C 98 18.92 19.06 20.57
CA VAL C 98 19.86 17.94 20.58
C VAL C 98 21.01 18.22 21.54
N ALA C 99 21.54 19.45 21.53
CA ALA C 99 22.64 19.76 22.44
C ALA C 99 22.20 19.66 23.90
N LEU C 100 20.97 20.10 24.19
CA LEU C 100 20.44 20.04 25.56
C LEU C 100 20.25 18.59 26.02
N LEU C 101 19.80 17.71 25.13
CA LEU C 101 19.68 16.29 25.46
C LEU C 101 21.02 15.67 25.78
N GLY C 102 22.06 15.99 25.00
CA GLY C 102 23.40 15.51 25.29
C GLY C 102 23.59 14.01 25.18
N ALA C 103 22.89 13.34 24.27
CA ALA C 103 23.11 11.92 24.06
C ALA C 103 24.46 11.70 23.38
N ASP C 104 25.05 10.52 23.61
CA ASP C 104 26.31 10.22 22.95
C ASP C 104 26.15 9.33 21.72
N GLN C 105 24.95 9.30 21.14
CA GLN C 105 24.75 8.88 19.75
C GLN C 105 24.01 9.97 19.00
N ARG C 106 24.02 9.86 17.68
CA ARG C 106 23.31 10.83 16.87
C ARG C 106 21.84 10.89 17.25
N THR C 107 21.31 12.10 17.36
CA THR C 107 19.94 12.33 17.76
C THR C 107 19.25 13.11 16.63
N ARG C 108 18.03 12.74 16.31
CA ARG C 108 17.29 13.41 15.25
C ARG C 108 15.93 13.88 15.76
N VAL C 109 15.38 14.90 15.09
CA VAL C 109 14.25 15.66 15.60
C VAL C 109 13.12 15.66 14.58
N PHE C 110 11.90 15.43 15.06
CA PHE C 110 10.68 15.64 14.27
C PHE C 110 9.80 16.64 15.01
N PHE C 111 9.36 17.68 14.30
CA PHE C 111 8.51 18.70 14.92
C PHE C 111 7.04 18.48 14.61
N CYS C 112 6.18 18.87 15.56
CA CYS C 112 4.74 18.79 15.35
C CYS C 112 4.11 19.91 16.18
N ASN C 113 2.82 19.78 16.53
CA ASN C 113 2.09 20.89 17.10
C ASN C 113 1.64 20.69 18.53
N SER C 114 1.80 19.50 19.10
CA SER C 114 1.16 19.21 20.38
C SER C 114 1.85 18.02 21.03
N GLY C 115 1.56 17.82 22.31
CA GLY C 115 2.06 16.64 23.00
C GLY C 115 1.46 15.36 22.44
N ALA C 116 0.15 15.37 22.18
CA ALA C 116 -0.46 14.19 21.56
C ALA C 116 0.23 13.85 20.25
N GLU C 117 0.49 14.87 19.41
CA GLU C 117 1.12 14.58 18.13
C GLU C 117 2.54 14.06 18.32
N ALA C 118 3.26 14.59 19.32
CA ALA C 118 4.61 14.12 19.58
C ALA C 118 4.60 12.65 19.96
N ASN C 119 3.65 12.26 20.82
CA ASN C 119 3.54 10.85 21.20
C ASN C 119 2.98 9.99 20.07
N GLU C 120 2.18 10.55 19.15
CA GLU C 120 1.79 9.82 17.96
C GLU C 120 2.99 9.49 17.11
N ALA C 121 3.90 10.46 16.94
CA ALA C 121 5.13 10.18 16.20
C ALA C 121 5.91 9.05 16.87
N ALA C 122 6.01 9.11 18.19
CA ALA C 122 6.76 8.05 18.89
C ALA C 122 6.06 6.68 18.74
N PHE C 123 4.74 6.68 18.77
CA PHE C 123 3.97 5.42 18.59
C PHE C 123 4.29 4.86 17.20
N LYS C 124 4.26 5.72 16.20
CA LYS C 124 4.56 5.27 14.83
C LYS C 124 6.01 4.76 14.77
N LEU C 125 6.92 5.50 15.38
CA LEU C 125 8.30 5.01 15.46
C LEU C 125 8.33 3.59 15.99
N SER C 126 7.58 3.34 17.06
CA SER C 126 7.60 2.03 17.70
C SER C 126 7.11 0.94 16.77
N ARG C 127 6.17 1.25 15.88
CA ARG C 127 5.73 0.25 14.91
C ARG C 127 6.86 -0.20 13.99
N LEU C 128 7.81 0.70 13.72
CA LEU C 128 8.83 0.41 12.73
C LEU C 128 9.94 -0.48 13.31
N THR C 129 9.86 -0.81 14.59
CA THR C 129 10.73 -1.84 15.17
C THR C 129 10.32 -3.23 14.76
N GLY C 130 9.16 -3.39 14.11
CA GLY C 130 8.61 -4.70 13.84
C GLY C 130 7.82 -5.32 14.96
N ARG C 131 7.67 -4.63 16.08
CA ARG C 131 6.89 -5.09 17.23
C ARG C 131 5.67 -4.21 17.42
N THR C 132 4.63 -4.79 18.00
CA THR C 132 3.37 -4.06 18.16
C THR C 132 2.88 -3.98 19.60
N LYS C 133 3.59 -4.58 20.54
CA LYS C 133 3.22 -4.55 21.96
C LYS C 133 3.84 -3.34 22.64
N LEU C 134 3.03 -2.62 23.42
CA LEU C 134 3.45 -1.40 24.07
C LEU C 134 3.15 -1.50 25.56
N VAL C 135 3.96 -0.84 26.38
CA VAL C 135 3.72 -0.81 27.82
C VAL C 135 3.70 0.65 28.28
N ALA C 136 2.72 0.99 29.11
CA ALA C 136 2.64 2.30 29.76
C ALA C 136 2.13 2.09 31.18
N ALA C 137 1.99 3.18 31.93
CA ALA C 137 1.64 3.09 33.34
C ALA C 137 0.18 3.41 33.57
N HIS C 138 -0.45 2.68 34.51
CA HIS C 138 -1.78 3.09 34.97
C HIS C 138 -1.75 4.55 35.42
N ASP C 139 -2.77 5.30 35.02
CA ASP C 139 -2.95 6.72 35.34
C ASP C 139 -2.02 7.63 34.56
N ALA C 140 -1.20 7.10 33.66
CA ALA C 140 -0.36 7.98 32.84
C ALA C 140 -1.23 8.79 31.89
N PHE C 141 -0.72 9.95 31.50
CA PHE C 141 -1.41 10.76 30.50
C PHE C 141 -0.43 11.06 29.38
N HIS C 142 -0.80 10.68 28.15
CA HIS C 142 0.07 10.87 27.00
C HIS C 142 -0.62 11.59 25.85
N GLY C 143 -1.87 12.00 26.04
CA GLY C 143 -2.60 12.71 24.99
C GLY C 143 -3.92 12.03 24.68
N ARG C 144 -4.70 12.70 23.81
CA ARG C 144 -6.09 12.33 23.62
C ARG C 144 -6.48 11.98 22.19
N THR C 145 -5.54 12.01 21.24
CA THR C 145 -5.78 11.46 19.90
C THR C 145 -5.80 9.93 20.00
N MET C 146 -6.21 9.25 18.92
CA MET C 146 -6.50 7.81 19.04
C MET C 146 -5.27 6.99 19.47
N GLY C 147 -4.09 7.30 18.92
CA GLY C 147 -2.91 6.54 19.31
C GLY C 147 -2.43 6.91 20.70
N SER C 148 -2.32 8.20 20.99
CA SER C 148 -1.84 8.63 22.28
CA SER C 148 -1.83 8.63 22.29
C SER C 148 -2.83 8.27 23.39
N LEU C 149 -4.12 8.22 23.06
CA LEU C 149 -5.12 7.82 24.05
C LEU C 149 -4.97 6.34 24.41
N ALA C 150 -4.51 5.51 23.46
CA ALA C 150 -4.24 4.12 23.81
C ALA C 150 -3.14 4.00 24.85
N LEU C 151 -2.17 4.93 24.81
CA LEU C 151 -1.06 4.91 25.75
C LEU C 151 -1.46 5.48 27.09
N THR C 152 -2.28 6.53 27.07
CA THR C 152 -2.84 7.09 28.30
C THR C 152 -3.47 5.98 29.13
N GLY C 153 -3.17 5.97 30.43
CA GLY C 153 -3.61 4.85 31.25
C GLY C 153 -4.86 5.14 32.05
N GLN C 154 -5.92 5.59 31.38
CA GLN C 154 -7.10 6.16 32.04
C GLN C 154 -8.35 5.53 31.44
N PRO C 155 -8.75 4.36 31.94
CA PRO C 155 -9.87 3.62 31.32
C PRO C 155 -11.15 4.43 31.20
N ALA C 156 -11.46 5.30 32.15
CA ALA C 156 -12.72 6.05 32.00
C ALA C 156 -12.67 6.95 30.76
N LYS C 157 -11.48 7.43 30.40
CA LYS C 157 -11.38 8.33 29.22
C LYS C 157 -11.24 7.51 27.94
N GLN C 158 -10.83 6.26 28.04
CA GLN C 158 -10.59 5.42 26.84
C GLN C 158 -11.84 4.67 26.42
N THR C 159 -12.60 4.20 27.38
CA THR C 159 -13.75 3.31 27.11
C THR C 159 -14.71 3.86 26.06
N PRO C 160 -15.15 5.12 26.12
CA PRO C 160 -16.13 5.59 25.15
C PRO C 160 -15.66 5.50 23.69
N PHE C 161 -14.36 5.46 23.52
CA PHE C 161 -13.71 5.46 22.18
C PHE C 161 -13.16 4.11 21.72
N ALA C 162 -13.40 3.06 22.49
CA ALA C 162 -12.90 1.75 22.08
C ALA C 162 -13.59 1.31 20.80
N PRO C 163 -12.92 0.57 19.91
CA PRO C 163 -11.55 0.11 20.14
C PRO C 163 -10.41 1.08 19.81
N LEU C 164 -9.38 1.07 20.65
CA LEU C 164 -8.17 1.90 20.41
C LEU C 164 -7.09 1.03 19.78
N PRO C 165 -6.07 1.60 19.12
CA PRO C 165 -5.02 0.79 18.53
C PRO C 165 -4.25 0.01 19.61
N GLY C 166 -3.82 -1.19 19.30
CA GLY C 166 -3.10 -2.03 20.26
C GLY C 166 -1.60 -2.03 20.06
N ASP C 167 -0.88 -2.87 20.80
CA ASP C 167 -1.44 -3.75 21.86
C ASP C 167 -0.79 -3.28 23.16
N VAL C 168 -1.54 -2.54 23.96
CA VAL C 168 -0.95 -1.87 25.14
C VAL C 168 -1.29 -2.58 26.45
N THR C 169 -0.28 -2.76 27.27
CA THR C 169 -0.46 -3.29 28.63
C THR C 169 -0.08 -2.15 29.58
N HIS C 170 -0.90 -1.92 30.58
CA HIS C 170 -0.59 -0.92 31.59
C HIS C 170 -0.19 -1.60 32.90
N VAL C 171 0.81 -1.01 33.56
CA VAL C 171 1.36 -1.52 34.82
C VAL C 171 1.38 -0.39 35.84
N GLY C 172 1.47 -0.77 37.12
CA GLY C 172 1.59 0.21 38.19
C GLY C 172 2.81 1.10 38.05
N TYR C 173 2.63 2.40 38.10
CA TYR C 173 3.76 3.31 37.93
C TYR C 173 4.77 3.14 39.07
N GLY C 174 6.05 3.15 38.72
CA GLY C 174 7.09 3.08 39.74
C GLY C 174 7.40 1.71 40.28
N ASP C 175 6.76 0.67 39.76
CA ASP C 175 6.91 -0.71 40.23
C ASP C 175 7.87 -1.44 39.30
N VAL C 176 9.09 -1.70 39.78
CA VAL C 176 10.14 -2.23 38.92
C VAL C 176 9.77 -3.63 38.42
N ASP C 177 9.36 -4.52 39.33
CA ASP C 177 9.15 -5.89 38.87
C ASP C 177 7.89 -6.00 38.02
N ALA C 178 6.88 -5.15 38.26
CA ALA C 178 5.71 -5.15 37.39
C ALA C 178 6.09 -4.75 35.97
N LEU C 179 6.95 -3.74 35.86
CA LEU C 179 7.43 -3.35 34.53
C LEU C 179 8.24 -4.48 33.90
N ALA C 180 9.13 -5.09 34.68
CA ALA C 180 9.95 -6.18 34.14
C ALA C 180 9.08 -7.33 33.64
N ALA C 181 8.01 -7.66 34.36
CA ALA C 181 7.15 -8.76 33.97
C ALA C 181 6.39 -8.48 32.69
N ALA C 182 6.09 -7.21 32.42
CA ALA C 182 5.30 -6.83 31.27
C ALA C 182 6.12 -6.66 30.00
N VAL C 183 7.43 -6.45 30.11
CA VAL C 183 8.30 -6.21 28.96
C VAL C 183 8.96 -7.51 28.54
N ASP C 184 8.90 -7.84 27.25
CA ASP C 184 9.63 -9.00 26.75
C ASP C 184 10.15 -8.70 25.34
N ASP C 185 10.60 -9.73 24.64
CA ASP C 185 11.23 -9.55 23.34
C ASP C 185 10.22 -9.27 22.24
N HIS C 186 8.94 -9.13 22.58
CA HIS C 186 7.93 -8.69 21.63
C HIS C 186 7.47 -7.26 21.91
N THR C 187 8.08 -6.59 22.89
CA THR C 187 7.66 -5.26 23.30
C THR C 187 8.33 -4.20 22.43
N ALA C 188 7.53 -3.42 21.71
CA ALA C 188 8.08 -2.35 20.87
C ALA C 188 8.67 -1.22 21.70
N ALA C 189 7.94 -0.80 22.73
CA ALA C 189 8.33 0.40 23.46
C ALA C 189 7.63 0.43 24.80
N VAL C 190 8.30 1.06 25.77
CA VAL C 190 7.74 1.48 27.05
C VAL C 190 7.64 2.99 27.06
N PHE C 191 6.46 3.51 27.35
CA PHE C 191 6.26 4.95 27.50
C PHE C 191 6.16 5.28 28.98
N LEU C 192 6.90 6.30 29.44
CA LEU C 192 6.82 6.73 30.84
C LEU C 192 6.96 8.24 30.94
N GLU C 193 6.15 8.83 31.82
CA GLU C 193 6.41 10.19 32.31
C GLU C 193 7.44 10.13 33.43
N PRO C 194 8.44 11.03 33.45
CA PRO C 194 9.41 10.98 34.56
C PRO C 194 8.78 11.35 35.90
N ILE C 195 7.73 12.16 35.87
CA ILE C 195 6.80 12.41 36.97
C ILE C 195 5.42 12.44 36.33
N MET C 196 4.47 11.65 36.83
CA MET C 196 3.12 11.67 36.23
C MET C 196 2.41 12.95 36.61
N GLY C 197 2.11 13.77 35.61
CA GLY C 197 1.56 15.09 35.88
C GLY C 197 0.08 15.10 36.17
N GLU C 198 -0.73 14.82 35.16
CA GLU C 198 -2.20 14.92 35.28
C GLU C 198 -2.72 14.02 36.41
N SER C 199 -2.03 12.92 36.68
CA SER C 199 -2.42 11.98 37.73
C SER C 199 -2.33 12.57 39.14
N GLY C 200 -1.51 13.61 39.32
CA GLY C 200 -1.33 14.17 40.63
C GLY C 200 0.13 14.33 41.04
N VAL C 201 0.99 14.61 40.08
CA VAL C 201 2.42 14.86 40.32
C VAL C 201 2.99 13.67 41.09
N VAL C 202 2.92 12.49 40.48
CA VAL C 202 3.35 11.26 41.13
C VAL C 202 4.82 11.03 40.79
N VAL C 203 5.68 11.01 41.80
CA VAL C 203 7.13 10.88 41.61
C VAL C 203 7.51 9.42 41.80
N PRO C 204 8.29 8.82 40.91
CA PRO C 204 8.65 7.41 41.05
C PRO C 204 9.78 7.22 42.04
N PRO C 205 10.00 5.98 42.51
CA PRO C 205 11.13 5.69 43.41
C PRO C 205 12.49 5.98 42.76
N ALA C 206 13.52 6.13 43.61
CA ALA C 206 14.81 6.70 43.20
C ALA C 206 15.40 6.11 41.91
N GLY C 207 15.48 4.79 41.78
CA GLY C 207 16.13 4.25 40.58
C GLY C 207 15.22 3.75 39.46
N TYR C 208 13.97 4.20 39.47
CA TYR C 208 12.96 3.56 38.64
C TYR C 208 13.20 3.79 37.15
N LEU C 209 13.51 5.03 36.75
CA LEU C 209 13.75 5.25 35.33
C LEU C 209 15.01 4.54 34.85
N ALA C 210 16.05 4.45 35.69
CA ALA C 210 17.22 3.68 35.32
C ALA C 210 16.88 2.20 35.16
N ALA C 211 16.01 1.67 36.02
CA ALA C 211 15.57 0.30 35.86
C ALA C 211 14.82 0.13 34.56
N ALA C 212 13.95 1.09 34.24
CA ALA C 212 13.22 1.04 32.98
C ALA C 212 14.18 1.02 31.80
N ARG C 213 15.25 1.81 31.88
CA ARG C 213 16.24 1.83 30.81
C ARG C 213 16.94 0.48 30.68
N ASP C 214 17.27 -0.14 31.81
CA ASP C 214 17.91 -1.45 31.77
C ASP C 214 16.97 -2.52 31.24
N ILE C 215 15.73 -2.53 31.74
CA ILE C 215 14.75 -3.54 31.32
C ILE C 215 14.51 -3.45 29.82
N THR C 216 14.25 -2.24 29.32
CA THR C 216 14.01 -2.09 27.89
C THR C 216 15.25 -2.45 27.07
N ALA C 217 16.42 -2.04 27.51
CA ALA C 217 17.62 -2.35 26.75
C ALA C 217 17.85 -3.87 26.67
N ARG C 218 17.62 -4.58 27.78
CA ARG C 218 17.85 -6.02 27.78
C ARG C 218 16.84 -6.77 26.93
N ARG C 219 15.64 -6.23 26.74
CA ARG C 219 14.62 -6.90 25.97
C ARG C 219 14.45 -6.35 24.55
N GLY C 220 15.31 -5.40 24.13
CA GLY C 220 15.22 -4.84 22.80
C GLY C 220 14.08 -3.86 22.57
N ALA C 221 13.48 -3.35 23.64
CA ALA C 221 12.39 -2.38 23.53
C ALA C 221 12.93 -0.95 23.59
N LEU C 222 12.20 -0.03 22.93
CA LEU C 222 12.50 1.39 23.06
C LEU C 222 12.04 1.89 24.42
N LEU C 223 12.80 2.81 25.01
CA LEU C 223 12.32 3.57 26.16
C LEU C 223 11.95 4.96 25.67
N VAL C 224 10.68 5.32 25.81
CA VAL C 224 10.18 6.62 25.40
C VAL C 224 9.83 7.41 26.66
N LEU C 225 10.47 8.55 26.86
CA LEU C 225 10.19 9.40 28.01
C LEU C 225 9.37 10.59 27.54
N ASP C 226 8.16 10.72 28.08
CA ASP C 226 7.24 11.81 27.76
C ASP C 226 7.57 12.95 28.71
N GLU C 227 8.28 13.97 28.19
CA GLU C 227 8.66 15.16 28.93
C GLU C 227 7.81 16.37 28.56
N VAL C 228 6.59 16.11 28.07
CA VAL C 228 5.74 17.22 27.65
C VAL C 228 5.46 18.15 28.80
N GLN C 229 5.24 17.59 30.00
CA GLN C 229 4.95 18.38 31.18
C GLN C 229 6.15 18.58 32.08
N THR C 230 7.08 17.63 32.14
CA THR C 230 8.20 17.74 33.07
C THR C 230 9.41 18.43 32.48
N GLY C 231 9.36 18.76 31.19
CA GLY C 231 10.53 19.32 30.51
C GLY C 231 10.64 20.82 30.68
N MET C 232 11.45 21.42 29.81
CA MET C 232 11.61 22.87 29.71
C MET C 232 12.21 23.44 31.00
N GLY C 233 12.98 22.63 31.72
CA GLY C 233 13.70 23.10 32.90
C GLY C 233 12.88 23.17 34.17
N ARG C 234 11.60 22.77 34.11
CA ARG C 234 10.69 22.95 35.24
C ARG C 234 11.21 22.28 36.51
N THR C 235 11.86 21.12 36.39
CA THR C 235 12.29 20.37 37.57
C THR C 235 13.70 20.68 38.01
N GLY C 236 14.37 21.66 37.41
CA GLY C 236 15.73 21.98 37.80
C GLY C 236 16.81 21.33 36.94
N ALA C 237 16.42 20.55 35.94
CA ALA C 237 17.28 20.14 34.85
C ALA C 237 16.44 20.33 33.61
N PHE C 238 17.09 20.51 32.45
CA PHE C 238 16.27 20.82 31.27
C PHE C 238 15.26 19.72 31.00
N PHE C 239 15.72 18.47 30.91
CA PHE C 239 14.84 17.30 30.90
C PHE C 239 14.83 16.69 32.29
N ALA C 240 13.64 16.35 32.80
CA ALA C 240 13.58 15.80 34.16
C ALA C 240 14.35 14.50 34.27
N HIS C 241 14.41 13.70 33.19
CA HIS C 241 15.14 12.45 33.27
C HIS C 241 16.64 12.65 33.42
N GLN C 242 17.16 13.85 33.20
CA GLN C 242 18.59 14.05 33.34
C GLN C 242 19.01 14.00 34.81
N HIS C 243 18.07 14.19 35.74
CA HIS C 243 18.38 13.95 37.15
C HIS C 243 18.78 12.50 37.41
N ASP C 244 18.38 11.58 36.52
CA ASP C 244 18.56 10.15 36.73
C ASP C 244 19.72 9.57 35.92
N GLY C 245 20.38 10.37 35.10
CA GLY C 245 21.60 9.91 34.47
C GLY C 245 21.41 8.89 33.38
N ILE C 246 20.24 8.85 32.77
CA ILE C 246 19.95 7.90 31.71
C ILE C 246 19.73 8.67 30.42
N THR C 247 19.79 7.95 29.30
CA THR C 247 19.39 8.52 28.02
C THR C 247 18.37 7.57 27.40
N PRO C 248 17.13 8.01 27.21
CA PRO C 248 16.15 7.13 26.58
C PRO C 248 16.38 7.03 25.08
N ASP C 249 15.57 6.23 24.41
CA ASP C 249 15.65 6.15 22.95
C ASP C 249 14.85 7.26 22.29
N VAL C 250 13.78 7.70 22.92
CA VAL C 250 12.87 8.70 22.38
C VAL C 250 12.46 9.62 23.52
N VAL C 251 12.39 10.94 23.24
CA VAL C 251 11.86 11.92 24.18
C VAL C 251 10.83 12.74 23.45
N THR C 252 9.71 13.01 24.10
CA THR C 252 8.70 13.89 23.52
C THR C 252 8.55 15.13 24.38
N LEU C 253 8.29 16.26 23.71
CA LEU C 253 8.23 17.59 24.30
C LEU C 253 7.04 18.32 23.70
N ALA C 254 6.43 19.19 24.48
CA ALA C 254 5.45 20.14 23.96
C ALA C 254 5.13 21.12 25.09
N GLY C 256 5.22 23.74 27.32
CA GLY C 256 6.06 24.93 27.44
C GLY C 256 7.12 25.16 26.37
N LEU C 257 7.26 24.22 25.43
CA LEU C 257 8.35 24.30 24.46
C LEU C 257 8.32 25.62 23.69
N GLY C 258 7.14 26.11 23.32
CA GLY C 258 7.02 27.35 22.60
C GLY C 258 6.64 28.56 23.42
N GLY C 259 6.72 28.46 24.76
CA GLY C 259 6.36 29.58 25.60
C GLY C 259 4.92 29.99 25.49
N GLY C 260 4.07 29.12 24.93
CA GLY C 260 2.69 29.42 24.62
C GLY C 260 2.34 29.20 23.16
N LEU C 261 3.31 29.39 22.29
CA LEU C 261 3.01 29.10 20.88
C LEU C 261 2.89 27.57 20.68
N PRO C 262 1.96 27.06 19.83
CA PRO C 262 1.80 25.60 19.69
C PRO C 262 2.99 24.99 18.96
N ILE C 263 3.70 24.10 19.65
CA ILE C 263 4.78 23.34 19.05
C ILE C 263 5.07 22.14 19.93
N GLY C 264 5.41 21.03 19.28
CA GLY C 264 5.85 19.83 19.97
C GLY C 264 7.02 19.22 19.23
N ALA C 265 7.69 18.28 19.89
CA ALA C 265 8.85 17.67 19.25
C ALA C 265 8.99 16.23 19.69
N CYS C 266 9.49 15.40 18.78
CA CYS C 266 9.88 14.04 19.08
C CYS C 266 11.36 13.93 18.74
N LEU C 267 12.19 13.61 19.75
CA LEU C 267 13.63 13.40 19.60
C LEU C 267 13.88 11.90 19.68
N ALA C 268 14.74 11.39 18.79
CA ALA C 268 15.06 9.98 18.81
C ALA C 268 16.57 9.82 18.74
N VAL C 269 17.09 8.80 19.43
CA VAL C 269 18.53 8.67 19.67
C VAL C 269 18.99 7.34 19.07
N GLY C 270 20.13 7.37 18.38
CA GLY C 270 20.72 6.14 17.89
C GLY C 270 19.90 5.52 16.78
N PRO C 271 19.80 4.18 16.76
CA PRO C 271 19.03 3.52 15.70
C PRO C 271 17.58 4.00 15.61
N ALA C 272 16.96 4.35 16.74
CA ALA C 272 15.59 4.87 16.69
C ALA C 272 15.49 6.11 15.81
N ALA C 273 16.56 6.89 15.73
CA ALA C 273 16.52 8.12 14.93
C ALA C 273 16.47 7.85 13.44
N GLU C 274 16.77 6.62 13.00
CA GLU C 274 16.84 6.28 11.59
C GLU C 274 15.58 5.57 11.09
N LEU C 275 14.63 5.28 11.99
CA LEU C 275 13.48 4.45 11.61
C LEU C 275 12.57 5.16 10.62
N LEU C 276 12.28 6.44 10.84
CA LEU C 276 11.41 7.18 9.92
C LEU C 276 12.17 7.53 8.65
N THR C 277 11.69 7.03 7.52
CA THR C 277 12.28 7.26 6.22
C THR C 277 11.34 8.13 5.39
N PRO C 278 11.79 8.63 4.23
CA PRO C 278 10.99 9.63 3.51
C PRO C 278 9.59 9.14 3.16
N GLY C 279 8.61 9.98 3.46
CA GLY C 279 7.22 9.70 3.17
C GLY C 279 6.46 8.99 4.25
N LEU C 280 7.10 8.58 5.35
CA LEU C 280 6.42 7.76 6.35
C LEU C 280 5.75 8.57 7.46
N HIS C 281 6.04 9.87 7.56
CA HIS C 281 5.35 10.68 8.56
C HIS C 281 5.51 12.14 8.19
N GLY C 282 4.66 12.99 8.77
CA GLY C 282 4.77 14.42 8.54
C GLY C 282 3.67 15.16 9.28
N SER C 283 3.80 16.49 9.30
CA SER C 283 2.81 17.39 9.86
C SER C 283 2.93 18.73 9.16
N THR C 284 1.85 19.22 8.55
CA THR C 284 1.94 20.43 7.73
C THR C 284 2.63 21.59 8.44
N PHE C 285 2.18 21.90 9.66
CA PHE C 285 2.72 23.06 10.38
C PHE C 285 4.02 22.75 11.13
N GLY C 286 4.49 21.50 11.13
CA GLY C 286 5.60 21.14 12.00
C GLY C 286 6.86 21.91 11.68
N GLY C 287 7.51 22.47 12.70
CA GLY C 287 8.78 23.13 12.48
C GLY C 287 8.68 24.49 11.83
N ASN C 288 7.50 25.10 11.81
CA ASN C 288 7.33 26.35 11.09
C ASN C 288 8.15 27.46 11.74
N PRO C 289 8.60 28.44 10.95
CA PRO C 289 9.55 29.44 11.48
C PRO C 289 9.03 30.22 12.67
N VAL C 290 7.74 30.56 12.71
CA VAL C 290 7.26 31.43 13.77
C VAL C 290 7.25 30.69 15.11
N CYS C 291 6.68 29.49 15.14
CA CYS C 291 6.69 28.75 16.41
C CYS C 291 8.10 28.33 16.81
N ALA C 292 8.93 27.94 15.84
CA ALA C 292 10.30 27.59 16.19
C ALA C 292 11.07 28.79 16.74
N ALA C 293 10.81 29.98 16.19
CA ALA C 293 11.47 31.18 16.70
C ALA C 293 11.05 31.46 18.14
N ALA C 294 9.77 31.24 18.46
CA ALA C 294 9.32 31.38 19.85
C ALA C 294 10.04 30.41 20.77
N ALA C 295 10.16 29.15 20.36
CA ALA C 295 10.83 28.16 21.19
C ALA C 295 12.30 28.51 21.36
N LEU C 296 12.95 29.00 20.29
CA LEU C 296 14.34 29.40 20.43
C LEU C 296 14.48 30.52 21.45
N ALA C 297 13.54 31.47 21.46
CA ALA C 297 13.57 32.53 22.45
C ALA C 297 13.43 31.99 23.87
N VAL C 298 12.50 31.05 24.07
CA VAL C 298 12.37 30.42 25.39
C VAL C 298 13.68 29.82 25.85
N LEU C 299 14.34 29.04 24.97
CA LEU C 299 15.62 28.43 25.34
C LEU C 299 16.66 29.49 25.70
N ARG C 300 16.72 30.59 24.93
CA ARG C 300 17.65 31.67 25.26
C ARG C 300 17.39 32.23 26.65
N VAL C 301 16.12 32.51 26.97
CA VAL C 301 15.81 33.14 28.25
C VAL C 301 16.08 32.18 29.41
N LEU C 302 15.70 30.90 29.26
CA LEU C 302 16.02 29.93 30.31
C LEU C 302 17.51 29.98 30.64
N ALA C 303 18.35 30.05 29.61
CA ALA C 303 19.80 30.08 29.84
C ALA C 303 20.26 31.41 30.40
N SER C 304 19.85 32.52 29.78
CA SER C 304 20.42 33.82 30.16
C SER C 304 19.96 34.25 31.55
N ASP C 305 18.74 33.91 31.94
CA ASP C 305 18.18 34.29 33.23
C ASP C 305 18.33 33.19 34.28
N GLY C 306 19.01 32.10 33.95
CA GLY C 306 19.28 31.06 34.94
C GLY C 306 18.03 30.46 35.52
N LEU C 307 17.00 30.26 34.69
CA LEU C 307 15.69 29.87 35.19
C LEU C 307 15.61 28.40 35.56
N VAL C 308 16.48 27.56 35.01
CA VAL C 308 16.47 26.15 35.40
C VAL C 308 16.91 26.01 36.85
N ARG C 309 18.04 26.64 37.21
CA ARG C 309 18.46 26.64 38.61
C ARG C 309 17.41 27.32 39.49
N ARG C 310 16.83 28.42 39.01
CA ARG C 310 15.84 29.12 39.82
C ARG C 310 14.64 28.24 40.12
N ALA C 311 14.22 27.43 39.15
CA ALA C 311 13.11 26.51 39.40
C ALA C 311 13.44 25.53 40.51
N GLU C 312 14.68 25.04 40.55
CA GLU C 312 15.08 24.12 41.61
C GLU C 312 15.07 24.82 42.96
N VAL C 313 15.61 26.04 43.01
CA VAL C 313 15.73 26.75 44.29
C VAL C 313 14.36 27.14 44.81
N LEU C 314 13.54 27.75 43.95
CA LEU C 314 12.20 28.19 44.36
C LEU C 314 11.30 27.01 44.66
N GLY C 315 11.45 25.92 43.90
CA GLY C 315 10.68 24.71 44.21
C GLY C 315 10.97 24.16 45.59
N LYS C 316 12.25 24.17 45.99
CA LYS C 316 12.61 23.71 47.33
C LYS C 316 12.03 24.62 48.41
N SER C 317 12.16 25.94 48.22
CA SER C 317 11.65 26.83 49.26
C SER C 317 10.14 26.81 49.29
N LEU C 318 9.49 26.64 48.13
CA LEU C 318 8.05 26.53 48.10
C LEU C 318 7.60 25.27 48.80
N ARG C 319 8.26 24.15 48.52
CA ARG C 319 7.87 22.90 49.18
C ARG C 319 8.02 23.05 50.71
N HIS C 320 9.15 23.60 51.17
CA HIS C 320 9.38 23.70 52.60
C HIS C 320 8.40 24.66 53.26
N GLY C 321 8.06 25.75 52.58
CA GLY C 321 7.10 26.68 53.13
C GLY C 321 5.72 26.07 53.31
N ILE C 322 5.30 25.26 52.33
CA ILE C 322 4.00 24.60 52.46
C ILE C 322 4.03 23.58 53.59
N GLU C 323 5.10 22.79 53.67
CA GLU C 323 5.20 21.81 54.74
C GLU C 323 5.24 22.49 56.10
N ALA C 324 5.90 23.64 56.19
CA ALA C 324 6.05 24.35 57.45
C ALA C 324 4.74 24.90 57.98
N LEU C 325 3.69 24.97 57.15
CA LEU C 325 2.38 25.38 57.65
C LEU C 325 1.86 24.41 58.70
N GLY C 326 2.24 23.13 58.60
CA GLY C 326 1.70 22.11 59.48
C GLY C 326 0.19 22.03 59.44
N HIS C 327 -0.41 22.25 58.28
CA HIS C 327 -1.86 22.29 58.20
C HIS C 327 -2.41 20.86 58.22
N PRO C 328 -3.45 20.59 59.01
CA PRO C 328 -3.93 19.20 59.16
C PRO C 328 -4.36 18.57 57.85
N LEU C 329 -4.82 19.37 56.88
CA LEU C 329 -5.30 18.84 55.63
C LEU C 329 -4.19 18.49 54.65
N ILE C 330 -2.96 18.94 54.89
CA ILE C 330 -1.85 18.67 54.00
C ILE C 330 -1.11 17.44 54.51
N ASP C 331 -1.14 16.37 53.71
CA ASP C 331 -0.41 15.16 54.06
C ASP C 331 1.06 15.29 53.71
N HIS C 332 1.37 15.69 52.48
CA HIS C 332 2.74 15.92 52.07
C HIS C 332 2.74 16.72 50.77
N VAL C 333 3.93 17.18 50.39
CA VAL C 333 4.16 17.89 49.14
C VAL C 333 5.12 17.05 48.32
N ARG C 334 4.81 16.87 47.04
CA ARG C 334 5.69 16.07 46.20
C ARG C 334 5.98 16.81 44.91
N GLY C 335 6.93 16.27 44.17
CA GLY C 335 7.30 16.86 42.90
C GLY C 335 8.76 17.26 42.91
N ARG C 336 9.12 18.15 41.99
CA ARG C 336 10.50 18.58 41.83
C ARG C 336 10.50 19.92 41.13
N GLY C 337 11.32 20.85 41.61
CA GLY C 337 11.32 22.16 40.99
C GLY C 337 9.96 22.79 41.07
N LEU C 338 9.52 23.38 39.95
CA LEU C 338 8.23 24.06 39.90
C LEU C 338 7.13 23.19 39.28
N LEU C 339 7.22 21.88 39.48
CA LEU C 339 6.09 20.97 39.29
C LEU C 339 5.83 20.34 40.65
N LEU C 340 4.74 20.74 41.30
CA LEU C 340 4.48 20.33 42.67
C LEU C 340 3.06 19.84 42.83
N GLY C 341 2.90 18.83 43.68
CA GLY C 341 1.59 18.39 44.10
C GLY C 341 1.43 18.53 45.59
N ILE C 342 0.36 19.15 46.04
CA ILE C 342 0.02 19.20 47.47
C ILE C 342 -0.96 18.06 47.70
N ALA C 343 -0.51 17.01 48.36
CA ALA C 343 -1.33 15.84 48.64
C ALA C 343 -2.09 16.07 49.95
N LEU C 344 -3.41 15.91 49.89
CA LEU C 344 -4.27 16.23 51.02
C LEU C 344 -4.64 14.96 51.78
N THR C 345 -5.01 15.14 53.05
CA THR C 345 -5.41 14.02 53.89
C THR C 345 -6.84 13.58 53.64
N ALA C 346 -7.59 14.35 52.86
CA ALA C 346 -8.98 14.07 52.54
C ALA C 346 -9.27 14.70 51.18
N PRO C 347 -10.28 14.21 50.46
CA PRO C 347 -10.46 14.68 49.07
C PRO C 347 -11.20 16.01 48.94
N HIS C 348 -10.50 17.11 49.25
CA HIS C 348 -11.07 18.44 49.12
C HIS C 348 -10.36 19.29 48.07
N ALA C 349 -9.59 18.68 47.17
CA ALA C 349 -8.80 19.47 46.23
C ALA C 349 -9.69 20.28 45.29
N LYS C 350 -10.82 19.71 44.85
CA LYS C 350 -11.67 20.45 43.93
C LYS C 350 -12.29 21.68 44.62
N ASP C 351 -12.77 21.53 45.85
CA ASP C 351 -13.24 22.70 46.58
C ASP C 351 -12.09 23.67 46.86
N ALA C 352 -10.89 23.16 47.12
CA ALA C 352 -9.76 24.05 47.37
C ALA C 352 -9.40 24.81 46.11
N GLU C 353 -9.63 24.22 44.94
CA GLU C 353 -9.38 24.97 43.71
C GLU C 353 -10.32 26.16 43.60
N ALA C 354 -11.55 26.02 44.07
CA ALA C 354 -12.48 27.14 44.01
C ALA C 354 -12.17 28.20 45.07
N THR C 355 -11.87 27.78 46.31
CA THR C 355 -11.57 28.79 47.33
C THR C 355 -10.23 29.44 47.08
N ALA C 356 -9.30 28.74 46.42
CA ALA C 356 -8.06 29.41 46.00
C ALA C 356 -8.37 30.50 44.99
N ARG C 357 -9.25 30.19 44.04
CA ARG C 357 -9.70 31.19 43.08
C ARG C 357 -10.34 32.37 43.79
N ASP C 358 -11.13 32.09 44.83
CA ASP C 358 -11.71 33.16 45.64
C ASP C 358 -10.64 34.07 46.21
N ALA C 359 -9.51 33.49 46.61
CA ALA C 359 -8.42 34.22 47.23
C ALA C 359 -7.45 34.82 46.23
N GLY C 360 -7.69 34.62 44.93
CA GLY C 360 -6.87 35.24 43.92
C GLY C 360 -5.75 34.38 43.38
N TYR C 361 -5.89 33.05 43.44
CA TYR C 361 -4.84 32.13 43.00
C TYR C 361 -5.42 31.08 42.08
N LEU C 362 -4.71 30.80 40.99
CA LEU C 362 -5.11 29.75 40.05
C LEU C 362 -4.30 28.48 40.31
N VAL C 363 -4.98 27.43 40.76
CA VAL C 363 -4.39 26.12 40.97
C VAL C 363 -5.27 25.07 40.30
N ASN C 364 -4.82 23.80 40.35
CA ASN C 364 -5.48 22.70 39.67
C ASN C 364 -5.73 21.56 40.64
N ALA C 365 -6.97 21.08 40.70
CA ALA C 365 -7.26 19.82 41.39
C ALA C 365 -6.97 18.69 40.40
N ALA C 366 -5.75 18.15 40.47
CA ALA C 366 -5.36 17.11 39.52
C ALA C 366 -5.96 15.76 39.89
N ALA C 367 -6.24 15.56 41.17
CA ALA C 367 -6.93 14.39 41.69
C ALA C 367 -7.82 14.88 42.82
N PRO C 368 -8.83 14.11 43.23
CA PRO C 368 -9.72 14.58 44.30
C PRO C 368 -8.98 15.00 45.56
N ASP C 369 -7.75 14.51 45.75
CA ASP C 369 -6.96 14.85 46.93
C ASP C 369 -5.57 15.41 46.60
N VAL C 370 -5.35 15.96 45.40
CA VAL C 370 -4.07 16.54 45.04
C VAL C 370 -4.28 17.87 44.33
N ILE C 371 -3.64 18.92 44.85
CA ILE C 371 -3.57 20.23 44.19
C ILE C 371 -2.26 20.30 43.43
N ARG C 372 -2.33 20.53 42.13
CA ARG C 372 -1.14 20.61 41.29
C ARG C 372 -0.79 22.08 41.03
N LEU C 373 0.50 22.40 41.18
CA LEU C 373 1.04 23.71 40.82
C LEU C 373 2.06 23.53 39.70
N ALA C 374 2.02 24.44 38.73
CA ALA C 374 3.03 24.50 37.68
C ALA C 374 3.22 25.96 37.28
N PRO C 375 3.76 26.78 38.19
CA PRO C 375 3.81 28.23 37.93
C PRO C 375 4.83 28.58 36.85
N PRO C 376 4.71 29.77 36.26
CA PRO C 376 5.76 30.23 35.35
C PRO C 376 7.10 30.27 36.07
N LEU C 377 8.17 30.00 35.32
CA LEU C 377 9.48 29.98 35.95
C LEU C 377 9.96 31.38 36.32
N ILE C 378 9.18 32.38 35.89
CA ILE C 378 9.49 33.80 36.20
C ILE C 378 8.64 34.28 37.38
N ILE C 379 7.95 33.38 38.08
CA ILE C 379 7.08 33.84 39.13
C ILE C 379 7.91 34.51 40.23
N ALA C 380 7.35 35.57 40.82
CA ALA C 380 8.04 36.28 41.88
C ALA C 380 8.04 35.44 43.16
N GLU C 381 9.16 35.49 43.88
CA GLU C 381 9.19 34.80 45.17
C GLU C 381 8.08 35.31 46.08
N ALA C 382 7.78 36.62 46.02
CA ALA C 382 6.73 37.19 46.86
C ALA C 382 5.35 36.68 46.46
N GLN C 383 5.16 36.37 45.18
CA GLN C 383 3.87 35.80 44.76
C GLN C 383 3.70 34.40 45.35
N LEU C 384 4.78 33.61 45.35
CA LEU C 384 4.74 32.32 46.05
C LEU C 384 4.54 32.51 47.55
N ASP C 385 5.25 33.48 48.16
CA ASP C 385 5.11 33.73 49.60
C ASP C 385 3.65 34.01 49.96
N GLY C 386 3.00 34.85 49.17
CA GLY C 386 1.60 35.18 49.42
C GLY C 386 0.70 33.97 49.31
N PHE C 387 0.97 33.09 48.33
CA PHE C 387 0.19 31.86 48.21
C PHE C 387 0.31 31.00 49.47
N VAL C 388 1.55 30.78 49.92
CA VAL C 388 1.77 29.91 51.08
C VAL C 388 1.07 30.48 52.30
N ALA C 389 1.11 31.80 52.48
CA ALA C 389 0.46 32.40 53.64
C ALA C 389 -1.06 32.32 53.53
N ALA C 390 -1.58 32.32 52.31
CA ALA C 390 -3.01 32.24 52.05
C ALA C 390 -3.54 30.82 52.14
N LEU C 391 -2.67 29.82 52.02
CA LEU C 391 -3.13 28.45 51.87
C LEU C 391 -3.91 27.92 53.08
N PRO C 392 -3.53 28.18 54.33
CA PRO C 392 -4.37 27.67 55.43
C PRO C 392 -5.82 28.13 55.34
N ALA C 393 -6.05 29.40 55.03
CA ALA C 393 -7.42 29.89 54.90
C ALA C 393 -8.11 29.30 53.67
N ILE C 394 -7.37 29.10 52.58
CA ILE C 394 -7.95 28.46 51.40
C ILE C 394 -8.44 27.07 51.76
N LEU C 395 -7.63 26.33 52.51
CA LEU C 395 -7.99 24.96 52.87
C LEU C 395 -9.12 24.95 53.91
N ASP C 396 -9.10 25.90 54.85
CA ASP C 396 -10.17 25.96 55.84
C ASP C 396 -11.51 26.27 55.17
N ARG C 397 -11.53 27.22 54.25
CA ARG C 397 -12.78 27.53 53.54
C ARG C 397 -13.22 26.36 52.66
N ALA C 398 -12.28 25.57 52.15
CA ALA C 398 -12.65 24.42 51.33
C ALA C 398 -13.47 23.40 52.12
N VAL C 399 -13.19 23.25 53.41
CA VAL C 399 -13.90 22.31 54.26
C VAL C 399 -14.90 23.03 55.15
N THR D 9 24.49 29.77 2.64
CA THR D 9 24.40 29.02 1.37
C THR D 9 23.49 27.79 1.51
N THR D 10 22.96 27.36 0.38
CA THR D 10 22.01 26.23 0.35
C THR D 10 22.67 24.94 0.82
N ALA D 11 23.91 24.68 0.38
CA ALA D 11 24.59 23.44 0.80
C ALA D 11 24.73 23.38 2.32
N THR D 12 25.13 24.47 2.96
CA THR D 12 25.32 24.44 4.42
C THR D 12 23.96 24.21 5.12
N MET D 13 22.91 24.87 4.67
CA MET D 13 21.57 24.65 5.27
C MET D 13 21.14 23.19 5.08
N ARG D 14 21.35 22.63 3.90
CA ARG D 14 20.96 21.23 3.67
C ARG D 14 21.84 20.32 4.54
N GLN D 15 23.12 20.65 4.68
CA GLN D 15 23.99 19.80 5.54
C GLN D 15 23.48 19.89 6.98
N ARG D 16 23.13 21.09 7.42
CA ARG D 16 22.64 21.20 8.80
C ARG D 16 21.33 20.44 8.97
N TRP D 17 20.45 20.52 7.97
CA TRP D 17 19.22 19.73 8.01
C TRP D 17 19.54 18.25 8.13
N GLN D 18 20.47 17.77 7.31
CA GLN D 18 20.75 16.34 7.28
C GLN D 18 21.44 15.86 8.55
N ALA D 19 22.04 16.77 9.32
CA ALA D 19 22.72 16.38 10.55
C ALA D 19 21.77 16.23 11.74
N VAL D 20 20.58 16.83 11.69
CA VAL D 20 19.76 16.90 12.89
C VAL D 20 18.31 16.51 12.67
N MET D 21 17.77 16.59 11.47
CA MET D 21 16.35 16.37 11.28
C MET D 21 16.09 14.89 11.04
N MET D 22 14.96 14.38 11.52
CA MET D 22 14.58 13.06 11.06
C MET D 22 14.32 13.10 9.56
N ASN D 23 14.51 11.94 8.90
CA ASN D 23 14.46 11.89 7.43
C ASN D 23 13.06 11.57 6.91
N ASN D 24 12.00 11.92 7.65
CA ASN D 24 10.66 11.56 7.20
C ASN D 24 10.17 12.41 6.03
N TYR D 25 10.83 13.53 5.72
CA TYR D 25 10.47 14.35 4.56
C TYR D 25 11.50 14.25 3.45
N GLY D 26 12.55 13.47 3.64
CA GLY D 26 13.71 13.63 2.78
C GLY D 26 14.38 14.97 3.08
N THR D 27 15.33 15.34 2.22
CA THR D 27 16.04 16.60 2.42
C THR D 27 15.47 17.66 1.48
N PRO D 28 15.04 18.81 1.97
CA PRO D 28 14.48 19.83 1.07
C PRO D 28 15.51 20.29 0.06
N PRO D 29 15.08 20.58 -1.17
CA PRO D 29 16.05 20.97 -2.22
C PRO D 29 16.53 22.40 -2.12
N ILE D 30 15.76 23.29 -1.47
CA ILE D 30 16.16 24.67 -1.30
C ILE D 30 15.86 25.09 0.13
N ALA D 31 16.50 26.18 0.56
CA ALA D 31 16.31 26.73 1.88
C ALA D 31 15.79 28.15 1.74
N LEU D 32 14.60 28.42 2.27
CA LEU D 32 14.03 29.76 2.17
C LEU D 32 14.47 30.65 3.33
N ALA D 33 14.74 31.90 3.00
CA ALA D 33 15.20 32.90 3.96
C ALA D 33 14.15 33.95 4.27
N SER D 34 13.35 34.37 3.28
CA SER D 34 12.39 35.44 3.52
C SER D 34 11.24 35.28 2.54
N GLY D 35 10.13 35.94 2.86
CA GLY D 35 8.96 35.91 1.99
C GLY D 35 8.14 37.16 2.20
N ASP D 36 7.44 37.57 1.15
CA ASP D 36 6.61 38.76 1.18
C ASP D 36 5.53 38.59 0.12
N GLY D 37 4.29 38.52 0.57
CA GLY D 37 3.21 38.26 -0.37
C GLY D 37 3.36 36.87 -0.94
N ALA D 38 3.38 36.78 -2.27
CA ALA D 38 3.54 35.51 -2.96
C ALA D 38 4.96 35.30 -3.50
N VAL D 39 5.94 36.07 -3.03
CA VAL D 39 7.31 35.95 -3.49
C VAL D 39 8.18 35.52 -2.31
N VAL D 40 8.95 34.45 -2.48
CA VAL D 40 9.86 34.01 -1.43
C VAL D 40 11.27 34.06 -1.98
N THR D 41 12.24 34.23 -1.08
CA THR D 41 13.64 34.33 -1.45
C THR D 41 14.44 33.26 -0.72
N ASP D 42 15.32 32.55 -1.45
CA ASP D 42 16.11 31.52 -0.80
C ASP D 42 17.42 32.12 -0.25
N VAL D 43 18.21 31.28 0.43
CA VAL D 43 19.40 31.76 1.12
C VAL D 43 20.48 32.21 0.15
N ASP D 44 20.33 31.91 -1.14
CA ASP D 44 21.25 32.35 -2.18
C ASP D 44 20.80 33.64 -2.86
N GLY D 45 19.66 34.20 -2.45
CA GLY D 45 19.11 35.38 -3.08
C GLY D 45 18.19 35.13 -4.26
N ARG D 46 17.94 33.88 -4.62
CA ARG D 46 17.01 33.57 -5.70
C ARG D 46 15.58 33.81 -5.24
N THR D 47 14.75 34.35 -6.12
CA THR D 47 13.34 34.57 -5.80
C THR D 47 12.45 33.62 -6.58
N TYR D 48 11.31 33.29 -5.97
CA TYR D 48 10.35 32.38 -6.56
C TYR D 48 8.95 32.93 -6.36
N ILE D 49 8.11 32.75 -7.36
CA ILE D 49 6.68 32.98 -7.21
C ILE D 49 6.06 31.74 -6.58
N ASP D 50 5.36 31.93 -5.48
CA ASP D 50 4.82 30.83 -4.68
C ASP D 50 3.43 30.47 -5.19
N LEU D 51 3.32 29.36 -5.92
CA LEU D 51 2.05 28.88 -6.42
C LEU D 51 1.52 27.72 -5.59
N LEU D 52 2.16 27.44 -4.46
CA LEU D 52 1.80 26.34 -3.60
C LEU D 52 1.40 26.76 -2.19
N GLY D 53 1.84 27.91 -1.72
CA GLY D 53 1.35 28.41 -0.42
C GLY D 53 1.74 27.55 0.77
N GLY D 54 2.86 26.86 0.67
CA GLY D 54 3.24 25.98 1.79
C GLY D 54 2.24 24.87 1.93
N ILE D 55 1.66 24.45 0.81
CA ILE D 55 0.61 23.39 0.78
C ILE D 55 -0.74 23.97 1.22
N ALA D 56 -1.18 25.01 0.52
CA ALA D 56 -2.52 25.61 0.76
C ALA D 56 -2.65 26.34 2.09
N VAL D 57 -1.55 26.57 2.77
CA VAL D 57 -1.67 27.21 4.09
C VAL D 57 -1.65 28.73 3.97
N ASN D 58 -0.77 29.28 3.12
CA ASN D 58 -0.54 30.73 3.15
C ASN D 58 -1.58 31.44 2.28
N VAL D 59 -2.82 31.39 2.77
CA VAL D 59 -3.93 31.96 2.01
C VAL D 59 -3.73 33.45 1.79
N LEU D 60 -3.04 34.14 2.70
CA LEU D 60 -2.78 35.57 2.58
C LEU D 60 -1.31 35.86 2.26
N GLY D 61 -0.57 34.85 1.80
CA GLY D 61 0.84 35.06 1.54
C GLY D 61 1.63 35.29 2.82
N HIS D 62 2.85 35.79 2.66
CA HIS D 62 3.75 36.10 3.76
C HIS D 62 3.65 37.57 4.16
N ARG D 63 3.94 37.84 5.44
CA ARG D 63 4.00 39.21 5.98
C ARG D 63 2.69 39.96 5.78
N HIS D 64 1.55 39.30 5.84
CA HIS D 64 0.33 40.05 5.64
C HIS D 64 0.11 40.95 6.84
N PRO D 65 -0.04 42.27 6.64
CA PRO D 65 -0.11 43.18 7.80
C PRO D 65 -1.27 42.91 8.73
N ALA D 66 -2.40 42.38 8.24
CA ALA D 66 -3.51 42.13 9.15
C ALA D 66 -3.20 41.00 10.12
N VAL D 67 -2.54 39.95 9.64
CA VAL D 67 -2.20 38.83 10.51
C VAL D 67 -1.11 39.25 11.49
N ILE D 68 -0.10 39.96 11.00
CA ILE D 68 0.95 40.47 11.89
C ILE D 68 0.35 41.36 12.97
N GLU D 69 -0.53 42.27 12.60
CA GLU D 69 -1.12 43.16 13.60
C GLU D 69 -1.93 42.36 14.61
N ALA D 70 -2.68 41.36 14.15
CA ALA D 70 -3.55 40.63 15.07
C ALA D 70 -2.72 39.82 16.06
N VAL D 71 -1.68 39.14 15.57
CA VAL D 71 -0.83 38.34 16.45
C VAL D 71 -0.07 39.22 17.42
N THR D 72 0.50 40.32 16.92
CA THR D 72 1.27 41.21 17.79
C THR D 72 0.38 41.80 18.88
N ARG D 73 -0.82 42.27 18.50
CA ARG D 73 -1.75 42.83 19.48
C ARG D 73 -2.14 41.79 20.53
N GLN D 74 -2.49 40.58 20.09
CA GLN D 74 -2.93 39.58 21.05
C GLN D 74 -1.80 39.12 21.96
N MET D 75 -0.58 38.95 21.42
CA MET D 75 0.52 38.55 22.30
C MET D 75 0.81 39.61 23.36
N SER D 76 0.55 40.88 23.06
CA SER D 76 0.72 41.94 24.05
C SER D 76 -0.51 42.16 24.91
N THR D 77 -1.48 41.26 24.83
CA THR D 77 -2.71 41.33 25.63
C THR D 77 -2.87 40.10 26.51
N LEU D 78 -2.94 38.91 25.92
CA LEU D 78 -3.17 37.67 26.66
C LEU D 78 -2.73 36.55 25.75
N GLY D 79 -1.79 35.72 26.20
CA GLY D 79 -1.39 34.53 25.48
C GLY D 79 -2.20 33.31 25.85
N HIS D 80 -1.55 32.16 25.71
CA HIS D 80 -2.18 30.87 26.05
C HIS D 80 -2.76 30.89 27.47
N THR D 81 -3.96 30.34 27.63
CA THR D 81 -4.51 30.19 29.01
C THR D 81 -4.90 28.74 29.31
N SER D 82 -5.25 28.02 28.24
CA SER D 82 -5.87 26.65 28.21
C SER D 82 -7.39 26.80 28.30
N ASN D 83 -8.10 25.69 28.10
CA ASN D 83 -9.59 25.70 28.10
C ASN D 83 -10.20 25.56 29.50
N LEU D 84 -9.39 25.75 30.55
CA LEU D 84 -9.91 25.89 31.93
C LEU D 84 -10.52 27.31 32.07
N TYR D 85 -10.17 28.23 31.17
CA TYR D 85 -10.65 29.62 31.15
C TYR D 85 -11.24 29.95 29.76
N ALA D 86 -12.30 30.74 29.74
CA ALA D 86 -12.86 31.24 28.51
C ALA D 86 -12.11 32.48 28.07
N THR D 87 -11.86 32.62 26.78
CA THR D 87 -11.17 33.78 26.24
C THR D 87 -11.82 34.20 24.92
N GLU D 88 -11.78 35.50 24.64
CA GLU D 88 -12.63 36.04 23.59
C GLU D 88 -12.23 35.60 22.18
N PRO D 89 -10.95 35.56 21.79
CA PRO D 89 -10.67 35.27 20.38
C PRO D 89 -11.24 33.94 19.91
N GLY D 90 -11.07 32.87 20.68
CA GLY D 90 -11.59 31.58 20.26
C GLY D 90 -13.11 31.56 20.22
N ILE D 91 -13.75 32.23 21.17
CA ILE D 91 -15.21 32.31 21.12
C ILE D 91 -15.66 33.08 19.88
N ALA D 92 -15.00 34.20 19.59
CA ALA D 92 -15.38 34.99 18.42
C ALA D 92 -15.11 34.23 17.13
N LEU D 93 -14.00 33.49 17.08
CA LEU D 93 -13.69 32.69 15.90
C LEU D 93 -14.73 31.60 15.69
N ALA D 94 -15.12 30.91 16.76
CA ALA D 94 -16.16 29.89 16.65
C ALA D 94 -17.45 30.50 16.14
N GLU D 95 -17.85 31.66 16.69
CA GLU D 95 -19.04 32.35 16.20
C GLU D 95 -18.95 32.63 14.70
N GLU D 96 -17.79 33.12 14.24
CA GLU D 96 -17.67 33.50 12.84
C GLU D 96 -17.69 32.26 11.94
N LEU D 97 -17.01 31.18 12.36
CA LEU D 97 -17.02 29.97 11.55
C LEU D 97 -18.41 29.37 11.46
N VAL D 98 -19.16 29.38 12.57
CA VAL D 98 -20.52 28.88 12.53
C VAL D 98 -21.38 29.72 11.57
N ALA D 99 -21.18 31.04 11.59
CA ALA D 99 -21.94 31.89 10.67
C ALA D 99 -21.59 31.61 9.22
N LEU D 100 -20.32 31.34 8.94
CA LEU D 100 -19.91 31.04 7.57
C LEU D 100 -20.44 29.68 7.10
N LEU D 101 -20.60 28.72 8.02
CA LEU D 101 -21.15 27.43 7.62
C LEU D 101 -22.62 27.54 7.28
N GLY D 102 -23.36 28.37 8.02
CA GLY D 102 -24.74 28.66 7.67
C GLY D 102 -25.65 27.45 7.73
N ALA D 103 -25.45 26.58 8.71
CA ALA D 103 -26.31 25.41 8.87
C ALA D 103 -27.63 25.83 9.48
N ASP D 104 -28.68 25.05 9.19
CA ASP D 104 -29.99 25.34 9.76
C ASP D 104 -30.19 24.70 11.12
N GLN D 105 -29.14 24.16 11.73
CA GLN D 105 -29.19 23.54 13.04
C GLN D 105 -28.11 24.18 13.91
N ARG D 106 -28.25 24.04 15.23
CA ARG D 106 -27.17 24.47 16.11
C ARG D 106 -25.86 23.78 15.73
N THR D 107 -24.80 24.58 15.68
CA THR D 107 -23.46 24.13 15.35
C THR D 107 -22.53 24.47 16.50
N ARG D 108 -21.65 23.54 16.87
CA ARG D 108 -20.68 23.74 17.93
C ARG D 108 -19.27 23.44 17.43
N VAL D 109 -18.28 24.01 18.11
CA VAL D 109 -16.91 24.07 17.62
C VAL D 109 -15.95 23.47 18.63
N PHE D 110 -15.00 22.67 18.15
CA PHE D 110 -13.84 22.26 18.93
C PHE D 110 -12.58 22.69 18.21
N PHE D 111 -11.66 23.34 18.92
CA PHE D 111 -10.41 23.77 18.31
C PHE D 111 -9.24 22.84 18.66
N CYS D 112 -8.30 22.75 17.72
CA CYS D 112 -7.10 21.95 17.91
C CYS D 112 -6.00 22.60 17.10
N ASN D 113 -4.94 21.85 16.77
CA ASN D 113 -3.74 22.45 16.20
C ASN D 113 -3.43 22.06 14.77
N SER D 114 -4.16 21.13 14.17
CA SER D 114 -3.74 20.58 12.89
C SER D 114 -4.94 19.94 12.23
N GLY D 115 -4.78 19.60 10.95
CA GLY D 115 -5.79 18.83 10.26
C GLY D 115 -5.93 17.41 10.79
N ALA D 116 -4.81 16.75 11.09
CA ALA D 116 -4.91 15.42 11.70
C ALA D 116 -5.67 15.47 13.01
N GLU D 117 -5.38 16.47 13.85
CA GLU D 117 -6.10 16.55 15.12
C GLU D 117 -7.58 16.84 14.91
N ALA D 118 -7.91 17.65 13.90
CA ALA D 118 -9.32 17.92 13.63
C ALA D 118 -10.03 16.64 13.24
N ASN D 119 -9.40 15.82 12.40
CA ASN D 119 -10.05 14.57 12.04
C ASN D 119 -10.00 13.55 13.17
N GLU D 120 -9.02 13.64 14.07
CA GLU D 120 -9.08 12.77 15.24
C GLU D 120 -10.28 13.11 16.10
N ALA D 121 -10.56 14.42 16.26
CA ALA D 121 -11.77 14.82 17.00
C ALA D 121 -13.02 14.25 16.34
N ALA D 122 -13.10 14.34 15.00
CA ALA D 122 -14.25 13.78 14.29
C ALA D 122 -14.31 12.25 14.44
N PHE D 123 -13.15 11.59 14.40
CA PHE D 123 -13.10 10.16 14.64
C PHE D 123 -13.69 9.83 16.01
N LYS D 124 -13.28 10.57 17.01
CA LYS D 124 -13.78 10.33 18.38
C LYS D 124 -15.31 10.62 18.46
N LEU D 125 -15.75 11.71 17.86
CA LEU D 125 -17.20 11.97 17.82
C LEU D 125 -17.90 10.74 17.24
N SER D 126 -17.35 10.18 16.18
CA SER D 126 -17.99 9.01 15.51
C SER D 126 -18.20 7.87 16.51
N ARG D 127 -17.26 7.72 17.44
CA ARG D 127 -17.36 6.57 18.37
C ARG D 127 -18.58 6.79 19.28
N LEU D 128 -18.89 8.04 19.56
CA LEU D 128 -19.93 8.33 20.51
C LEU D 128 -21.32 8.06 19.94
N THR D 129 -21.42 7.75 18.65
CA THR D 129 -22.67 7.29 18.06
C THR D 129 -23.01 5.87 18.48
N GLY D 130 -22.10 5.17 19.13
CA GLY D 130 -22.30 3.78 19.46
C GLY D 130 -21.94 2.83 18.34
N ARG D 131 -21.34 3.34 17.27
CA ARG D 131 -20.96 2.56 16.09
C ARG D 131 -19.47 2.67 15.88
N THR D 132 -18.86 1.65 15.28
CA THR D 132 -17.41 1.62 15.11
C THR D 132 -16.96 1.45 13.67
N LYS D 133 -17.86 1.27 12.71
CA LYS D 133 -17.49 1.14 11.31
C LYS D 133 -17.40 2.51 10.66
N LEU D 134 -16.35 2.74 9.88
CA LEU D 134 -16.10 4.01 9.22
C LEU D 134 -15.87 3.76 7.74
N VAL D 135 -16.21 4.75 6.90
CA VAL D 135 -16.02 4.64 5.46
C VAL D 135 -15.27 5.88 4.97
N ALA D 136 -14.26 5.67 4.13
CA ALA D 136 -13.49 6.74 3.50
C ALA D 136 -13.16 6.31 2.08
N ALA D 137 -12.43 7.16 1.34
CA ALA D 137 -12.18 6.88 -0.08
C ALA D 137 -10.74 6.46 -0.32
N HIS D 138 -10.54 5.53 -1.26
CA HIS D 138 -9.19 5.25 -1.72
C HIS D 138 -8.52 6.54 -2.17
N ASP D 139 -7.25 6.68 -1.77
CA ASP D 139 -6.29 7.75 -2.06
C ASP D 139 -6.58 8.97 -1.16
N ALA D 140 -7.65 8.96 -0.32
CA ALA D 140 -8.00 10.13 0.49
C ALA D 140 -6.84 10.45 1.40
N PHE D 141 -6.70 11.72 1.75
CA PHE D 141 -5.72 12.07 2.77
C PHE D 141 -6.42 12.83 3.88
N HIS D 142 -6.30 12.32 5.11
CA HIS D 142 -6.96 12.91 6.25
C HIS D 142 -5.99 13.17 7.40
N GLY D 143 -4.71 12.90 7.22
CA GLY D 143 -3.75 13.13 8.29
C GLY D 143 -2.94 11.87 8.60
N ARG D 144 -1.96 12.06 9.48
CA ARG D 144 -0.90 11.08 9.70
C ARG D 144 -0.82 10.54 11.12
N THR D 145 -1.63 11.06 12.04
CA THR D 145 -1.72 10.46 13.38
C THR D 145 -2.51 9.15 13.27
N MET D 146 -2.56 8.36 14.34
CA MET D 146 -2.98 6.98 14.13
C MET D 146 -4.44 6.87 13.71
N GLY D 147 -5.33 7.67 14.30
CA GLY D 147 -6.73 7.64 13.90
C GLY D 147 -6.95 8.21 12.51
N SER D 148 -6.38 9.39 12.24
CA SER D 148 -6.55 9.99 10.92
CA SER D 148 -6.55 9.99 10.93
C SER D 148 -5.87 9.16 9.84
N LEU D 149 -4.76 8.49 10.19
CA LEU D 149 -4.08 7.63 9.21
C LEU D 149 -4.94 6.42 8.86
N ALA D 150 -5.76 5.95 9.80
CA ALA D 150 -6.67 4.86 9.46
C ALA D 150 -7.67 5.30 8.40
N LEU D 151 -8.06 6.58 8.44
CA LEU D 151 -9.02 7.10 7.46
C LEU D 151 -8.37 7.42 6.13
N THR D 152 -7.13 7.91 6.17
CA THR D 152 -6.35 8.13 4.96
C THR D 152 -6.33 6.86 4.12
N GLY D 153 -6.56 7.01 2.82
CA GLY D 153 -6.69 5.84 1.96
C GLY D 153 -5.45 5.55 1.15
N GLN D 154 -4.31 5.38 1.83
CA GLN D 154 -3.00 5.29 1.19
C GLN D 154 -2.30 4.09 1.82
N PRO D 155 -2.55 2.88 1.31
CA PRO D 155 -2.05 1.69 2.03
C PRO D 155 -0.55 1.66 2.20
N ALA D 156 0.23 2.16 1.25
CA ALA D 156 1.68 2.10 1.43
C ALA D 156 2.14 2.92 2.62
N LYS D 157 1.36 3.91 3.03
CA LYS D 157 1.75 4.76 4.15
C LYS D 157 1.04 4.36 5.43
N GLN D 158 0.09 3.43 5.34
CA GLN D 158 -0.66 2.89 6.46
C GLN D 158 -0.08 1.59 6.99
N THR D 159 0.16 0.62 6.10
CA THR D 159 0.49 -0.72 6.54
C THR D 159 1.78 -0.83 7.35
N PRO D 160 2.81 0.01 7.18
CA PRO D 160 3.96 -0.07 8.11
C PRO D 160 3.59 0.19 9.54
N PHE D 161 2.46 0.84 9.79
CA PHE D 161 2.03 1.18 11.14
C PHE D 161 0.84 0.34 11.61
N ALA D 162 0.45 -0.69 10.84
CA ALA D 162 -0.65 -1.54 11.25
C ALA D 162 -0.30 -2.31 12.52
N PRO D 163 -1.29 -2.62 13.37
CA PRO D 163 -2.72 -2.33 13.17
C PRO D 163 -3.08 -0.89 13.52
N LEU D 164 -3.95 -0.31 12.70
CA LEU D 164 -4.48 1.01 12.95
C LEU D 164 -5.86 0.91 13.57
N PRO D 165 -6.36 2.01 14.15
CA PRO D 165 -7.72 2.01 14.71
C PRO D 165 -8.73 1.57 13.67
N GLY D 166 -9.73 0.79 14.09
CA GLY D 166 -10.74 0.25 13.20
C GLY D 166 -12.07 0.97 13.33
N ASP D 167 -13.05 0.57 12.50
CA ASP D 167 -12.94 -0.45 11.46
C ASP D 167 -13.28 0.27 10.16
N VAL D 168 -12.28 0.52 9.31
CA VAL D 168 -12.45 1.40 8.14
C VAL D 168 -12.54 0.58 6.88
N THR D 169 -13.55 0.87 6.07
CA THR D 169 -13.68 0.38 4.71
C THR D 169 -13.39 1.52 3.75
N HIS D 170 -12.60 1.25 2.71
CA HIS D 170 -12.34 2.27 1.71
C HIS D 170 -13.04 1.91 0.40
N VAL D 171 -13.59 2.95 -0.25
CA VAL D 171 -14.33 2.81 -1.49
C VAL D 171 -13.76 3.77 -2.53
N GLY D 172 -14.05 3.49 -3.80
CA GLY D 172 -13.60 4.37 -4.86
C GLY D 172 -14.23 5.75 -4.75
N TYR D 173 -13.42 6.81 -4.81
CA TYR D 173 -13.93 8.17 -4.74
C TYR D 173 -14.86 8.47 -5.88
N GLY D 174 -16.01 9.07 -5.57
CA GLY D 174 -16.96 9.45 -6.60
C GLY D 174 -17.93 8.38 -7.03
N ASP D 175 -17.83 7.18 -6.47
CA ASP D 175 -18.61 6.03 -6.93
C ASP D 175 -19.83 5.92 -6.01
N VAL D 176 -21.00 6.34 -6.52
CA VAL D 176 -22.19 6.34 -5.68
C VAL D 176 -22.58 4.92 -5.29
N ASP D 177 -22.59 4.00 -6.25
CA ASP D 177 -23.02 2.64 -5.91
C ASP D 177 -22.11 2.01 -4.88
N ALA D 178 -20.80 2.26 -4.98
CA ALA D 178 -19.86 1.69 -4.01
C ALA D 178 -20.12 2.27 -2.62
N LEU D 179 -20.38 3.56 -2.56
CA LEU D 179 -20.64 4.20 -1.26
C LEU D 179 -21.93 3.67 -0.64
N ALA D 180 -23.00 3.57 -1.45
CA ALA D 180 -24.27 3.05 -0.96
C ALA D 180 -24.11 1.64 -0.43
N ALA D 181 -23.28 0.83 -1.09
CA ALA D 181 -23.11 -0.56 -0.67
C ALA D 181 -22.30 -0.67 0.62
N ALA D 182 -21.42 0.29 0.88
CA ALA D 182 -20.53 0.25 2.03
C ALA D 182 -21.13 0.84 3.29
N VAL D 183 -22.14 1.68 3.18
CA VAL D 183 -22.72 2.35 4.33
C VAL D 183 -23.99 1.63 4.75
N ASP D 184 -24.05 1.26 6.03
CA ASP D 184 -25.24 0.58 6.57
C ASP D 184 -25.53 1.14 7.96
N ASP D 185 -26.48 0.48 8.65
CA ASP D 185 -26.92 0.82 10.01
C ASP D 185 -25.84 0.67 11.05
N HIS D 186 -24.68 0.11 10.71
CA HIS D 186 -23.58 -0.01 11.64
C HIS D 186 -22.48 0.99 11.35
N THR D 187 -22.67 1.88 10.36
CA THR D 187 -21.63 2.82 9.95
C THR D 187 -21.71 4.07 10.82
N ALA D 188 -20.63 4.37 11.55
CA ALA D 188 -20.60 5.57 12.38
C ALA D 188 -20.53 6.83 11.53
N ALA D 189 -19.68 6.82 10.51
CA ALA D 189 -19.41 8.04 9.76
C ALA D 189 -18.78 7.71 8.42
N VAL D 190 -19.01 8.59 7.45
CA VAL D 190 -18.35 8.61 6.16
C VAL D 190 -17.50 9.87 6.13
N PHE D 191 -16.21 9.73 5.83
CA PHE D 191 -15.29 10.86 5.67
C PHE D 191 -15.02 11.07 4.19
N LEU D 192 -15.21 12.31 3.71
CA LEU D 192 -14.88 12.64 2.33
C LEU D 192 -14.24 14.01 2.25
N GLU D 193 -13.22 14.13 1.40
CA GLU D 193 -12.77 15.43 0.93
C GLU D 193 -13.67 15.91 -0.20
N PRO D 194 -14.11 17.18 -0.21
CA PRO D 194 -14.95 17.63 -1.34
C PRO D 194 -14.22 17.65 -2.66
N ILE D 195 -12.91 17.86 -2.59
CA ILE D 195 -11.94 17.58 -3.66
C ILE D 195 -10.73 16.91 -3.04
N MET D 196 -10.30 15.78 -3.59
CA MET D 196 -9.11 15.12 -3.04
C MET D 196 -7.88 15.92 -3.45
N GLY D 197 -7.18 16.50 -2.46
CA GLY D 197 -6.08 17.38 -2.70
C GLY D 197 -4.77 16.63 -2.87
N GLU D 198 -4.33 15.88 -1.85
CA GLU D 198 -3.00 15.28 -1.90
C GLU D 198 -2.93 14.23 -3.01
N SER D 199 -4.08 13.64 -3.38
CA SER D 199 -4.16 12.65 -4.44
C SER D 199 -3.94 13.24 -5.83
N GLY D 200 -4.20 14.53 -6.01
CA GLY D 200 -4.01 15.14 -7.30
C GLY D 200 -5.16 16.03 -7.72
N VAL D 201 -5.77 16.72 -6.76
CA VAL D 201 -6.90 17.62 -7.02
C VAL D 201 -7.97 16.88 -7.79
N VAL D 202 -8.47 15.80 -7.20
CA VAL D 202 -9.45 14.93 -7.81
C VAL D 202 -10.84 15.45 -7.47
N VAL D 203 -11.58 15.87 -8.49
CA VAL D 203 -12.91 16.45 -8.34
C VAL D 203 -13.96 15.36 -8.51
N PRO D 204 -14.92 15.26 -7.61
CA PRO D 204 -15.95 14.22 -7.72
C PRO D 204 -16.95 14.57 -8.80
N PRO D 205 -17.68 13.58 -9.30
CA PRO D 205 -18.77 13.86 -10.25
C PRO D 205 -19.88 14.70 -9.63
N ALA D 206 -20.69 15.27 -10.52
CA ALA D 206 -21.56 16.41 -10.20
C ALA D 206 -22.47 16.20 -9.00
N GLY D 207 -23.06 15.02 -8.84
CA GLY D 207 -23.99 14.91 -7.74
C GLY D 207 -23.53 14.04 -6.56
N TYR D 208 -22.23 13.84 -6.47
CA TYR D 208 -21.72 12.81 -5.58
C TYR D 208 -21.86 13.19 -4.10
N LEU D 209 -21.51 14.43 -3.74
CA LEU D 209 -21.60 14.80 -2.33
C LEU D 209 -23.05 14.80 -1.86
N ALA D 210 -23.98 15.21 -2.73
CA ALA D 210 -25.39 15.13 -2.37
C ALA D 210 -25.82 13.70 -2.18
N ALA D 211 -25.32 12.78 -3.01
CA ALA D 211 -25.62 11.37 -2.82
C ALA D 211 -25.07 10.87 -1.49
N ALA D 212 -23.85 11.28 -1.14
CA ALA D 212 -23.28 10.88 0.13
C ALA D 212 -24.13 11.40 1.29
N ARG D 213 -24.67 12.60 1.15
CA ARG D 213 -25.58 13.13 2.17
C ARG D 213 -26.85 12.29 2.26
N ASP D 214 -27.43 11.90 1.12
CA ASP D 214 -28.65 11.09 1.14
C ASP D 214 -28.40 9.71 1.73
N ILE D 215 -27.27 9.08 1.37
CA ILE D 215 -26.93 7.75 1.87
C ILE D 215 -26.72 7.77 3.38
N THR D 216 -25.89 8.70 3.85
CA THR D 216 -25.62 8.75 5.29
C THR D 216 -26.90 9.08 6.06
N ALA D 217 -27.73 9.97 5.53
CA ALA D 217 -28.97 10.32 6.24
C ALA D 217 -29.86 9.09 6.41
N ARG D 218 -29.94 8.25 5.37
CA ARG D 218 -30.81 7.07 5.41
C ARG D 218 -30.33 6.00 6.38
N ARG D 219 -29.03 5.95 6.64
CA ARG D 219 -28.44 4.94 7.50
C ARG D 219 -28.11 5.44 8.90
N GLY D 220 -28.39 6.71 9.19
CA GLY D 220 -28.01 7.26 10.47
C GLY D 220 -26.53 7.45 10.66
N ALA D 221 -25.78 7.50 9.56
CA ALA D 221 -24.34 7.70 9.62
C ALA D 221 -24.04 9.19 9.55
N LEU D 222 -22.95 9.61 10.20
CA LEU D 222 -22.50 10.99 10.10
C LEU D 222 -21.81 11.18 8.76
N LEU D 223 -22.05 12.33 8.12
CA LEU D 223 -21.26 12.73 6.96
C LEU D 223 -20.25 13.76 7.43
N VAL D 224 -18.97 13.43 7.33
CA VAL D 224 -17.86 14.28 7.75
C VAL D 224 -17.16 14.78 6.49
N LEU D 225 -17.14 16.09 6.28
CA LEU D 225 -16.43 16.64 5.13
C LEU D 225 -15.14 17.28 5.61
N ASP D 226 -14.03 16.83 5.04
CA ASP D 226 -12.69 17.29 5.42
C ASP D 226 -12.37 18.46 4.50
N GLU D 227 -12.46 19.69 5.03
CA GLU D 227 -12.22 20.91 4.28
C GLU D 227 -10.88 21.53 4.67
N VAL D 228 -9.96 20.70 5.20
CA VAL D 228 -8.66 21.22 5.62
C VAL D 228 -7.95 21.90 4.46
N GLN D 229 -8.03 21.31 3.27
CA GLN D 229 -7.36 21.88 2.11
C GLN D 229 -8.30 22.63 1.18
N THR D 230 -9.59 22.28 1.15
CA THR D 230 -10.51 22.91 0.20
C THR D 230 -11.22 24.14 0.76
N GLY D 231 -11.11 24.39 2.07
CA GLY D 231 -11.81 25.49 2.70
C GLY D 231 -11.11 26.84 2.59
N MET D 232 -11.48 27.76 3.49
CA MET D 232 -10.91 29.12 3.54
C MET D 232 -11.11 29.90 2.24
N GLY D 233 -12.20 29.62 1.53
CA GLY D 233 -12.56 30.38 0.36
C GLY D 233 -11.81 30.01 -0.90
N ARG D 234 -10.93 29.01 -0.84
CA ARG D 234 -10.02 28.75 -1.94
C ARG D 234 -10.74 28.38 -3.22
N THR D 235 -11.89 27.70 -3.12
CA THR D 235 -12.60 27.27 -4.33
C THR D 235 -13.64 28.28 -4.81
N GLY D 236 -13.74 29.44 -4.18
CA GLY D 236 -14.75 30.41 -4.60
C GLY D 236 -16.04 30.36 -3.81
N ALA D 237 -16.14 29.46 -2.84
CA ALA D 237 -17.09 29.51 -1.73
C ALA D 237 -16.28 29.31 -0.47
N PHE D 238 -16.80 29.76 0.69
CA PHE D 238 -15.96 29.61 1.87
C PHE D 238 -15.63 28.13 2.12
N PHE D 239 -16.65 27.28 2.11
CA PHE D 239 -16.47 25.84 2.16
C PHE D 239 -16.74 25.29 0.78
N ALA D 240 -15.89 24.38 0.29
CA ALA D 240 -16.11 23.86 -1.06
C ALA D 240 -17.42 23.10 -1.16
N HIS D 241 -17.87 22.47 -0.08
CA HIS D 241 -19.13 21.73 -0.18
C HIS D 241 -20.33 22.65 -0.37
N GLN D 242 -20.17 23.96 -0.15
CA GLN D 242 -21.29 24.86 -0.32
C GLN D 242 -21.66 25.00 -1.80
N HIS D 243 -20.74 24.64 -2.71
CA HIS D 243 -21.09 24.64 -4.13
C HIS D 243 -22.17 23.61 -4.46
N ASP D 244 -22.29 22.57 -3.63
CA ASP D 244 -23.23 21.48 -3.87
C ASP D 244 -24.49 21.60 -3.04
N GLY D 245 -24.61 22.65 -2.22
CA GLY D 245 -25.86 22.92 -1.52
C GLY D 245 -26.24 21.87 -0.51
N ILE D 246 -25.26 21.23 0.13
CA ILE D 246 -25.54 20.28 1.20
C ILE D 246 -24.94 20.84 2.47
N THR D 247 -25.37 20.29 3.60
CA THR D 247 -24.70 20.59 4.87
C THR D 247 -24.38 19.25 5.52
N PRO D 248 -23.13 18.97 5.79
CA PRO D 248 -22.75 17.71 6.41
C PRO D 248 -23.03 17.78 7.91
N ASP D 249 -22.75 16.70 8.59
CA ASP D 249 -22.87 16.68 10.05
C ASP D 249 -21.64 17.21 10.76
N VAL D 250 -20.47 17.04 10.15
CA VAL D 250 -19.20 17.45 10.75
C VAL D 250 -18.35 18.03 9.62
N VAL D 251 -17.62 19.11 9.92
CA VAL D 251 -16.67 19.71 8.99
C VAL D 251 -15.36 19.92 9.71
N THR D 252 -14.25 19.56 9.07
CA THR D 252 -12.96 19.82 9.67
C THR D 252 -12.18 20.83 8.83
N LEU D 253 -11.41 21.66 9.54
CA LEU D 253 -10.66 22.75 8.96
C LEU D 253 -9.27 22.77 9.58
N ALA D 254 -8.29 23.21 8.80
CA ALA D 254 -6.95 23.55 9.31
C ALA D 254 -6.20 24.23 8.17
N GLY D 256 -4.98 26.57 5.95
CA GLY D 256 -5.10 28.01 5.86
C GLY D 256 -5.89 28.76 6.93
N LEU D 257 -6.51 28.02 7.87
CA LEU D 257 -7.40 28.65 8.84
C LEU D 257 -6.73 29.78 9.60
N GLY D 258 -5.45 29.62 9.93
CA GLY D 258 -4.71 30.59 10.70
C GLY D 258 -3.77 31.43 9.87
N GLY D 259 -3.88 31.39 8.55
CA GLY D 259 -2.99 32.15 7.71
C GLY D 259 -1.53 31.76 7.85
N GLY D 260 -1.25 30.59 8.42
CA GLY D 260 0.12 30.20 8.71
C GLY D 260 0.32 29.81 10.17
N LEU D 261 -0.48 30.41 11.07
CA LEU D 261 -0.36 30.03 12.48
C LEU D 261 -1.05 28.68 12.68
N PRO D 262 -0.54 27.81 13.56
CA PRO D 262 -1.12 26.46 13.65
C PRO D 262 -2.45 26.46 14.40
N ILE D 263 -3.50 26.07 13.68
CA ILE D 263 -4.84 25.98 14.25
C ILE D 263 -5.67 25.08 13.35
N GLY D 264 -6.51 24.26 13.98
CA GLY D 264 -7.51 23.47 13.28
C GLY D 264 -8.83 23.53 14.02
N ALA D 265 -9.89 23.05 13.36
CA ALA D 265 -11.21 23.13 13.99
C ALA D 265 -12.07 21.98 13.53
N CYS D 266 -12.93 21.52 14.43
CA CYS D 266 -13.95 20.53 14.11
C CYS D 266 -15.30 21.16 14.41
N LEU D 267 -16.13 21.33 13.38
CA LEU D 267 -17.47 21.89 13.54
C LEU D 267 -18.45 20.74 13.44
N ALA D 268 -19.43 20.69 14.35
CA ALA D 268 -20.42 19.63 14.29
C ALA D 268 -21.81 20.25 14.35
N VAL D 269 -22.74 19.66 13.60
CA VAL D 269 -24.06 20.25 13.34
C VAL D 269 -25.13 19.34 13.91
N GLY D 270 -26.14 19.93 14.55
CA GLY D 270 -27.27 19.16 15.01
C GLY D 270 -26.92 18.23 16.15
N PRO D 271 -27.49 17.01 16.14
CA PRO D 271 -27.20 16.08 17.24
C PRO D 271 -25.72 15.77 17.41
N ALA D 272 -24.96 15.76 16.31
CA ALA D 272 -23.52 15.52 16.40
C ALA D 272 -22.83 16.55 17.28
N ALA D 273 -23.40 17.75 17.38
CA ALA D 273 -22.76 18.81 18.16
C ALA D 273 -22.85 18.54 19.66
N GLU D 274 -23.72 17.63 20.08
CA GLU D 274 -23.95 17.37 21.49
C GLU D 274 -23.21 16.12 21.98
N LEU D 275 -22.52 15.40 21.08
CA LEU D 275 -21.95 14.11 21.45
C LEU D 275 -20.82 14.25 22.46
N LEU D 276 -19.96 15.25 22.28
CA LEU D 276 -18.85 15.43 23.22
C LEU D 276 -19.35 16.13 24.46
N THR D 277 -19.23 15.45 25.59
CA THR D 277 -19.62 15.91 26.90
C THR D 277 -18.38 16.13 27.76
N PRO D 278 -18.51 16.77 28.92
CA PRO D 278 -17.31 17.22 29.63
C PRO D 278 -16.37 16.07 29.99
N GLY D 279 -15.09 16.27 29.70
CA GLY D 279 -14.04 15.32 30.02
C GLY D 279 -13.74 14.32 28.92
N LEU D 280 -14.50 14.33 27.82
CA LEU D 280 -14.32 13.31 26.79
C LEU D 280 -13.25 13.65 25.76
N HIS D 281 -12.84 14.92 25.64
CA HIS D 281 -11.81 15.26 24.66
C HIS D 281 -11.20 16.60 25.03
N GLY D 282 -10.02 16.87 24.49
CA GLY D 282 -9.38 18.16 24.73
C GLY D 282 -8.03 18.21 24.03
N SER D 283 -7.47 19.43 24.01
CA SER D 283 -6.15 19.70 23.45
C SER D 283 -5.60 20.93 24.16
N THR D 284 -4.39 20.80 24.73
CA THR D 284 -3.87 21.89 25.57
C THR D 284 -3.89 23.24 24.85
N PHE D 285 -3.35 23.29 23.64
CA PHE D 285 -3.23 24.55 22.91
C PHE D 285 -4.50 24.94 22.18
N GLY D 286 -5.51 24.09 22.19
CA GLY D 286 -6.67 24.33 21.34
C GLY D 286 -7.37 25.64 21.64
N GLY D 287 -7.61 26.44 20.61
CA GLY D 287 -8.35 27.68 20.77
C GLY D 287 -7.58 28.79 21.45
N ASN D 288 -6.26 28.71 21.47
CA ASN D 288 -5.51 29.70 22.21
C ASN D 288 -5.65 31.08 21.55
N PRO D 289 -5.54 32.14 22.34
CA PRO D 289 -5.88 33.48 21.83
C PRO D 289 -5.04 33.93 20.65
N VAL D 290 -3.75 33.60 20.62
CA VAL D 290 -2.89 34.13 19.56
C VAL D 290 -3.25 33.51 18.22
N CYS D 291 -3.36 32.18 18.18
CA CYS D 291 -3.72 31.53 16.92
C CYS D 291 -5.14 31.87 16.51
N ALA D 292 -6.06 31.97 17.46
CA ALA D 292 -7.42 32.35 17.10
C ALA D 292 -7.48 33.80 16.59
N ALA D 293 -6.66 34.69 17.16
CA ALA D 293 -6.60 36.06 16.65
C ALA D 293 -6.15 36.10 15.21
N ALA D 294 -5.15 35.27 14.87
CA ALA D 294 -4.66 35.19 13.50
C ALA D 294 -5.77 34.73 12.56
N ALA D 295 -6.50 33.69 12.98
CA ALA D 295 -7.59 33.16 12.16
C ALA D 295 -8.68 34.21 11.96
N LEU D 296 -9.04 34.93 13.03
CA LEU D 296 -10.02 36.00 12.90
C LEU D 296 -9.58 37.04 11.88
N ALA D 297 -8.29 37.38 11.89
CA ALA D 297 -7.78 38.34 10.93
C ALA D 297 -7.91 37.81 9.51
N VAL D 298 -7.59 36.52 9.31
CA VAL D 298 -7.75 35.92 7.98
C VAL D 298 -9.19 36.05 7.50
N LEU D 299 -10.16 35.71 8.37
CA LEU D 299 -11.56 35.83 7.97
C LEU D 299 -11.92 37.28 7.63
N ARG D 300 -11.40 38.25 8.40
CA ARG D 300 -11.73 39.65 8.11
C ARG D 300 -11.19 40.06 6.76
N VAL D 301 -9.98 39.62 6.41
CA VAL D 301 -9.37 40.03 5.15
C VAL D 301 -10.04 39.33 3.99
N LEU D 302 -10.36 38.05 4.14
CA LEU D 302 -11.12 37.35 3.09
C LEU D 302 -12.36 38.15 2.72
N ALA D 303 -13.06 38.68 3.72
CA ALA D 303 -14.30 39.42 3.45
C ALA D 303 -14.01 40.83 2.92
N SER D 304 -13.13 41.56 3.60
CA SER D 304 -12.90 42.96 3.26
C SER D 304 -12.24 43.13 1.90
N ASP D 305 -11.41 42.18 1.48
CA ASP D 305 -10.74 42.25 0.19
C ASP D 305 -11.40 41.40 -0.88
N GLY D 306 -12.54 40.77 -0.57
CA GLY D 306 -13.27 40.03 -1.61
C GLY D 306 -12.50 38.86 -2.17
N LEU D 307 -11.75 38.16 -1.33
CA LEU D 307 -10.80 37.17 -1.85
C LEU D 307 -11.47 35.86 -2.25
N VAL D 308 -12.66 35.56 -1.73
CA VAL D 308 -13.35 34.35 -2.16
C VAL D 308 -13.76 34.46 -3.62
N ARG D 309 -14.37 35.59 -4.01
CA ARG D 309 -14.70 35.77 -5.41
C ARG D 309 -13.44 36.01 -6.24
N ARG D 310 -12.38 36.58 -5.65
CA ARG D 310 -11.13 36.71 -6.39
C ARG D 310 -10.55 35.33 -6.72
N ALA D 311 -10.68 34.37 -5.80
CA ALA D 311 -10.18 33.03 -6.07
C ALA D 311 -10.93 32.37 -7.23
N GLU D 312 -12.25 32.56 -7.28
CA GLU D 312 -13.03 32.07 -8.41
C GLU D 312 -12.53 32.65 -9.73
N VAL D 313 -12.35 33.97 -9.78
CA VAL D 313 -11.98 34.64 -11.03
C VAL D 313 -10.57 34.27 -11.45
N LEU D 314 -9.62 34.33 -10.52
CA LEU D 314 -8.23 33.99 -10.86
C LEU D 314 -8.10 32.52 -11.23
N GLY D 315 -8.83 31.65 -10.54
CA GLY D 315 -8.79 30.24 -10.89
C GLY D 315 -9.30 29.97 -12.28
N LYS D 316 -10.36 30.68 -12.68
CA LYS D 316 -10.91 30.49 -14.02
C LYS D 316 -9.94 30.96 -15.09
N SER D 317 -9.36 32.15 -14.91
CA SER D 317 -8.44 32.66 -15.93
C SER D 317 -7.17 31.81 -15.97
N LEU D 318 -6.73 31.32 -14.82
CA LEU D 318 -5.54 30.47 -14.80
C LEU D 318 -5.81 29.15 -15.52
N ARG D 319 -6.95 28.52 -15.21
CA ARG D 319 -7.34 27.29 -15.89
C ARG D 319 -7.44 27.48 -17.39
N HIS D 320 -8.15 28.53 -17.85
CA HIS D 320 -8.27 28.73 -19.29
C HIS D 320 -6.92 29.02 -19.93
N GLY D 321 -6.06 29.79 -19.26
CA GLY D 321 -4.77 30.11 -19.84
C GLY D 321 -3.88 28.90 -20.01
N ILE D 322 -3.89 28.01 -19.01
CA ILE D 322 -3.12 26.77 -19.15
C ILE D 322 -3.70 25.92 -20.27
N GLU D 323 -5.02 25.83 -20.35
CA GLU D 323 -5.64 25.03 -21.39
C GLU D 323 -5.39 25.63 -22.76
N ALA D 324 -5.30 26.96 -22.85
CA ALA D 324 -5.07 27.62 -24.14
C ALA D 324 -3.66 27.40 -24.68
N LEU D 325 -2.71 26.93 -23.85
CA LEU D 325 -1.37 26.65 -24.37
C LEU D 325 -1.39 25.57 -25.44
N GLY D 326 -2.35 24.64 -25.36
CA GLY D 326 -2.36 23.50 -26.26
C GLY D 326 -1.08 22.70 -26.20
N HIS D 327 -0.47 22.62 -25.03
CA HIS D 327 0.78 21.88 -24.93
C HIS D 327 0.49 20.38 -24.92
N PRO D 328 1.25 19.58 -25.67
CA PRO D 328 0.91 18.15 -25.77
C PRO D 328 1.08 17.36 -24.48
N LEU D 329 1.79 17.87 -23.47
CA LEU D 329 1.95 17.15 -22.22
C LEU D 329 0.80 17.41 -21.24
N ILE D 330 -0.06 18.38 -21.52
CA ILE D 330 -1.16 18.73 -20.64
C ILE D 330 -2.41 18.02 -21.12
N ASP D 331 -2.91 17.09 -20.31
CA ASP D 331 -4.21 16.47 -20.59
C ASP D 331 -5.36 17.44 -20.34
N HIS D 332 -5.54 17.85 -19.08
CA HIS D 332 -6.57 18.80 -18.72
C HIS D 332 -6.15 19.53 -17.44
N VAL D 333 -6.93 20.56 -17.09
CA VAL D 333 -6.81 21.24 -15.80
C VAL D 333 -8.09 20.97 -15.02
N ARG D 334 -7.96 20.64 -13.74
CA ARG D 334 -9.13 20.35 -12.94
C ARG D 334 -8.99 21.04 -11.59
N GLY D 335 -10.11 21.15 -10.88
CA GLY D 335 -10.16 21.82 -9.59
C GLY D 335 -11.22 22.88 -9.59
N ARG D 336 -11.20 23.74 -8.58
CA ARG D 336 -12.09 24.91 -8.54
C ARG D 336 -11.34 26.04 -7.88
N GLY D 337 -11.60 27.26 -8.33
CA GLY D 337 -10.91 28.39 -7.74
C GLY D 337 -9.41 28.21 -7.82
N LEU D 338 -8.75 28.50 -6.69
CA LEU D 338 -7.29 28.43 -6.63
C LEU D 338 -6.82 27.14 -5.94
N LEU D 339 -7.54 26.04 -6.16
CA LEU D 339 -7.01 24.69 -5.94
C LEU D 339 -7.08 24.01 -7.30
N LEU D 340 -5.93 23.83 -7.94
CA LEU D 340 -5.94 23.37 -9.33
C LEU D 340 -4.94 22.24 -9.50
N GLY D 341 -5.30 21.29 -10.34
CA GLY D 341 -4.36 20.27 -10.76
C GLY D 341 -4.15 20.30 -12.26
N ILE D 342 -2.89 20.31 -12.69
CA ILE D 342 -2.56 20.18 -14.11
C ILE D 342 -2.29 18.71 -14.35
N ALA D 343 -3.23 18.04 -15.01
CA ALA D 343 -3.08 16.62 -15.28
C ALA D 343 -2.28 16.43 -16.56
N LEU D 344 -1.25 15.60 -16.48
CA LEU D 344 -0.29 15.43 -17.56
C LEU D 344 -0.58 14.16 -18.34
N THR D 345 -0.19 14.14 -19.60
CA THR D 345 -0.36 12.95 -20.43
C THR D 345 0.68 11.88 -20.15
N ALA D 346 1.71 12.19 -19.36
CA ALA D 346 2.77 11.26 -19.04
C ALA D 346 3.27 11.61 -17.65
N PRO D 347 3.91 10.67 -16.95
CA PRO D 347 4.30 10.93 -15.53
C PRO D 347 5.59 11.74 -15.39
N HIS D 348 5.51 13.02 -15.73
CA HIS D 348 6.65 13.93 -15.66
C HIS D 348 6.47 15.03 -14.62
N ALA D 349 5.54 14.85 -13.68
CA ALA D 349 5.22 15.92 -12.75
C ALA D 349 6.38 16.22 -11.81
N LYS D 350 7.11 15.19 -11.37
CA LYS D 350 8.21 15.47 -10.43
C LYS D 350 9.34 16.20 -11.12
N ASP D 351 9.66 15.83 -12.37
CA ASP D 351 10.65 16.59 -13.12
C ASP D 351 10.16 18.01 -13.42
N ALA D 352 8.86 18.16 -13.72
CA ALA D 352 8.30 19.50 -13.94
C ALA D 352 8.33 20.34 -12.67
N GLU D 353 8.16 19.72 -11.50
CA GLU D 353 8.27 20.48 -10.27
C GLU D 353 9.68 21.06 -10.14
N ALA D 354 10.69 20.27 -10.52
CA ALA D 354 12.07 20.74 -10.46
C ALA D 354 12.36 21.81 -11.51
N THR D 355 11.93 21.60 -12.76
CA THR D 355 12.15 22.62 -13.78
C THR D 355 11.33 23.89 -13.51
N ALA D 356 10.13 23.74 -12.92
CA ALA D 356 9.39 24.94 -12.53
C ALA D 356 10.15 25.72 -11.47
N ARG D 357 10.71 25.02 -10.49
CA ARG D 357 11.49 25.69 -9.45
C ARG D 357 12.68 26.44 -10.06
N ASP D 358 13.40 25.79 -10.99
CA ASP D 358 14.46 26.48 -11.72
C ASP D 358 13.96 27.74 -12.40
N ALA D 359 12.74 27.70 -12.95
CA ALA D 359 12.18 28.84 -13.67
C ALA D 359 11.64 29.91 -12.73
N GLY D 360 11.66 29.67 -11.43
CA GLY D 360 11.19 30.62 -10.45
C GLY D 360 9.76 30.44 -9.97
N TYR D 361 9.23 29.22 -10.01
CA TYR D 361 7.85 28.95 -9.62
C TYR D 361 7.81 27.72 -8.72
N LEU D 362 7.13 27.85 -7.56
CA LEU D 362 6.98 26.74 -6.62
C LEU D 362 5.65 26.05 -6.87
N VAL D 363 5.70 24.79 -7.29
CA VAL D 363 4.51 23.99 -7.53
C VAL D 363 4.75 22.64 -6.84
N ASN D 364 3.78 21.73 -6.96
CA ASN D 364 3.83 20.45 -6.25
C ASN D 364 3.52 19.29 -7.19
N ALA D 365 4.39 18.29 -7.22
CA ALA D 365 4.05 17.06 -7.94
C ALA D 365 3.23 16.21 -6.98
N ALA D 366 1.90 16.38 -7.04
CA ALA D 366 1.02 15.67 -6.13
C ALA D 366 0.90 14.20 -6.49
N ALA D 367 0.98 13.89 -7.77
CA ALA D 367 0.98 12.54 -8.28
C ALA D 367 2.02 12.51 -9.40
N PRO D 368 2.47 11.33 -9.80
CA PRO D 368 3.47 11.29 -10.89
C PRO D 368 3.04 12.03 -12.14
N ASP D 369 1.73 12.19 -12.38
CA ASP D 369 1.23 12.90 -13.55
C ASP D 369 0.32 14.08 -13.21
N VAL D 370 0.43 14.66 -12.02
CA VAL D 370 -0.38 15.83 -11.68
C VAL D 370 0.47 16.87 -10.96
N ILE D 371 0.43 18.10 -11.46
CA ILE D 371 1.02 19.26 -10.78
C ILE D 371 -0.08 19.99 -10.02
N ARG D 372 0.07 20.09 -8.71
CA ARG D 372 -0.92 20.75 -7.87
C ARG D 372 -0.48 22.19 -7.63
N LEU D 373 -1.42 23.12 -7.79
CA LEU D 373 -1.27 24.53 -7.46
C LEU D 373 -2.25 24.90 -6.34
N ALA D 374 -1.75 25.67 -5.37
CA ALA D 374 -2.62 26.26 -4.34
C ALA D 374 -2.06 27.62 -3.94
N PRO D 375 -2.13 28.60 -4.84
CA PRO D 375 -1.45 29.87 -4.59
C PRO D 375 -2.14 30.65 -3.49
N PRO D 376 -1.43 31.58 -2.86
CA PRO D 376 -2.11 32.57 -2.01
C PRO D 376 -3.22 33.28 -2.76
N LEU D 377 -4.30 33.56 -2.04
CA LEU D 377 -5.46 34.20 -2.67
C LEU D 377 -5.15 35.65 -3.05
N ILE D 378 -4.05 36.17 -2.54
CA ILE D 378 -3.63 37.58 -2.81
C ILE D 378 -2.68 37.60 -4.01
N ILE D 379 -2.46 36.47 -4.67
CA ILE D 379 -1.48 36.49 -5.74
C ILE D 379 -1.98 37.41 -6.84
N ALA D 380 -1.05 38.05 -7.54
CA ALA D 380 -1.41 38.92 -8.65
C ALA D 380 -1.71 38.11 -9.90
N GLU D 381 -2.67 38.59 -10.70
CA GLU D 381 -2.91 37.91 -11.97
C GLU D 381 -1.64 37.92 -12.83
N ALA D 382 -0.84 38.99 -12.73
CA ALA D 382 0.39 39.07 -13.51
C ALA D 382 1.37 37.98 -13.11
N GLN D 383 1.37 37.59 -11.83
CA GLN D 383 2.25 36.49 -11.43
C GLN D 383 1.76 35.17 -11.99
N LEU D 384 0.44 34.96 -12.02
CA LEU D 384 -0.09 33.76 -12.65
C LEU D 384 0.15 33.75 -14.15
N ASP D 385 0.00 34.90 -14.82
CA ASP D 385 0.27 34.95 -16.26
C ASP D 385 1.70 34.56 -16.57
N GLY D 386 2.65 35.01 -15.75
CA GLY D 386 4.04 34.64 -15.97
C GLY D 386 4.26 33.15 -15.90
N PHE D 387 3.62 32.49 -14.92
CA PHE D 387 3.71 31.04 -14.83
C PHE D 387 3.16 30.37 -16.09
N VAL D 388 1.98 30.79 -16.53
CA VAL D 388 1.38 30.17 -17.71
C VAL D 388 2.30 30.32 -18.90
N ALA D 389 2.94 31.49 -19.06
CA ALA D 389 3.76 31.70 -20.24
C ALA D 389 5.04 30.89 -20.18
N ALA D 390 5.53 30.63 -18.96
CA ALA D 390 6.74 29.84 -18.75
C ALA D 390 6.47 28.35 -18.79
N LEU D 391 5.21 27.94 -18.71
CA LEU D 391 4.90 26.52 -18.52
C LEU D 391 5.26 25.65 -19.73
N PRO D 392 5.07 26.07 -20.98
CA PRO D 392 5.54 25.21 -22.09
C PRO D 392 7.01 24.86 -21.98
N ALA D 393 7.88 25.82 -21.68
CA ALA D 393 9.31 25.52 -21.55
C ALA D 393 9.60 24.67 -20.31
N ILE D 394 8.88 24.94 -19.22
CA ILE D 394 9.03 24.11 -18.02
C ILE D 394 8.74 22.65 -18.35
N LEU D 395 7.67 22.41 -19.11
CA LEU D 395 7.30 21.04 -19.43
C LEU D 395 8.26 20.43 -20.45
N ASP D 396 8.72 21.25 -21.40
CA ASP D 396 9.64 20.74 -22.42
C ASP D 396 10.95 20.30 -21.78
N ARG D 397 11.45 21.07 -20.82
CA ARG D 397 12.67 20.68 -20.11
C ARG D 397 12.46 19.45 -19.26
N ALA D 398 11.26 19.28 -18.70
CA ALA D 398 10.98 18.12 -17.86
C ALA D 398 11.07 16.82 -18.65
N VAL D 399 10.73 16.83 -19.93
CA VAL D 399 10.88 15.61 -20.75
C VAL D 399 12.18 15.68 -21.53
#